data_7SQ7
#
_entry.id   7SQ7
#
_cell.length_a   1.00
_cell.length_b   1.00
_cell.length_c   1.00
_cell.angle_alpha   90.00
_cell.angle_beta   90.00
_cell.angle_gamma   90.00
#
_symmetry.space_group_name_H-M   'P 1'
#
loop_
_entity.id
_entity.type
_entity.pdbx_description
1 polymer Mucolipin-1
2 branched 2-acetamido-2-deoxy-beta-D-glucopyranose-(1-4)-2-acetamido-2-deoxy-beta-D-glucopyranose
3 non-polymer '(2R)-3-{[(S)-hydroxy{[(1S,2R,3R,4S,5S,6R)-2,4,6-trihydroxy-3,5-bis(phosphonooxy)cyclohexyl]oxy}phosphoryl]oxy}propane-1,2-diyl dioctanoate'
4 non-polymer 'SODIUM ION'
5 water water
#
_entity_poly.entity_id   1
_entity_poly.type   'polypeptide(L)'
_entity_poly.pdbx_seq_one_letter_code
;MATPAGRRASETERLLTPNPGYGTQVGTSPAPTTPTEEEDLRRRLKYFFMSPCDKFRAKGRKPCKLMLQVVKILVVTVQL
ILFGLSNQLVVTFREENTIAFRHLFLLGYSDGSDDTFAAYTQEQLYQAIFYAVDQYLILPEISLGRYAYVRGGGGPWANG
SALALCQRYYHRGHVDPANDTFDIDPRVVTDCIQVDPPDRPPDIPSEDLDFLDGSASYKNLTLKFHKLINVTIHFQLKTI
NLQSLINNEIPDCYTFSILITFDNKAHSGRIPIRLETKTHIQECKHPSVSRHGDNSFRLLFDVVVILTCSLSFLLCARSL
LRGFLLQNEFVVFMWRRRGREISLWERLEFVNGWYILLVTSDVLTISGTVMKIGIEAKNLASYDVCSILLGTSTLLVWVG
VIRYLTFFHKYNILIATLRVALPSVMRFCCCVAVIYLGYCFCGWIVLGPYHVKFRSLSMVSECLFSLINGDDMFVTFAAM
QAQQGHSSLVWLFSQLYLYSFISLFIYMVLSLFIALITGAYDTIKHPGGTGTEKSELQAYIEQCQDSPTSGKFRRGSGSA
CSLFCCCGRDSPEDHSLLVN
;
_entity_poly.pdbx_strand_id   A,B,C,D
#
loop_
_chem_comp.id
_chem_comp.type
_chem_comp.name
_chem_comp.formula
EUJ non-polymer '(2R)-3-{[(S)-hydroxy{[(1S,2R,3R,4S,5S,6R)-2,4,6-trihydroxy-3,5-bis(phosphonooxy)cyclohexyl]oxy}phosphoryl]oxy}propane-1,2-diyl dioctanoate' 'C25 H49 O19 P3'
NA non-polymer 'SODIUM ION' 'Na 1'
NAG D-saccharide, beta linking 2-acetamido-2-deoxy-beta-D-glucopyranose 'C8 H15 N O6'
#
# COMPACT_ATOMS: atom_id res chain seq x y z
N ASP A 40 15.01 50.54 -41.65
CA ASP A 40 15.56 50.25 -40.34
C ASP A 40 15.60 48.75 -40.07
N LEU A 41 15.49 48.38 -38.80
CA LEU A 41 15.48 46.98 -38.38
C LEU A 41 14.19 46.54 -37.72
N ARG A 42 13.31 47.47 -37.34
CA ARG A 42 12.05 47.08 -36.73
C ARG A 42 11.29 46.09 -37.61
N ARG A 43 11.47 46.18 -38.92
CA ARG A 43 10.91 45.16 -39.80
C ARG A 43 11.61 43.82 -39.59
N ARG A 44 12.93 43.83 -39.44
CA ARG A 44 13.65 42.59 -39.15
C ARG A 44 13.22 42.01 -37.82
N LEU A 45 13.27 42.82 -36.76
CA LEU A 45 12.87 42.35 -35.45
C LEU A 45 11.38 42.03 -35.38
N LYS A 46 10.59 42.48 -36.34
CA LYS A 46 9.17 42.12 -36.37
C LYS A 46 8.99 40.68 -36.86
N TYR A 47 9.74 40.30 -37.91
CA TYR A 47 9.70 38.89 -38.40
C TYR A 47 10.18 37.99 -37.28
N PHE A 48 11.37 38.28 -36.74
CA PHE A 48 11.77 37.63 -35.51
C PHE A 48 10.74 37.91 -34.44
N PHE A 49 10.53 36.97 -33.50
CA PHE A 49 9.52 37.10 -32.41
C PHE A 49 8.09 37.06 -32.95
N MET A 50 7.90 36.48 -34.14
CA MET A 50 6.52 36.32 -34.70
C MET A 50 6.11 34.85 -34.62
N SER A 51 4.80 34.58 -34.66
CA SER A 51 4.32 33.20 -34.68
C SER A 51 4.64 32.56 -36.02
N PRO A 52 4.89 31.26 -36.05
CA PRO A 52 5.14 30.58 -37.34
C PRO A 52 4.01 30.75 -38.33
N CYS A 53 2.75 30.74 -37.87
CA CYS A 53 1.63 30.94 -38.78
C CYS A 53 1.72 32.32 -39.44
N ASP A 54 2.01 33.34 -38.65
CA ASP A 54 2.22 34.67 -39.23
C ASP A 54 3.41 34.70 -40.17
N LYS A 55 4.49 34.01 -39.79
CA LYS A 55 5.69 33.97 -40.63
C LYS A 55 5.40 33.44 -42.02
N PHE A 56 4.33 32.63 -42.17
CA PHE A 56 4.00 31.99 -43.47
C PHE A 56 3.30 32.98 -44.40
N ARG A 57 2.69 34.04 -43.87
CA ARG A 57 2.09 35.07 -44.70
C ARG A 57 3.14 36.07 -45.18
N ALA A 58 4.08 36.41 -44.30
CA ALA A 58 5.18 37.31 -44.70
C ALA A 58 6.27 36.50 -45.42
N LYS A 59 6.47 36.71 -46.72
CA LYS A 59 7.54 36.04 -47.52
C LYS A 59 7.16 34.58 -47.84
N GLY A 60 6.06 34.09 -47.27
CA GLY A 60 5.58 32.71 -47.57
C GLY A 60 6.67 31.66 -47.42
N ARG A 61 7.45 31.73 -46.33
CA ARG A 61 8.53 30.74 -46.10
C ARG A 61 7.92 29.41 -45.66
N LYS A 62 8.27 28.33 -46.37
CA LYS A 62 7.74 27.02 -46.04
C LYS A 62 8.13 26.63 -44.61
N PRO A 63 7.24 26.02 -43.84
CA PRO A 63 7.65 25.52 -42.52
C PRO A 63 8.52 24.29 -42.65
N CYS A 64 9.83 24.45 -42.45
CA CYS A 64 10.78 23.36 -42.63
C CYS A 64 11.22 22.75 -41.31
N LYS A 65 11.60 23.58 -40.34
CA LYS A 65 11.90 23.05 -39.01
C LYS A 65 10.67 22.41 -38.37
N LEU A 66 9.51 23.03 -38.55
CA LEU A 66 8.30 22.51 -37.91
C LEU A 66 7.99 21.10 -38.40
N MET A 67 8.16 20.86 -39.71
CA MET A 67 7.85 19.53 -40.27
C MET A 67 8.99 18.55 -39.94
N LEU A 68 10.23 19.03 -39.84
CA LEU A 68 11.34 18.16 -39.47
C LEU A 68 11.27 17.77 -37.99
N GLN A 69 10.75 18.66 -37.15
CA GLN A 69 10.57 18.30 -35.75
C GLN A 69 9.52 17.20 -35.60
N VAL A 70 8.42 17.29 -36.34
CA VAL A 70 7.39 16.27 -36.25
C VAL A 70 7.88 14.94 -36.80
N VAL A 71 8.68 14.98 -37.86
CA VAL A 71 9.33 13.77 -38.35
C VAL A 71 10.27 13.22 -37.29
N LYS A 72 11.05 14.09 -36.67
CA LYS A 72 12.04 13.65 -35.69
C LYS A 72 11.39 13.04 -34.46
N ILE A 73 10.25 13.59 -34.01
CA ILE A 73 9.54 12.98 -32.90
C ILE A 73 9.15 11.54 -33.24
N LEU A 74 8.77 11.33 -34.50
CA LEU A 74 8.29 9.97 -34.89
C LEU A 74 9.44 8.98 -34.97
N VAL A 75 10.62 9.38 -35.46
CA VAL A 75 11.70 8.41 -35.68
C VAL A 75 12.41 8.07 -34.38
N VAL A 76 12.66 9.07 -33.52
CA VAL A 76 13.34 8.76 -32.26
C VAL A 76 12.43 7.95 -31.36
N THR A 77 11.12 8.16 -31.42
CA THR A 77 10.20 7.38 -30.61
C THR A 77 10.14 5.93 -31.08
N VAL A 78 10.11 5.72 -32.39
CA VAL A 78 10.10 4.36 -32.93
C VAL A 78 11.45 3.69 -32.68
N GLN A 79 12.54 4.43 -32.78
CA GLN A 79 13.86 3.87 -32.51
C GLN A 79 13.97 3.39 -31.08
N LEU A 80 13.49 4.19 -30.12
CA LEU A 80 13.52 3.79 -28.72
C LEU A 80 12.65 2.56 -28.47
N ILE A 81 11.48 2.50 -29.09
CA ILE A 81 10.61 1.35 -28.91
C ILE A 81 11.29 0.10 -29.44
N LEU A 82 11.94 0.19 -30.59
CA LEU A 82 12.67 -0.95 -31.12
C LEU A 82 13.82 -1.35 -30.20
N PHE A 83 14.56 -0.37 -29.70
CA PHE A 83 15.63 -0.66 -28.75
C PHE A 83 15.08 -1.37 -27.52
N GLY A 84 13.97 -0.87 -26.98
CA GLY A 84 13.43 -1.43 -25.75
C GLY A 84 12.89 -2.84 -25.93
N LEU A 85 12.23 -3.09 -27.06
CA LEU A 85 11.65 -4.40 -27.29
C LEU A 85 12.73 -5.47 -27.35
N SER A 86 13.84 -5.19 -28.05
CA SER A 86 14.92 -6.15 -28.13
C SER A 86 15.69 -6.25 -26.82
N ASN A 87 15.80 -5.15 -26.08
CA ASN A 87 16.49 -5.19 -24.80
C ASN A 87 15.72 -6.01 -23.79
N GLN A 88 14.39 -6.00 -23.86
CA GLN A 88 13.59 -6.84 -22.98
C GLN A 88 13.91 -8.31 -23.20
N LEU A 89 14.03 -8.72 -24.46
CA LEU A 89 14.29 -10.13 -24.75
C LEU A 89 15.61 -10.57 -24.14
N VAL A 90 16.65 -9.75 -24.24
CA VAL A 90 17.94 -10.10 -23.66
C VAL A 90 17.84 -10.14 -22.14
N VAL A 91 17.14 -9.18 -21.55
CA VAL A 91 17.04 -9.11 -20.09
C VAL A 91 16.33 -10.35 -19.55
N THR A 92 15.24 -10.76 -20.20
CA THR A 92 14.51 -11.93 -19.73
C THR A 92 15.35 -13.19 -19.82
N PHE A 93 16.10 -13.35 -20.92
CA PHE A 93 16.93 -14.53 -21.06
C PHE A 93 18.02 -14.57 -19.99
N ARG A 94 18.67 -13.44 -19.75
CA ARG A 94 19.69 -13.38 -18.71
C ARG A 94 19.10 -13.66 -17.33
N GLU A 95 17.91 -13.12 -17.06
CA GLU A 95 17.29 -13.30 -15.76
C GLU A 95 16.81 -14.74 -15.56
N GLU A 96 16.19 -15.32 -16.60
CA GLU A 96 15.69 -16.69 -16.47
C GLU A 96 16.84 -17.67 -16.23
N ASN A 97 17.97 -17.46 -16.90
CA ASN A 97 19.12 -18.34 -16.70
C ASN A 97 19.68 -18.20 -15.30
N THR A 98 19.72 -16.98 -14.77
CA THR A 98 20.28 -16.76 -13.44
C THR A 98 19.40 -17.41 -12.37
N ILE A 99 18.08 -17.43 -12.57
CA ILE A 99 17.19 -18.11 -11.64
C ILE A 99 17.49 -19.60 -11.64
N ALA A 100 17.68 -20.19 -12.83
CA ALA A 100 18.02 -21.60 -12.91
C ALA A 100 19.33 -21.91 -12.21
N PHE A 101 20.36 -21.08 -12.42
CA PHE A 101 21.63 -21.31 -11.75
C PHE A 101 21.44 -21.35 -10.24
N ARG A 102 20.62 -20.47 -9.69
CA ARG A 102 20.34 -20.48 -8.25
C ARG A 102 19.69 -21.79 -7.83
N HIS A 103 18.73 -22.28 -8.61
CA HIS A 103 18.14 -23.56 -8.29
C HIS A 103 19.10 -24.72 -8.54
N LEU A 104 20.01 -24.57 -9.49
CA LEU A 104 20.95 -25.63 -9.82
C LEU A 104 22.08 -25.73 -8.81
N PHE A 105 22.56 -24.60 -8.29
CA PHE A 105 23.81 -24.57 -7.55
C PHE A 105 23.69 -24.18 -6.08
N LEU A 106 22.56 -23.63 -5.65
CA LEU A 106 22.41 -23.17 -4.27
C LEU A 106 21.56 -24.17 -3.50
N LEU A 107 22.17 -24.78 -2.48
CA LEU A 107 21.55 -25.86 -1.74
C LEU A 107 20.32 -25.38 -0.96
N GLY A 108 19.19 -26.03 -1.20
CA GLY A 108 17.97 -25.70 -0.49
C GLY A 108 17.38 -24.37 -0.87
N TYR A 109 17.65 -23.87 -2.07
CA TYR A 109 17.21 -22.54 -2.45
C TYR A 109 15.74 -22.56 -2.88
N SER A 110 15.01 -21.54 -2.45
CA SER A 110 13.63 -21.34 -2.88
C SER A 110 13.45 -19.89 -3.29
N ASP A 111 12.53 -19.67 -4.23
CA ASP A 111 12.28 -18.32 -4.71
C ASP A 111 11.77 -17.43 -3.58
N GLY A 112 12.23 -16.17 -3.59
CA GLY A 112 11.86 -15.20 -2.60
C GLY A 112 12.83 -15.06 -1.44
N SER A 113 13.69 -16.04 -1.24
CA SER A 113 14.68 -16.00 -0.16
C SER A 113 16.07 -15.66 -0.70
N ASP A 114 16.18 -14.50 -1.33
CA ASP A 114 17.48 -14.08 -1.84
C ASP A 114 18.25 -13.24 -0.83
N ASP A 115 17.56 -12.31 -0.18
CA ASP A 115 18.21 -11.44 0.83
C ASP A 115 18.45 -12.22 2.12
N THR A 116 17.63 -13.25 2.38
CA THR A 116 17.73 -14.02 3.65
C THR A 116 18.63 -15.24 3.51
N PHE A 117 18.85 -15.72 2.28
CA PHE A 117 19.64 -16.96 2.06
C PHE A 117 21.00 -16.86 2.77
N ALA A 118 21.23 -17.69 3.80
CA ALA A 118 22.48 -17.62 4.54
C ALA A 118 22.71 -18.94 5.27
N ALA A 119 23.97 -19.17 5.64
CA ALA A 119 24.37 -20.31 6.43
C ALA A 119 24.75 -19.85 7.83
N TYR A 120 24.47 -20.70 8.82
CA TYR A 120 24.66 -20.33 10.22
C TYR A 120 25.54 -21.28 11.00
N THR A 121 25.95 -22.40 10.44
CA THR A 121 26.80 -23.36 11.14
C THR A 121 27.90 -23.81 10.21
N GLN A 122 28.95 -24.40 10.78
CA GLN A 122 30.09 -24.82 9.97
C GLN A 122 29.68 -25.89 8.97
N GLU A 123 28.79 -26.80 9.37
CA GLU A 123 28.41 -27.89 8.47
C GLU A 123 27.49 -27.41 7.36
N GLN A 124 26.60 -26.44 7.65
CA GLN A 124 25.79 -25.86 6.59
C GLN A 124 26.67 -25.23 5.53
N LEU A 125 27.70 -24.47 5.93
CA LEU A 125 28.59 -23.85 4.97
C LEU A 125 29.30 -24.89 4.12
N TYR A 126 29.79 -25.96 4.75
CA TYR A 126 30.44 -27.02 4.00
C TYR A 126 29.48 -27.65 3.00
N GLN A 127 28.25 -27.94 3.44
CA GLN A 127 27.30 -28.60 2.57
C GLN A 127 26.89 -27.71 1.40
N ALA A 128 26.75 -26.41 1.64
CA ALA A 128 26.41 -25.50 0.54
C ALA A 128 27.54 -25.40 -0.47
N ILE A 129 28.79 -25.40 0.00
CA ILE A 129 29.91 -25.31 -0.93
C ILE A 129 30.02 -26.58 -1.76
N PHE A 130 29.99 -27.74 -1.10
CA PHE A 130 30.16 -29.00 -1.82
C PHE A 130 29.00 -29.25 -2.78
N TYR A 131 27.79 -28.82 -2.42
CA TYR A 131 26.66 -28.95 -3.33
C TYR A 131 26.89 -28.19 -4.62
N ALA A 132 27.38 -26.95 -4.52
CA ALA A 132 27.62 -26.15 -5.72
C ALA A 132 28.62 -26.83 -6.64
N VAL A 133 29.73 -27.32 -6.08
CA VAL A 133 30.75 -27.97 -6.91
C VAL A 133 30.24 -29.31 -7.41
N ASP A 134 29.55 -30.06 -6.56
CA ASP A 134 29.00 -31.35 -6.98
C ASP A 134 28.01 -31.17 -8.13
N GLN A 135 27.17 -30.14 -8.06
CA GLN A 135 26.18 -29.91 -9.11
C GLN A 135 26.82 -29.45 -10.41
N TYR A 136 27.94 -28.73 -10.31
CA TYR A 136 28.66 -28.29 -11.51
C TYR A 136 29.24 -29.48 -12.26
N LEU A 137 29.66 -30.52 -11.55
CA LEU A 137 30.33 -31.65 -12.18
C LEU A 137 29.35 -32.60 -12.87
N ILE A 138 28.07 -32.55 -12.52
CA ILE A 138 27.06 -33.35 -13.20
C ILE A 138 26.09 -32.48 -13.99
N LEU A 139 26.47 -31.24 -14.27
CA LEU A 139 25.56 -30.32 -14.94
C LEU A 139 25.02 -30.85 -16.26
N PRO A 140 25.82 -31.46 -17.14
CA PRO A 140 25.27 -31.92 -18.42
C PRO A 140 24.09 -32.88 -18.27
N GLU A 141 24.10 -33.76 -17.29
CA GLU A 141 23.10 -34.80 -17.20
C GLU A 141 21.91 -34.45 -16.31
N ILE A 142 21.87 -33.24 -15.73
CA ILE A 142 20.75 -32.87 -14.88
C ILE A 142 20.05 -31.61 -15.38
N SER A 143 20.79 -30.69 -15.99
CA SER A 143 20.22 -29.40 -16.32
C SER A 143 19.25 -29.49 -17.50
N LEU A 144 18.29 -28.58 -17.52
CA LEU A 144 17.36 -28.49 -18.62
C LEU A 144 17.85 -27.60 -19.75
N GLY A 145 18.76 -26.67 -19.45
CA GLY A 145 19.40 -25.92 -20.50
C GLY A 145 20.67 -26.59 -21.00
N ARG A 146 21.11 -26.18 -22.18
CA ARG A 146 22.31 -26.73 -22.80
C ARG A 146 23.49 -25.84 -22.44
N TYR A 147 24.19 -26.18 -21.37
CA TYR A 147 25.32 -25.41 -20.90
C TYR A 147 26.61 -26.14 -21.19
N ALA A 148 27.58 -25.43 -21.76
CA ALA A 148 28.89 -25.99 -22.06
C ALA A 148 29.91 -25.46 -21.07
N TYR A 149 30.82 -26.34 -20.66
CA TYR A 149 31.93 -25.91 -19.82
C TYR A 149 32.87 -25.01 -20.60
N VAL A 150 33.25 -23.90 -19.99
CA VAL A 150 34.25 -23.00 -20.64
C VAL A 150 35.62 -23.31 -20.02
N ARG A 151 36.42 -24.10 -20.71
CA ARG A 151 37.74 -24.47 -20.21
C ARG A 151 38.57 -23.24 -19.91
N GLY A 152 39.18 -23.20 -18.73
CA GLY A 152 39.93 -22.04 -18.32
C GLY A 152 39.10 -20.83 -17.95
N GLY A 153 37.85 -21.04 -17.55
CA GLY A 153 36.95 -19.96 -17.18
C GLY A 153 36.93 -19.59 -15.71
N GLY A 154 37.80 -20.18 -14.90
CA GLY A 154 37.77 -19.92 -13.48
C GLY A 154 38.33 -18.58 -13.06
N GLY A 155 38.87 -17.81 -14.00
CA GLY A 155 39.40 -16.51 -13.72
C GLY A 155 40.89 -16.53 -13.42
N PRO A 156 41.42 -15.41 -12.94
CA PRO A 156 42.86 -15.37 -12.63
C PRO A 156 43.31 -16.44 -11.67
N TRP A 157 42.51 -16.71 -10.64
CA TRP A 157 42.88 -17.71 -9.61
C TRP A 157 43.02 -19.10 -10.25
N ALA A 158 42.32 -19.33 -11.36
CA ALA A 158 42.35 -20.67 -12.01
C ALA A 158 43.66 -20.89 -12.76
N ASN A 159 44.23 -22.09 -12.62
CA ASN A 159 45.46 -22.43 -13.38
C ASN A 159 45.04 -23.28 -14.59
N GLY A 160 44.28 -22.69 -15.51
CA GLY A 160 43.77 -23.44 -16.67
C GLY A 160 42.54 -24.24 -16.31
N SER A 161 42.08 -24.13 -15.06
CA SER A 161 40.90 -24.90 -14.60
C SER A 161 39.61 -24.16 -14.97
N ALA A 162 38.51 -24.90 -15.10
CA ALA A 162 37.22 -24.28 -15.44
C ALA A 162 36.47 -23.80 -14.19
N LEU A 163 36.79 -24.31 -12.99
CA LEU A 163 36.13 -23.83 -11.79
C LEU A 163 37.17 -23.58 -10.70
N ALA A 164 37.12 -22.38 -10.13
CA ALA A 164 38.07 -21.98 -9.06
C ALA A 164 37.33 -21.83 -7.72
N LEU A 165 37.66 -22.68 -6.75
CA LEU A 165 37.08 -22.61 -5.42
C LEU A 165 38.10 -21.94 -4.50
N CYS A 166 37.85 -20.68 -4.16
CA CYS A 166 38.79 -19.89 -3.38
C CYS A 166 38.23 -19.60 -2.00
N GLN A 167 39.09 -19.66 -0.99
CA GLN A 167 38.79 -19.17 0.34
C GLN A 167 39.82 -18.11 0.70
N ARG A 168 39.36 -17.02 1.30
CA ARG A 168 40.21 -15.89 1.65
C ARG A 168 40.16 -15.64 3.14
N TYR A 169 41.34 -15.46 3.75
CA TYR A 169 41.44 -15.27 5.18
C TYR A 169 42.61 -14.35 5.47
N TYR A 170 42.62 -13.80 6.69
CA TYR A 170 43.74 -12.98 7.13
C TYR A 170 44.99 -13.83 7.35
N HIS A 171 46.15 -13.18 7.23
CA HIS A 171 47.40 -13.89 7.45
C HIS A 171 47.51 -14.39 8.88
N ARG A 172 47.12 -13.52 9.80
CA ARG A 172 47.13 -13.90 11.23
C ARG A 172 45.77 -13.54 11.81
N GLY A 173 45.00 -14.53 12.25
CA GLY A 173 43.77 -14.28 12.96
C GLY A 173 43.94 -14.11 14.44
N HIS A 174 44.33 -15.20 15.12
CA HIS A 174 44.54 -15.23 16.56
C HIS A 174 43.49 -14.39 17.31
N VAL A 175 42.23 -14.74 17.08
CA VAL A 175 41.10 -14.11 17.76
C VAL A 175 40.77 -14.94 18.99
N ASP A 176 40.75 -14.28 20.15
CA ASP A 176 40.46 -14.97 21.42
C ASP A 176 39.59 -14.09 22.30
N PRO A 177 38.26 -14.18 22.16
CA PRO A 177 37.37 -13.41 23.03
C PRO A 177 37.45 -13.83 24.49
N ALA A 178 38.07 -14.96 24.79
CA ALA A 178 38.11 -15.45 26.19
C ALA A 178 38.95 -14.49 27.05
N ASN A 179 40.04 -13.94 26.50
CA ASN A 179 40.84 -12.94 27.26
C ASN A 179 41.10 -11.68 26.41
N ASP A 180 40.25 -11.40 25.43
CA ASP A 180 40.35 -10.15 24.64
C ASP A 180 41.75 -9.96 24.04
N THR A 181 42.26 -10.96 23.32
CA THR A 181 43.56 -10.91 22.66
C THR A 181 43.40 -11.02 21.15
N PHE A 182 44.01 -10.10 20.42
CA PHE A 182 43.66 -10.00 18.98
C PHE A 182 44.87 -9.84 18.05
N ASP A 183 45.91 -10.66 18.22
CA ASP A 183 47.04 -10.64 17.30
C ASP A 183 46.56 -10.93 15.89
N ILE A 184 46.62 -9.93 15.01
CA ILE A 184 45.99 -10.03 13.69
C ILE A 184 46.85 -9.29 12.66
N ASP A 185 47.04 -9.92 11.50
CA ASP A 185 47.74 -9.26 10.37
C ASP A 185 46.70 -9.19 9.24
N PRO A 186 46.08 -8.01 8.98
CA PRO A 186 45.00 -7.91 7.99
C PRO A 186 45.33 -8.33 6.56
N ARG A 187 46.59 -8.63 6.24
CA ARG A 187 46.89 -9.10 4.89
C ARG A 187 46.02 -10.27 4.45
N VAL A 188 45.41 -10.14 3.28
CA VAL A 188 44.49 -11.15 2.77
C VAL A 188 45.28 -12.24 2.04
N VAL A 189 45.09 -13.48 2.46
CA VAL A 189 45.72 -14.64 1.84
C VAL A 189 44.64 -15.42 1.11
N THR A 190 44.81 -15.54 -0.21
CA THR A 190 43.84 -16.27 -1.04
C THR A 190 44.33 -17.71 -1.25
N ASP A 191 43.51 -18.68 -0.85
CA ASP A 191 43.80 -20.10 -1.00
C ASP A 191 42.81 -20.66 -2.01
N CYS A 192 43.31 -21.10 -3.15
CA CYS A 192 42.47 -21.48 -4.28
C CYS A 192 42.66 -22.95 -4.60
N ILE A 193 41.56 -23.58 -5.01
CA ILE A 193 41.55 -24.98 -5.40
C ILE A 193 41.03 -25.07 -6.82
N GLN A 194 41.75 -25.86 -7.65
CA GLN A 194 41.40 -26.01 -9.08
C GLN A 194 40.53 -27.24 -9.30
N VAL A 195 39.34 -27.07 -9.88
CA VAL A 195 38.42 -28.15 -10.18
C VAL A 195 38.22 -28.18 -11.69
N ASP A 196 38.35 -29.37 -12.29
CA ASP A 196 38.22 -29.51 -13.75
C ASP A 196 37.01 -30.38 -14.08
N PRO A 197 36.18 -30.01 -15.07
CA PRO A 197 34.97 -30.78 -15.43
C PRO A 197 35.28 -32.17 -16.02
N PRO A 198 34.39 -33.17 -15.84
CA PRO A 198 34.61 -34.51 -16.37
C PRO A 198 34.57 -34.55 -17.91
N ASP A 199 35.48 -35.28 -18.54
CA ASP A 199 35.50 -35.41 -19.99
C ASP A 199 34.37 -36.35 -20.41
N ARG A 200 33.29 -35.78 -20.95
CA ARG A 200 32.11 -36.58 -21.38
C ARG A 200 31.73 -37.59 -20.29
N ALA A 216 38.46 -36.40 -6.00
CA ALA A 216 37.90 -35.08 -5.72
C ALA A 216 38.73 -34.35 -4.68
N SER A 217 39.57 -33.43 -5.15
CA SER A 217 40.45 -32.69 -4.25
C SER A 217 39.69 -31.63 -3.47
N TYR A 218 38.55 -31.17 -3.99
CA TYR A 218 37.82 -30.10 -3.31
C TYR A 218 37.16 -30.59 -2.04
N LYS A 219 36.76 -31.86 -1.99
CA LYS A 219 36.15 -32.39 -0.78
C LYS A 219 37.13 -32.34 0.39
N ASN A 220 38.42 -32.23 0.10
CA ASN A 220 39.44 -32.11 1.18
C ASN A 220 39.65 -30.62 1.48
N LEU A 221 38.55 -29.86 1.62
CA LEU A 221 38.66 -28.40 1.88
C LEU A 221 38.50 -28.14 3.37
N THR A 222 39.47 -27.43 3.98
CA THR A 222 39.35 -27.03 5.37
C THR A 222 39.24 -25.51 5.40
N LEU A 223 38.18 -25.00 6.03
CA LEU A 223 37.97 -23.57 6.10
C LEU A 223 38.50 -23.01 7.41
N LYS A 224 39.24 -21.91 7.32
CA LYS A 224 39.78 -21.23 8.49
C LYS A 224 38.72 -20.27 9.02
N PHE A 225 37.76 -20.84 9.76
CA PHE A 225 36.56 -20.09 10.12
C PHE A 225 36.90 -18.86 10.97
N HIS A 226 37.81 -19.01 11.94
CA HIS A 226 38.09 -17.91 12.86
C HIS A 226 38.61 -16.68 12.13
N LYS A 227 39.31 -16.88 11.01
CA LYS A 227 39.94 -15.78 10.30
C LYS A 227 39.37 -15.62 8.89
N LEU A 228 38.28 -16.30 8.58
CA LEU A 228 37.77 -16.34 7.21
C LEU A 228 37.13 -15.02 6.81
N ILE A 229 37.31 -14.64 5.55
CA ILE A 229 36.70 -13.45 4.99
C ILE A 229 35.55 -13.80 4.05
N ASN A 230 35.83 -14.60 3.03
CA ASN A 230 34.77 -15.13 2.17
C ASN A 230 35.28 -16.36 1.46
N VAL A 231 34.34 -17.10 0.89
CA VAL A 231 34.61 -18.20 -0.03
C VAL A 231 33.89 -17.86 -1.33
N THR A 232 34.57 -18.02 -2.45
CA THR A 232 33.97 -17.74 -3.75
C THR A 232 34.14 -18.93 -4.66
N ILE A 233 33.13 -19.15 -5.50
CA ILE A 233 33.17 -20.15 -6.56
C ILE A 233 33.01 -19.41 -7.87
N HIS A 234 33.98 -19.56 -8.76
CA HIS A 234 33.96 -18.90 -10.06
C HIS A 234 33.97 -19.95 -11.15
N PHE A 235 33.07 -19.82 -12.11
CA PHE A 235 33.13 -20.64 -13.31
C PHE A 235 32.28 -19.98 -14.39
N GLN A 236 32.39 -20.49 -15.60
CA GLN A 236 31.68 -19.95 -16.74
C GLN A 236 30.88 -21.04 -17.43
N LEU A 237 29.75 -20.67 -18.00
CA LEU A 237 28.89 -21.58 -18.74
C LEU A 237 28.49 -20.90 -20.04
N LYS A 238 28.61 -21.66 -21.14
CA LYS A 238 28.27 -21.12 -22.48
C LYS A 238 26.95 -21.73 -22.94
N THR A 239 26.02 -20.88 -23.39
CA THR A 239 24.75 -21.34 -23.92
C THR A 239 24.43 -20.53 -25.16
N ILE A 240 23.45 -21.02 -25.92
CA ILE A 240 23.00 -20.36 -27.15
C ILE A 240 21.54 -19.97 -26.95
N ASN A 241 21.23 -18.72 -27.25
CA ASN A 241 19.84 -18.25 -27.17
C ASN A 241 19.08 -18.79 -28.37
N LEU A 242 18.42 -19.93 -28.18
CA LEU A 242 17.74 -20.59 -29.32
C LEU A 242 16.71 -19.64 -29.93
N GLN A 243 15.96 -18.89 -29.10
CA GLN A 243 14.93 -18.02 -29.66
C GLN A 243 15.49 -17.17 -30.80
N SER A 244 16.71 -16.69 -30.64
CA SER A 244 17.30 -15.80 -31.65
C SER A 244 17.44 -16.50 -33.00
N LEU A 245 17.87 -17.76 -32.99
CA LEU A 245 18.10 -18.50 -34.27
C LEU A 245 16.78 -18.79 -34.98
N ILE A 246 15.66 -18.73 -34.27
CA ILE A 246 14.33 -18.98 -34.91
C ILE A 246 13.65 -17.63 -35.16
N ASN A 247 13.57 -16.78 -34.13
CA ASN A 247 12.86 -15.48 -34.29
C ASN A 247 13.55 -14.58 -35.30
N ASN A 248 14.80 -14.17 -35.06
CA ASN A 248 15.43 -13.18 -35.99
C ASN A 248 16.63 -13.80 -36.70
N GLU A 249 16.81 -15.13 -36.62
CA GLU A 249 17.99 -15.79 -37.22
C GLU A 249 19.25 -15.02 -36.80
N ILE A 250 19.34 -14.64 -35.52
CA ILE A 250 20.47 -13.80 -35.05
C ILE A 250 21.47 -14.69 -34.32
N PRO A 251 22.80 -14.64 -34.61
CA PRO A 251 23.79 -15.41 -33.83
C PRO A 251 23.96 -14.82 -32.44
N ASP A 252 23.72 -15.61 -31.40
CA ASP A 252 23.80 -15.08 -30.01
C ASP A 252 24.38 -16.14 -29.06
N CYS A 253 25.71 -16.22 -28.95
CA CYS A 253 26.28 -17.17 -27.95
C CYS A 253 26.53 -16.41 -26.64
N TYR A 254 25.77 -16.76 -25.58
CA TYR A 254 25.97 -16.11 -24.30
C TYR A 254 27.07 -16.83 -23.53
N THR A 255 27.84 -16.07 -22.78
CA THR A 255 28.77 -16.63 -21.81
C THR A 255 28.41 -16.08 -20.43
N PHE A 256 28.16 -16.98 -19.50
CA PHE A 256 27.78 -16.60 -18.14
C PHE A 256 28.97 -16.79 -17.22
N SER A 257 29.34 -15.72 -16.52
CA SER A 257 30.34 -15.79 -15.47
C SER A 257 29.57 -15.90 -14.16
N ILE A 258 29.55 -17.09 -13.58
CA ILE A 258 28.84 -17.32 -12.33
C ILE A 258 29.81 -17.11 -11.18
N LEU A 259 29.38 -16.31 -10.21
CA LEU A 259 30.13 -16.08 -8.98
C LEU A 259 29.20 -16.38 -7.82
N ILE A 260 29.56 -17.38 -7.02
CA ILE A 260 28.83 -17.70 -5.80
C ILE A 260 29.68 -17.26 -4.63
N THR A 261 29.15 -16.34 -3.84
CA THR A 261 29.90 -15.77 -2.72
C THR A 261 29.31 -16.26 -1.41
N PHE A 262 30.16 -16.79 -0.55
CA PHE A 262 29.84 -17.09 0.84
C PHE A 262 30.58 -16.03 1.65
N ASP A 263 29.83 -15.00 2.05
CA ASP A 263 30.41 -13.75 2.51
C ASP A 263 30.46 -13.70 4.04
N ASN A 264 31.66 -13.56 4.59
CA ASN A 264 31.82 -13.47 6.03
C ASN A 264 32.53 -12.18 6.44
N LYS A 265 32.46 -11.13 5.61
CA LYS A 265 33.19 -9.91 5.91
C LYS A 265 32.68 -9.22 7.17
N ALA A 266 31.42 -9.48 7.56
CA ALA A 266 30.88 -8.91 8.78
C ALA A 266 31.27 -9.68 10.03
N HIS A 267 31.77 -10.92 9.89
CA HIS A 267 32.11 -11.78 11.01
C HIS A 267 31.06 -11.70 12.11
N SER A 268 29.81 -11.96 11.74
CA SER A 268 28.68 -11.81 12.66
C SER A 268 27.96 -13.12 12.94
N GLY A 269 28.59 -14.26 12.66
CA GLY A 269 27.95 -15.55 12.84
C GLY A 269 26.96 -15.92 11.77
N ARG A 270 26.69 -15.03 10.83
CA ARG A 270 25.75 -15.28 9.74
C ARG A 270 26.47 -15.03 8.44
N ILE A 271 26.50 -16.03 7.56
CA ILE A 271 27.22 -15.90 6.30
C ILE A 271 26.22 -15.89 5.16
N PRO A 272 25.89 -14.72 4.61
CA PRO A 272 24.96 -14.69 3.47
C PRO A 272 25.56 -15.36 2.25
N ILE A 273 24.69 -15.95 1.44
CA ILE A 273 25.08 -16.65 0.22
C ILE A 273 24.33 -16.04 -0.94
N ARG A 274 25.06 -15.61 -1.96
CA ARG A 274 24.43 -15.03 -3.13
C ARG A 274 25.12 -15.57 -4.39
N LEU A 275 24.37 -15.59 -5.47
CA LEU A 275 24.87 -15.98 -6.77
C LEU A 275 24.64 -14.85 -7.75
N GLU A 276 25.68 -14.48 -8.49
CA GLU A 276 25.62 -13.39 -9.45
C GLU A 276 26.19 -13.85 -10.78
N THR A 277 25.68 -13.28 -11.86
CA THR A 277 26.11 -13.63 -13.20
C THR A 277 26.46 -12.37 -13.99
N LYS A 278 27.52 -12.48 -14.77
CA LYS A 278 27.85 -11.51 -15.80
C LYS A 278 27.74 -12.18 -17.16
N THR A 279 27.22 -11.44 -18.12
CA THR A 279 26.92 -11.98 -19.43
C THR A 279 27.84 -11.33 -20.47
N HIS A 280 28.36 -12.16 -21.36
CA HIS A 280 29.15 -11.69 -22.51
C HIS A 280 28.49 -12.23 -23.77
N ILE A 281 27.82 -11.36 -24.51
CA ILE A 281 27.01 -11.78 -25.65
C ILE A 281 27.85 -11.62 -26.90
N GLN A 282 28.19 -12.74 -27.53
CA GLN A 282 28.96 -12.70 -28.80
C GLN A 282 28.08 -13.28 -29.91
N GLU A 283 28.64 -13.52 -31.09
CA GLU A 283 27.87 -14.14 -32.19
C GLU A 283 28.34 -15.59 -32.38
N CYS A 284 27.42 -16.55 -32.28
CA CYS A 284 27.79 -17.98 -32.53
C CYS A 284 28.20 -18.13 -34.00
N LYS A 285 29.32 -18.82 -34.26
CA LYS A 285 29.86 -18.93 -35.64
C LYS A 285 29.29 -20.15 -36.34
N SER A 296 21.09 -4.58 -42.51
CA SER A 296 19.74 -4.85 -42.04
C SER A 296 18.97 -3.55 -41.85
N PHE A 297 17.67 -3.68 -41.62
CA PHE A 297 16.83 -2.51 -41.40
C PHE A 297 17.23 -1.76 -40.13
N ARG A 298 17.51 -2.48 -39.05
CA ARG A 298 17.82 -1.81 -37.79
C ARG A 298 18.97 -0.84 -37.95
N LEU A 299 20.01 -1.25 -38.68
CA LEU A 299 21.14 -0.35 -38.92
C LEU A 299 20.76 0.78 -39.86
N LEU A 300 19.97 0.48 -40.90
CA LEU A 300 19.54 1.53 -41.81
C LEU A 300 18.66 2.56 -41.08
N PHE A 301 17.74 2.08 -40.24
CA PHE A 301 16.91 3.00 -39.47
C PHE A 301 17.76 3.86 -38.53
N ASP A 302 18.84 3.28 -38.00
CA ASP A 302 19.69 4.03 -37.10
C ASP A 302 20.43 5.16 -37.82
N VAL A 303 20.81 4.94 -39.09
CA VAL A 303 21.42 6.02 -39.86
C VAL A 303 20.38 7.08 -40.20
N VAL A 304 19.15 6.65 -40.49
CA VAL A 304 18.07 7.61 -40.74
C VAL A 304 17.88 8.53 -39.54
N VAL A 305 17.93 7.97 -38.34
CA VAL A 305 17.76 8.78 -37.13
C VAL A 305 18.90 9.79 -37.01
N ILE A 306 20.13 9.34 -37.24
CA ILE A 306 21.27 10.23 -37.11
C ILE A 306 21.18 11.38 -38.10
N LEU A 307 20.71 11.10 -39.32
CA LEU A 307 20.55 12.16 -40.30
C LEU A 307 19.46 13.14 -39.92
N THR A 308 18.31 12.63 -39.46
CA THR A 308 17.20 13.49 -39.09
C THR A 308 17.56 14.43 -37.96
N CYS A 309 18.29 13.92 -36.96
CA CYS A 309 18.71 14.76 -35.84
C CYS A 309 19.84 15.69 -36.24
N SER A 310 20.75 15.22 -37.09
CA SER A 310 21.82 16.08 -37.57
C SER A 310 21.27 17.23 -38.40
N LEU A 311 20.30 16.95 -39.26
CA LEU A 311 19.64 18.02 -40.01
C LEU A 311 18.93 18.98 -39.07
N SER A 312 18.23 18.45 -38.07
CA SER A 312 17.56 19.31 -37.10
C SER A 312 18.55 20.16 -36.33
N PHE A 313 19.70 19.58 -35.98
CA PHE A 313 20.70 20.32 -35.21
C PHE A 313 21.21 21.52 -35.98
N LEU A 314 21.48 21.35 -37.28
CA LEU A 314 22.00 22.47 -38.07
C LEU A 314 21.00 23.61 -38.15
N LEU A 315 19.75 23.30 -38.54
CA LEU A 315 18.76 24.34 -38.70
C LEU A 315 18.50 25.07 -37.38
N CYS A 316 18.38 24.33 -36.30
CA CYS A 316 18.22 24.98 -34.99
C CYS A 316 19.46 25.79 -34.63
N ALA A 317 20.65 25.25 -34.89
CA ALA A 317 21.86 26.02 -34.64
C ALA A 317 21.89 27.28 -35.48
N ARG A 318 21.49 27.19 -36.75
CA ARG A 318 21.42 28.37 -37.61
C ARG A 318 20.48 29.40 -37.03
N SER A 319 19.27 28.98 -36.64
CA SER A 319 18.30 29.90 -36.06
C SER A 319 18.86 30.56 -34.81
N LEU A 320 19.56 29.80 -33.98
CA LEU A 320 20.16 30.36 -32.78
C LEU A 320 21.19 31.42 -33.12
N LEU A 321 22.00 31.19 -34.15
CA LEU A 321 22.98 32.17 -34.58
C LEU A 321 22.31 33.47 -35.00
N ARG A 322 21.21 33.35 -35.75
CA ARG A 322 20.46 34.54 -36.22
C ARG A 322 20.02 35.37 -35.01
N GLY A 323 19.60 34.72 -33.92
CA GLY A 323 19.21 35.43 -32.72
C GLY A 323 20.37 36.19 -32.10
N PHE A 324 21.54 35.54 -32.01
CA PHE A 324 22.69 36.21 -31.43
C PHE A 324 23.12 37.39 -32.27
N LEU A 325 23.08 37.26 -33.61
CA LEU A 325 23.39 38.40 -34.47
C LEU A 325 22.38 39.51 -34.28
N LEU A 326 21.09 39.20 -34.39
CA LEU A 326 20.06 40.21 -34.20
C LEU A 326 20.18 40.86 -32.83
N GLN A 327 20.55 40.09 -31.81
CA GLN A 327 20.78 40.67 -30.50
C GLN A 327 21.91 41.68 -30.55
N ASN A 328 22.98 41.35 -31.26
CA ASN A 328 24.12 42.27 -31.37
C ASN A 328 23.74 43.56 -32.08
N GLU A 329 23.02 43.45 -33.20
CA GLU A 329 22.63 44.64 -33.92
C GLU A 329 21.68 45.52 -33.11
N PHE A 330 20.91 44.93 -32.20
CA PHE A 330 20.00 45.71 -31.37
C PHE A 330 20.69 46.42 -30.23
N VAL A 331 21.69 45.75 -29.62
CA VAL A 331 22.35 46.33 -28.41
C VAL A 331 22.93 47.71 -28.72
N VAL A 332 23.35 47.95 -29.95
CA VAL A 332 23.96 49.21 -30.32
C VAL A 332 22.96 50.18 -30.97
N PHE A 333 21.95 49.67 -31.68
CA PHE A 333 20.93 50.56 -32.25
C PHE A 333 20.22 51.33 -31.14
N MET A 334 19.94 50.65 -30.04
CA MET A 334 19.28 51.32 -28.88
C MET A 334 20.35 52.14 -28.14
N TRP A 335 21.62 51.75 -28.24
CA TRP A 335 22.72 52.50 -27.59
C TRP A 335 23.19 53.66 -28.49
N ARG A 336 22.54 53.86 -29.63
CA ARG A 336 22.87 55.03 -30.51
C ARG A 336 21.60 55.86 -30.65
N ARG A 337 20.55 55.28 -31.23
CA ARG A 337 19.28 55.97 -31.40
C ARG A 337 18.81 56.58 -30.08
N ARG A 338 18.88 55.82 -28.99
CA ARG A 338 18.47 56.30 -27.68
C ARG A 338 19.61 56.35 -26.68
N GLY A 339 20.76 55.73 -26.98
CA GLY A 339 21.80 55.65 -25.95
C GLY A 339 21.23 54.96 -24.72
N ARG A 340 20.27 54.06 -24.91
CA ARG A 340 19.64 53.44 -23.72
C ARG A 340 20.35 52.14 -23.33
N GLU A 341 20.35 51.82 -22.05
CA GLU A 341 21.08 50.65 -21.49
C GLU A 341 20.28 49.36 -21.71
N ILE A 342 20.97 48.23 -21.94
CA ILE A 342 20.29 46.92 -22.11
C ILE A 342 20.87 45.93 -21.09
N SER A 343 20.03 45.31 -20.25
CA SER A 343 20.51 44.38 -19.25
C SER A 343 20.69 42.98 -19.86
N LEU A 344 21.36 42.11 -19.11
CA LEU A 344 21.61 40.76 -19.61
C LEU A 344 20.31 40.04 -19.90
N TRP A 345 19.32 40.14 -19.00
CA TRP A 345 18.02 39.54 -19.28
C TRP A 345 17.39 40.09 -20.55
N GLU A 346 17.47 41.41 -20.76
CA GLU A 346 16.80 42.04 -21.94
C GLU A 346 17.29 41.35 -23.23
N ARG A 347 18.48 40.74 -23.19
CA ARG A 347 19.06 40.10 -24.40
C ARG A 347 18.65 38.62 -24.44
N LEU A 348 18.27 38.05 -23.29
CA LEU A 348 17.80 36.67 -23.29
C LEU A 348 16.60 36.48 -24.21
N GLU A 349 15.75 37.49 -24.34
CA GLU A 349 14.54 37.33 -25.15
C GLU A 349 14.90 36.94 -26.58
N PHE A 350 16.09 37.30 -27.05
CA PHE A 350 16.54 36.86 -28.35
C PHE A 350 16.89 35.38 -28.36
N VAL A 351 16.96 34.76 -27.20
CA VAL A 351 17.29 33.35 -27.08
C VAL A 351 15.98 32.55 -27.13
N ASN A 352 15.91 31.60 -28.05
CA ASN A 352 14.76 30.69 -28.13
C ASN A 352 15.04 29.47 -27.28
N GLY A 353 14.41 29.40 -26.11
CA GLY A 353 14.61 28.27 -25.23
C GLY A 353 14.22 26.94 -25.82
N TRP A 354 13.19 26.92 -26.68
CA TRP A 354 12.79 25.69 -27.33
C TRP A 354 13.90 25.15 -28.21
N TYR A 355 14.60 26.05 -28.90
CA TYR A 355 15.70 25.64 -29.81
C TYR A 355 16.85 25.08 -28.97
N ILE A 356 17.05 25.60 -27.75
CA ILE A 356 18.06 25.04 -26.86
C ILE A 356 17.72 23.59 -26.54
N LEU A 357 16.44 23.33 -26.28
CA LEU A 357 15.99 21.96 -26.06
C LEU A 357 16.21 21.10 -27.28
N LEU A 358 15.91 21.63 -28.47
CA LEU A 358 16.01 20.82 -29.69
C LEU A 358 17.44 20.38 -29.96
N VAL A 359 18.40 21.31 -29.92
CA VAL A 359 19.80 20.94 -30.17
C VAL A 359 20.33 20.05 -29.05
N THR A 360 19.91 20.29 -27.82
CA THR A 360 20.33 19.42 -26.72
C THR A 360 19.85 18.00 -26.94
N SER A 361 18.61 17.83 -27.42
CA SER A 361 18.11 16.49 -27.68
C SER A 361 18.74 15.88 -28.94
N ASP A 362 19.06 16.72 -29.92
CA ASP A 362 19.75 16.22 -31.14
C ASP A 362 21.05 15.57 -30.72
N VAL A 363 21.83 16.25 -29.88
CA VAL A 363 23.12 15.74 -29.43
C VAL A 363 22.95 14.41 -28.70
N LEU A 364 21.93 14.33 -27.83
CA LEU A 364 21.71 13.08 -27.10
C LEU A 364 21.32 11.94 -28.02
N THR A 365 20.45 12.18 -29.01
CA THR A 365 20.05 11.10 -29.90
C THR A 365 21.21 10.62 -30.75
N ILE A 366 21.96 11.56 -31.35
CA ILE A 366 23.10 11.15 -32.18
C ILE A 366 24.13 10.43 -31.32
N SER A 367 24.49 11.01 -30.18
CA SER A 367 25.46 10.37 -29.30
C SER A 367 24.92 9.04 -28.78
N GLY A 368 23.65 9.01 -28.38
CA GLY A 368 23.06 7.76 -27.93
C GLY A 368 22.93 6.74 -29.05
N THR A 369 22.58 7.19 -30.25
CA THR A 369 22.41 6.27 -31.37
C THR A 369 23.73 5.66 -31.79
N VAL A 370 24.81 6.42 -31.74
CA VAL A 370 26.12 5.91 -32.12
C VAL A 370 26.51 4.73 -31.24
N MET A 371 26.26 4.88 -29.94
CA MET A 371 26.61 3.80 -28.97
C MET A 371 25.70 2.59 -29.22
N LYS A 372 24.42 2.84 -29.56
CA LYS A 372 23.49 1.75 -29.81
C LYS A 372 23.93 0.90 -31.00
N ILE A 373 24.51 1.52 -32.03
CA ILE A 373 25.00 0.75 -33.16
C ILE A 373 26.12 -0.19 -32.72
N GLY A 374 27.01 0.29 -31.86
CA GLY A 374 28.04 -0.57 -31.30
C GLY A 374 27.47 -1.73 -30.51
N ILE A 375 26.43 -1.46 -29.72
CA ILE A 375 25.80 -2.53 -28.92
C ILE A 375 25.18 -3.56 -29.85
N GLU A 376 24.45 -3.10 -30.87
CA GLU A 376 23.74 -4.04 -31.79
C GLU A 376 24.76 -4.97 -32.45
N ALA A 377 25.97 -4.50 -32.74
CA ALA A 377 26.92 -5.35 -33.49
C ALA A 377 27.79 -6.21 -32.54
N LYS A 378 27.58 -6.12 -31.22
CA LYS A 378 28.33 -6.92 -30.19
C LYS A 378 29.71 -6.31 -29.87
N ASN A 379 29.83 -4.98 -29.80
CA ASN A 379 31.16 -4.37 -29.58
C ASN A 379 31.19 -3.49 -28.32
N LEU A 380 30.03 -3.05 -27.80
CA LEU A 380 30.02 -2.08 -26.71
C LEU A 380 29.48 -2.64 -25.40
N ALA A 381 28.23 -3.11 -25.46
CA ALA A 381 27.53 -3.63 -24.25
C ALA A 381 27.44 -2.54 -23.17
N SER A 382 27.35 -1.25 -23.57
CA SER A 382 27.17 -0.21 -22.52
C SER A 382 25.68 0.15 -22.48
N TYR A 383 24.83 -0.80 -22.07
CA TYR A 383 23.39 -0.58 -22.13
C TYR A 383 22.96 0.61 -21.27
N ASP A 384 23.48 0.68 -20.05
CA ASP A 384 23.06 1.75 -19.09
C ASP A 384 23.20 3.14 -19.72
N VAL A 385 24.39 3.48 -20.21
CA VAL A 385 24.63 4.82 -20.75
C VAL A 385 23.79 5.06 -22.00
N CYS A 386 23.74 4.08 -22.90
CA CYS A 386 22.96 4.23 -24.12
C CYS A 386 21.49 4.43 -23.82
N SER A 387 20.94 3.65 -22.88
CA SER A 387 19.53 3.76 -22.54
C SER A 387 19.23 5.12 -21.93
N ILE A 388 20.11 5.64 -21.09
CA ILE A 388 19.88 6.96 -20.51
C ILE A 388 19.94 8.04 -21.58
N LEU A 389 20.89 7.94 -22.51
CA LEU A 389 20.99 8.94 -23.56
C LEU A 389 19.74 8.94 -24.43
N LEU A 390 19.25 7.76 -24.80
CA LEU A 390 18.08 7.70 -25.65
C LEU A 390 16.80 8.00 -24.88
N GLY A 391 16.74 7.58 -23.62
CA GLY A 391 15.58 7.90 -22.81
C GLY A 391 15.43 9.38 -22.56
N THR A 392 16.52 10.04 -22.17
CA THR A 392 16.43 11.46 -21.86
C THR A 392 16.18 12.30 -23.11
N SER A 393 16.75 11.88 -24.25
CA SER A 393 16.50 12.60 -25.52
C SER A 393 15.02 12.46 -25.88
N THR A 394 14.49 11.24 -25.78
CA THR A 394 13.09 11.00 -26.14
C THR A 394 12.14 11.79 -25.25
N LEU A 395 12.45 11.87 -23.95
CA LEU A 395 11.67 12.71 -23.07
C LEU A 395 11.67 14.16 -23.53
N LEU A 396 12.83 14.65 -23.98
CA LEU A 396 12.94 16.04 -24.38
C LEU A 396 12.14 16.36 -25.63
N VAL A 397 12.13 15.46 -26.60
CA VAL A 397 11.42 15.75 -27.86
C VAL A 397 9.91 15.75 -27.63
N TRP A 398 9.42 14.84 -26.80
CA TRP A 398 7.99 14.86 -26.46
C TRP A 398 7.64 16.10 -25.65
N VAL A 399 8.52 16.53 -24.75
CA VAL A 399 8.28 17.78 -24.03
C VAL A 399 8.22 18.95 -25.01
N GLY A 400 9.06 18.90 -26.06
CA GLY A 400 9.08 19.96 -27.04
C GLY A 400 7.81 20.11 -27.83
N VAL A 401 6.91 19.12 -27.74
CA VAL A 401 5.60 19.26 -28.38
C VAL A 401 4.78 20.36 -27.73
N ILE A 402 5.14 20.74 -26.49
CA ILE A 402 4.41 21.84 -25.80
C ILE A 402 4.50 23.11 -26.64
N ARG A 403 5.66 23.37 -27.26
CA ARG A 403 5.84 24.57 -28.06
C ARG A 403 4.73 24.73 -29.09
N TYR A 404 4.32 23.64 -29.73
CA TYR A 404 3.26 23.74 -30.73
C TYR A 404 1.95 24.18 -30.11
N LEU A 405 1.67 23.73 -28.89
CA LEU A 405 0.43 24.10 -28.23
C LEU A 405 0.44 25.57 -27.82
N THR A 406 1.61 26.17 -27.61
CA THR A 406 1.66 27.58 -27.25
C THR A 406 1.20 28.49 -28.38
N PHE A 407 1.04 27.97 -29.60
CA PHE A 407 0.54 28.77 -30.71
C PHE A 407 -0.97 28.95 -30.67
N PHE A 408 -1.66 28.29 -29.75
CA PHE A 408 -3.10 28.38 -29.63
C PHE A 408 -3.45 28.99 -28.28
N HIS A 409 -4.28 30.03 -28.32
CA HIS A 409 -4.50 30.85 -27.12
C HIS A 409 -5.07 30.03 -25.98
N LYS A 410 -6.04 29.16 -26.26
CA LYS A 410 -6.66 28.37 -25.20
C LYS A 410 -5.65 27.47 -24.51
N TYR A 411 -4.80 26.80 -25.28
CA TYR A 411 -3.76 25.97 -24.69
C TYR A 411 -2.68 26.83 -24.04
N ASN A 412 -2.35 27.97 -24.64
CA ASN A 412 -1.30 28.81 -24.09
C ASN A 412 -1.65 29.33 -22.71
N ILE A 413 -2.93 29.49 -22.41
CA ILE A 413 -3.34 29.95 -21.09
C ILE A 413 -2.85 28.99 -20.02
N LEU A 414 -2.96 27.69 -20.27
CA LEU A 414 -2.53 26.69 -19.30
C LEU A 414 -1.01 26.64 -19.20
N ILE A 415 -0.33 26.60 -20.35
CA ILE A 415 1.13 26.52 -20.34
C ILE A 415 1.72 27.78 -19.71
N ALA A 416 1.15 28.94 -20.03
CA ALA A 416 1.63 30.18 -19.43
C ALA A 416 1.38 30.21 -17.93
N THR A 417 0.30 29.60 -17.47
CA THR A 417 0.03 29.55 -16.03
C THR A 417 1.15 28.83 -15.28
N LEU A 418 1.60 27.71 -15.82
CA LEU A 418 2.68 26.98 -15.17
C LEU A 418 3.99 27.74 -15.27
N ARG A 419 4.20 28.44 -16.37
CA ARG A 419 5.45 29.20 -16.52
C ARG A 419 5.56 30.31 -15.49
N VAL A 420 4.44 31.00 -15.22
CA VAL A 420 4.50 32.17 -14.28
C VAL A 420 4.42 31.70 -12.82
N ALA A 421 3.92 30.48 -12.59
CA ALA A 421 3.87 29.92 -11.21
C ALA A 421 5.21 29.27 -10.89
N LEU A 422 5.99 28.93 -11.91
CA LEU A 422 7.22 28.16 -11.68
C LEU A 422 8.23 28.88 -10.79
N PRO A 423 8.49 30.17 -10.93
CA PRO A 423 9.40 30.83 -9.99
C PRO A 423 8.94 30.80 -8.54
N SER A 424 7.64 30.96 -8.29
CA SER A 424 7.15 30.91 -6.92
C SER A 424 7.25 29.49 -6.35
N VAL A 425 6.99 28.50 -7.18
CA VAL A 425 7.08 27.11 -6.74
C VAL A 425 8.52 26.77 -6.40
N MET A 426 9.46 27.20 -7.25
CA MET A 426 10.87 26.94 -7.00
C MET A 426 11.34 27.61 -5.72
N ARG A 427 10.90 28.85 -5.47
CA ARG A 427 11.26 29.54 -4.25
C ARG A 427 10.70 28.82 -3.03
N PHE A 428 9.45 28.39 -3.11
CA PHE A 428 8.83 27.67 -1.99
C PHE A 428 9.53 26.35 -1.73
N CYS A 429 10.07 25.71 -2.77
CA CYS A 429 10.81 24.47 -2.57
C CYS A 429 12.07 24.69 -1.75
N CYS A 430 12.80 25.78 -2.02
CA CYS A 430 13.97 26.10 -1.21
C CYS A 430 13.59 26.41 0.23
N CYS A 431 12.47 27.12 0.42
CA CYS A 431 12.02 27.41 1.77
C CYS A 431 11.73 26.13 2.55
N VAL A 432 11.07 25.16 1.91
CA VAL A 432 10.68 23.94 2.59
C VAL A 432 11.72 22.84 2.50
N ALA A 433 12.72 22.99 1.63
CA ALA A 433 13.79 22.00 1.57
C ALA A 433 14.58 21.96 2.88
N VAL A 434 14.80 23.12 3.50
CA VAL A 434 15.58 23.13 4.73
C VAL A 434 14.80 22.49 5.86
N ILE A 435 13.47 22.68 5.90
CA ILE A 435 12.63 22.01 6.95
C ILE A 435 12.67 20.51 6.67
N TYR A 436 12.53 20.12 5.37
CA TYR A 436 12.53 18.71 4.99
C TYR A 436 13.84 18.05 5.37
N LEU A 437 14.97 18.72 5.11
CA LEU A 437 16.28 18.16 5.43
C LEU A 437 16.44 17.97 6.93
N GLY A 438 15.99 18.95 7.73
CA GLY A 438 16.08 18.81 9.16
C GLY A 438 15.35 17.60 9.68
N TYR A 439 14.18 17.30 9.12
CA TYR A 439 13.45 16.10 9.49
C TYR A 439 14.21 14.84 9.03
N CYS A 440 14.82 14.88 7.86
CA CYS A 440 15.54 13.72 7.36
C CYS A 440 16.67 13.35 8.30
N PHE A 441 17.46 14.32 8.73
CA PHE A 441 18.58 14.05 9.63
C PHE A 441 18.10 13.57 10.99
N CYS A 442 17.06 14.23 11.51
CA CYS A 442 16.49 13.88 12.83
C CYS A 442 15.99 12.42 12.81
N GLY A 443 15.27 12.04 11.76
CA GLY A 443 14.72 10.70 11.67
C GLY A 443 15.78 9.64 11.50
N TRP A 444 16.79 9.92 10.67
CA TRP A 444 17.85 8.95 10.44
C TRP A 444 18.63 8.67 11.72
N ILE A 445 18.96 9.72 12.48
CA ILE A 445 19.77 9.54 13.67
C ILE A 445 18.97 8.83 14.77
N VAL A 446 17.70 9.18 14.92
CA VAL A 446 16.90 8.64 16.01
C VAL A 446 16.26 7.30 15.64
N LEU A 447 15.60 7.23 14.48
CA LEU A 447 14.83 6.04 14.12
C LEU A 447 15.62 5.03 13.30
N GLY A 448 16.84 5.37 12.85
CA GLY A 448 17.65 4.44 12.09
C GLY A 448 17.93 3.13 12.77
N PRO A 449 18.30 3.13 14.06
CA PRO A 449 18.53 1.85 14.74
C PRO A 449 17.31 0.96 14.80
N TYR A 450 16.10 1.51 14.75
CA TYR A 450 14.89 0.76 15.05
C TYR A 450 13.96 0.52 13.88
N HIS A 451 14.02 1.35 12.84
CA HIS A 451 13.04 1.32 11.77
C HIS A 451 13.70 0.91 10.47
N VAL A 452 13.13 -0.10 9.82
CA VAL A 452 13.68 -0.61 8.56
C VAL A 452 13.69 0.44 7.46
N LYS A 453 12.83 1.45 7.55
CA LYS A 453 12.75 2.46 6.52
C LYS A 453 13.68 3.64 6.76
N PHE A 454 14.34 3.72 7.90
CA PHE A 454 15.19 4.84 8.26
C PHE A 454 16.65 4.43 8.36
N ARG A 455 17.06 3.43 7.60
CA ARG A 455 18.40 2.86 7.75
C ARG A 455 19.48 3.76 7.16
N SER A 456 19.23 4.33 5.99
CA SER A 456 20.16 5.23 5.34
C SER A 456 19.47 6.55 5.03
N LEU A 457 20.27 7.58 4.79
CA LEU A 457 19.72 8.91 4.53
C LEU A 457 18.88 8.91 3.26
N SER A 458 19.34 8.26 2.20
CA SER A 458 18.54 8.21 0.97
C SER A 458 17.24 7.44 1.20
N MET A 459 17.28 6.40 2.03
CA MET A 459 16.06 5.70 2.37
C MET A 459 15.11 6.57 3.18
N VAL A 460 15.65 7.39 4.09
CA VAL A 460 14.82 8.29 4.87
C VAL A 460 14.09 9.27 3.96
N SER A 461 14.80 9.85 3.00
CA SER A 461 14.15 10.78 2.08
C SER A 461 13.03 10.11 1.30
N GLU A 462 13.26 8.89 0.83
CA GLU A 462 12.21 8.16 0.11
C GLU A 462 11.02 7.90 1.01
N CYS A 463 11.26 7.55 2.28
CA CYS A 463 10.16 7.34 3.21
C CYS A 463 9.38 8.62 3.45
N LEU A 464 10.07 9.71 3.79
CA LEU A 464 9.38 10.96 4.09
C LEU A 464 8.66 11.52 2.87
N PHE A 465 9.28 11.42 1.70
CA PHE A 465 8.65 11.91 0.47
C PHE A 465 7.37 11.13 0.18
N SER A 466 7.38 9.82 0.39
CA SER A 466 6.17 9.05 0.19
C SER A 466 5.12 9.42 1.23
N LEU A 467 5.53 9.70 2.46
CA LEU A 467 4.57 10.05 3.50
C LEU A 467 3.79 11.29 3.15
N ILE A 468 4.49 12.35 2.71
CA ILE A 468 3.78 13.59 2.41
C ILE A 468 2.89 13.47 1.19
N ASN A 469 3.13 12.48 0.33
CA ASN A 469 2.22 12.20 -0.77
C ASN A 469 1.24 11.09 -0.43
N GLY A 470 1.03 10.83 0.85
CA GLY A 470 0.02 9.90 1.33
C GLY A 470 0.23 8.45 0.99
N ASP A 471 1.46 7.96 1.07
CA ASP A 471 1.74 6.57 0.76
C ASP A 471 2.55 5.91 1.86
N ASP A 472 2.27 4.64 2.11
CA ASP A 472 3.02 3.85 3.10
C ASP A 472 3.03 4.48 4.47
N MET A 473 1.92 5.07 4.85
CA MET A 473 1.85 5.75 6.14
C MET A 473 1.65 4.78 7.30
N PHE A 474 0.70 3.86 7.16
CA PHE A 474 0.36 3.00 8.29
C PHE A 474 1.48 2.03 8.62
N VAL A 475 2.15 1.48 7.60
CA VAL A 475 3.26 0.56 7.85
C VAL A 475 4.38 1.27 8.59
N THR A 476 4.63 2.54 8.27
CA THR A 476 5.64 3.31 8.99
C THR A 476 5.27 3.43 10.47
N PHE A 477 3.99 3.67 10.73
CA PHE A 477 3.51 3.78 12.14
C PHE A 477 3.52 2.38 12.78
N ALA A 478 3.19 1.33 12.02
CA ALA A 478 3.14 -0.02 12.55
C ALA A 478 4.51 -0.51 12.97
N ALA A 479 5.54 -0.20 12.19
CA ALA A 479 6.89 -0.67 12.52
C ALA A 479 7.31 -0.20 13.90
N MET A 480 6.90 1.03 14.23
CA MET A 480 7.27 1.62 15.54
C MET A 480 6.32 1.12 16.64
N GLN A 481 5.24 0.44 16.28
CA GLN A 481 4.30 -0.09 17.31
C GLN A 481 4.70 -1.53 17.64
N ALA A 482 5.32 -2.24 16.69
CA ALA A 482 5.79 -3.63 16.92
C ALA A 482 6.59 -3.78 18.24
N GLN A 483 7.80 -3.22 18.31
CA GLN A 483 8.68 -3.39 19.51
C GLN A 483 8.83 -2.04 20.21
N GLN A 484 8.23 -0.99 19.65
CA GLN A 484 8.24 0.38 20.16
C GLN A 484 9.65 0.97 20.15
N GLY A 485 10.48 0.50 19.23
CA GLY A 485 11.87 0.87 19.27
C GLY A 485 12.55 0.42 20.54
N HIS A 486 11.98 -0.59 21.20
CA HIS A 486 12.49 -1.09 22.47
C HIS A 486 12.73 0.05 23.47
N SER A 487 11.87 1.06 23.43
CA SER A 487 11.98 2.17 24.35
C SER A 487 10.73 3.06 24.30
N SER A 488 10.15 3.36 25.45
CA SER A 488 9.00 4.26 25.48
C SER A 488 9.39 5.65 25.00
N LEU A 489 10.56 6.12 25.40
CA LEU A 489 11.01 7.44 24.96
C LEU A 489 11.12 7.51 23.45
N VAL A 490 11.74 6.50 22.83
CA VAL A 490 11.87 6.50 21.39
C VAL A 490 10.50 6.37 20.72
N TRP A 491 9.62 5.53 21.26
CA TRP A 491 8.29 5.39 20.68
C TRP A 491 7.53 6.71 20.75
N LEU A 492 7.63 7.41 21.89
CA LEU A 492 6.93 8.71 22.06
C LEU A 492 7.48 9.71 21.05
N PHE A 493 8.81 9.72 20.86
CA PHE A 493 9.41 10.64 19.91
C PHE A 493 8.93 10.34 18.49
N SER A 494 8.87 9.07 18.11
CA SER A 494 8.39 8.73 16.77
C SER A 494 6.98 9.24 16.55
N GLN A 495 6.16 9.27 17.59
CA GLN A 495 4.81 9.80 17.45
C GLN A 495 4.84 11.29 17.11
N LEU A 496 5.55 12.08 17.91
CA LEU A 496 5.64 13.52 17.62
C LEU A 496 6.30 13.76 16.28
N TYR A 497 7.34 13.00 15.98
CA TYR A 497 8.08 13.17 14.73
C TYR A 497 7.18 12.96 13.52
N LEU A 498 6.46 11.84 13.48
CA LEU A 498 5.66 11.50 12.32
C LEU A 498 4.38 12.33 12.24
N TYR A 499 3.72 12.56 13.37
CA TYR A 499 2.48 13.32 13.34
C TYR A 499 2.72 14.76 12.94
N SER A 500 3.78 15.38 13.46
CA SER A 500 4.07 16.77 13.12
C SER A 500 4.54 16.89 11.67
N PHE A 501 5.38 15.96 11.21
CA PHE A 501 5.87 16.04 9.84
C PHE A 501 4.73 15.92 8.83
N ILE A 502 3.90 14.89 9.02
CA ILE A 502 2.81 14.67 8.03
C ILE A 502 1.82 15.83 8.11
N SER A 503 1.44 16.26 9.32
CA SER A 503 0.48 17.34 9.47
C SER A 503 1.00 18.62 8.83
N LEU A 504 2.25 18.96 9.11
CA LEU A 504 2.82 20.18 8.56
C LEU A 504 2.86 20.16 7.04
N PHE A 505 3.39 19.09 6.45
CA PHE A 505 3.66 19.10 5.03
C PHE A 505 2.42 18.89 4.19
N ILE A 506 1.45 18.13 4.68
CA ILE A 506 0.24 17.90 3.91
C ILE A 506 -0.73 19.06 4.05
N TYR A 507 -0.96 19.51 5.28
CA TYR A 507 -2.02 20.50 5.50
C TYR A 507 -1.57 21.93 5.23
N MET A 508 -0.28 22.22 5.33
CA MET A 508 0.20 23.58 5.13
C MET A 508 1.05 23.71 3.88
N VAL A 509 2.12 22.94 3.76
CA VAL A 509 3.03 23.09 2.62
C VAL A 509 2.33 22.72 1.32
N LEU A 510 1.62 21.60 1.32
CA LEU A 510 0.93 21.17 0.11
C LEU A 510 -0.18 22.17 -0.23
N SER A 511 -0.83 22.70 0.80
CA SER A 511 -1.92 23.67 0.55
C SER A 511 -1.36 24.97 -0.06
N LEU A 512 -0.11 25.32 0.28
CA LEU A 512 0.51 26.50 -0.33
C LEU A 512 0.83 26.28 -1.79
N PHE A 513 1.27 25.08 -2.16
CA PHE A 513 1.51 24.80 -3.57
C PHE A 513 0.25 25.00 -4.39
N ILE A 514 -0.90 24.56 -3.87
CA ILE A 514 -2.17 24.79 -4.56
C ILE A 514 -2.43 26.29 -4.70
N ALA A 515 -2.19 27.06 -3.64
CA ALA A 515 -2.43 28.49 -3.66
C ALA A 515 -1.56 29.20 -4.68
N LEU A 516 -0.28 28.83 -4.76
CA LEU A 516 0.62 29.47 -5.72
C LEU A 516 0.13 29.27 -7.15
N ILE A 517 -0.31 28.05 -7.47
CA ILE A 517 -0.80 27.76 -8.82
C ILE A 517 -2.11 28.50 -9.08
N THR A 518 -3.02 28.50 -8.11
CA THR A 518 -4.28 29.19 -8.30
C THR A 518 -4.07 30.69 -8.47
N GLY A 519 -3.12 31.26 -7.73
CA GLY A 519 -2.79 32.66 -7.93
C GLY A 519 -2.22 32.95 -9.30
N ALA A 520 -1.32 32.07 -9.77
CA ALA A 520 -0.80 32.22 -11.13
C ALA A 520 -1.91 32.12 -12.16
N TYR A 521 -2.85 31.21 -11.97
CA TYR A 521 -3.97 31.09 -12.90
C TYR A 521 -4.83 32.34 -12.89
N ASP A 522 -5.09 32.89 -11.71
CA ASP A 522 -5.92 34.09 -11.60
C ASP A 522 -5.32 35.24 -12.38
N THR A 523 -4.00 35.41 -12.34
CA THR A 523 -3.38 36.53 -13.03
C THR A 523 -3.36 36.32 -14.54
N ILE A 524 -3.16 35.09 -14.99
CA ILE A 524 -3.22 34.82 -16.43
C ILE A 524 -4.63 35.07 -16.96
N LYS A 525 -5.65 34.61 -16.22
CA LYS A 525 -7.03 34.84 -16.65
C LYS A 525 -7.38 36.33 -16.62
N HIS A 526 -6.94 37.05 -15.59
CA HIS A 526 -7.36 38.43 -15.35
C HIS A 526 -6.14 39.33 -15.25
N PRO A 527 -5.56 39.71 -16.39
CA PRO A 527 -4.40 40.61 -16.46
C PRO A 527 -4.76 42.06 -16.12
N ASP B 40 17.44 61.10 21.82
CA ASP B 40 16.42 60.20 22.35
C ASP B 40 16.82 58.74 22.16
N LEU B 41 15.82 57.88 22.02
CA LEU B 41 16.04 56.46 21.80
C LEU B 41 15.52 55.95 20.47
N ARG B 42 14.70 56.73 19.76
CA ARG B 42 14.21 56.28 18.46
C ARG B 42 15.35 55.88 17.55
N ARG B 43 16.52 56.51 17.71
CA ARG B 43 17.70 56.04 16.98
C ARG B 43 18.13 54.66 17.46
N ARG B 44 18.11 54.44 18.77
CA ARG B 44 18.44 53.12 19.30
C ARG B 44 17.44 52.07 18.81
N LEU B 45 16.15 52.34 19.00
CA LEU B 45 15.13 51.41 18.56
C LEU B 45 15.07 51.28 17.04
N LYS B 46 15.68 52.20 16.31
CA LYS B 46 15.74 52.08 14.86
C LYS B 46 16.77 51.03 14.45
N TYR B 47 17.95 51.05 15.10
CA TYR B 47 18.99 50.00 14.83
C TYR B 47 18.39 48.66 15.20
N PHE B 48 17.89 48.52 16.42
CA PHE B 48 17.10 47.36 16.75
C PHE B 48 15.91 47.29 15.79
N PHE B 49 15.45 46.07 15.46
CA PHE B 49 14.32 45.84 14.50
C PHE B 49 14.71 46.23 13.08
N MET B 50 16.01 46.25 12.76
CA MET B 50 16.46 46.53 11.37
C MET B 50 16.98 45.24 10.74
N SER B 51 17.01 45.18 9.40
CA SER B 51 17.57 44.04 8.71
C SER B 51 19.09 43.99 8.90
N PRO B 52 19.68 42.81 8.94
CA PRO B 52 21.15 42.73 9.06
C PRO B 52 21.87 43.47 7.94
N CYS B 53 21.36 43.42 6.70
CA CYS B 53 22.00 44.15 5.61
C CYS B 53 22.01 45.63 5.90
N ASP B 54 20.89 46.18 6.38
CA ASP B 54 20.86 47.59 6.76
C ASP B 54 21.81 47.85 7.92
N LYS B 55 21.86 46.94 8.90
CA LYS B 55 22.72 47.11 10.04
C LYS B 55 24.19 47.27 9.66
N PHE B 56 24.57 46.76 8.48
CA PHE B 56 25.99 46.79 8.02
C PHE B 56 26.35 48.18 7.46
N ARG B 57 25.36 48.96 7.03
CA ARG B 57 25.62 50.32 6.58
C ARG B 57 25.72 51.28 7.76
N ALA B 58 24.86 51.08 8.77
CA ALA B 58 24.94 51.91 9.99
C ALA B 58 26.03 51.35 10.92
N LYS B 59 27.12 52.09 11.13
CA LYS B 59 28.23 51.69 12.06
C LYS B 59 29.09 50.58 11.45
N GLY B 60 28.70 50.02 10.29
CA GLY B 60 29.52 49.00 9.61
C GLY B 60 29.92 47.85 10.52
N ARG B 61 28.97 47.34 11.33
CA ARG B 61 29.28 46.21 12.24
C ARG B 61 29.39 44.91 11.44
N LYS B 62 30.52 44.21 11.61
CA LYS B 62 30.73 42.97 10.88
C LYS B 62 29.65 41.97 11.23
N PRO B 63 29.13 41.20 10.28
CA PRO B 63 28.19 40.13 10.63
C PRO B 63 28.91 38.97 11.30
N CYS B 64 28.77 38.86 12.62
CA CYS B 64 29.47 37.84 13.38
C CYS B 64 28.58 36.67 13.75
N LYS B 65 27.38 36.93 14.27
CA LYS B 65 26.44 35.85 14.52
C LYS B 65 26.03 35.16 13.22
N LEU B 66 25.83 35.95 12.16
CA LEU B 66 25.37 35.36 10.91
C LEU B 66 26.37 34.36 10.36
N MET B 67 27.67 34.69 10.47
CA MET B 67 28.71 33.78 9.94
C MET B 67 28.93 32.61 10.92
N LEU B 68 28.73 32.83 12.22
CA LEU B 68 28.88 31.76 13.19
C LEU B 68 27.70 30.79 13.10
N GLN B 69 26.51 31.27 12.74
CA GLN B 69 25.40 30.37 12.53
C GLN B 69 25.63 29.47 11.34
N VAL B 70 26.17 30.01 10.24
CA VAL B 70 26.42 29.20 9.06
C VAL B 70 27.53 28.18 9.34
N VAL B 71 28.53 28.58 10.10
CA VAL B 71 29.55 27.62 10.54
C VAL B 71 28.91 26.55 11.41
N LYS B 72 28.04 26.96 12.33
CA LYS B 72 27.43 26.01 13.26
C LYS B 72 26.53 25.02 12.54
N ILE B 73 25.80 25.46 11.53
CA ILE B 73 24.99 24.53 10.75
C ILE B 73 25.87 23.46 10.13
N LEU B 74 27.07 23.85 9.70
CA LEU B 74 27.95 22.87 9.00
C LEU B 74 28.54 21.86 9.98
N VAL B 75 28.91 22.28 11.20
CA VAL B 75 29.62 21.38 12.10
C VAL B 75 28.65 20.42 12.79
N VAL B 76 27.47 20.91 13.20
CA VAL B 76 26.53 19.99 13.85
C VAL B 76 25.97 19.00 12.85
N THR B 77 25.85 19.39 11.59
CA THR B 77 25.35 18.47 10.58
C THR B 77 26.38 17.38 10.28
N VAL B 78 27.66 17.76 10.19
CA VAL B 78 28.71 16.78 9.96
C VAL B 78 28.89 15.89 11.19
N GLN B 79 28.76 16.47 12.38
CA GLN B 79 28.87 15.66 13.60
C GLN B 79 27.79 14.60 13.67
N LEU B 80 26.55 14.96 13.32
CA LEU B 80 25.46 14.00 13.34
C LEU B 80 25.68 12.92 12.29
N ILE B 81 26.16 13.29 11.11
CA ILE B 81 26.41 12.29 10.07
C ILE B 81 27.48 11.31 10.54
N LEU B 82 28.53 11.81 11.18
CA LEU B 82 29.57 10.92 11.71
C LEU B 82 29.00 10.02 12.79
N PHE B 83 28.20 10.58 13.70
CA PHE B 83 27.56 9.77 14.73
C PHE B 83 26.70 8.67 14.10
N GLY B 84 25.90 9.03 13.09
CA GLY B 84 24.99 8.07 12.50
C GLY B 84 25.70 6.97 11.73
N LEU B 85 26.76 7.33 11.02
CA LEU B 85 27.48 6.32 10.23
C LEU B 85 28.08 5.25 11.14
N SER B 86 28.68 5.67 12.26
CA SER B 86 29.26 4.70 13.18
C SER B 86 28.19 3.94 13.94
N ASN B 87 27.07 4.58 14.24
CA ASN B 87 25.98 3.91 14.95
C ASN B 87 25.35 2.84 14.08
N GLN B 88 25.30 3.06 12.76
CA GLN B 88 24.79 2.04 11.86
C GLN B 88 25.64 0.78 11.95
N LEU B 89 26.96 0.93 11.97
CA LEU B 89 27.84 -0.23 12.01
C LEU B 89 27.60 -1.07 13.26
N VAL B 90 27.43 -0.42 14.40
CA VAL B 90 27.16 -1.15 15.63
C VAL B 90 25.80 -1.83 15.57
N VAL B 91 24.80 -1.13 15.03
CA VAL B 91 23.45 -1.69 14.97
C VAL B 91 23.42 -2.93 14.10
N THR B 92 24.08 -2.89 12.94
CA THR B 92 24.09 -4.04 12.05
C THR B 92 24.80 -5.23 12.68
N PHE B 93 25.91 -5.00 13.37
CA PHE B 93 26.61 -6.10 14.01
C PHE B 93 25.75 -6.74 15.10
N ARG B 94 25.11 -5.92 15.92
CA ARG B 94 24.23 -6.45 16.96
C ARG B 94 23.07 -7.21 16.36
N GLU B 95 22.49 -6.69 15.28
CA GLU B 95 21.34 -7.35 14.67
C GLU B 95 21.73 -8.64 13.97
N GLU B 96 22.85 -8.64 13.25
CA GLU B 96 23.27 -9.85 12.55
C GLU B 96 23.58 -10.97 13.53
N ASN B 97 24.19 -10.65 14.66
CA ASN B 97 24.48 -11.67 15.66
C ASN B 97 23.20 -12.23 16.27
N THR B 98 22.21 -11.36 16.51
CA THR B 98 20.97 -11.83 17.12
C THR B 98 20.20 -12.75 16.18
N ILE B 99 20.28 -12.50 14.87
CA ILE B 99 19.66 -13.40 13.90
C ILE B 99 20.31 -14.77 13.98
N ALA B 100 21.65 -14.80 14.04
CA ALA B 100 22.35 -16.07 14.15
C ALA B 100 21.96 -16.82 15.42
N PHE B 101 21.89 -16.13 16.54
CA PHE B 101 21.50 -16.79 17.79
C PHE B 101 20.13 -17.46 17.63
N ARG B 102 19.20 -16.80 16.96
CA ARG B 102 17.88 -17.39 16.72
C ARG B 102 17.99 -18.65 15.89
N HIS B 103 18.82 -18.63 14.85
CA HIS B 103 19.03 -19.84 14.06
C HIS B 103 19.82 -20.88 14.82
N LEU B 104 20.70 -20.46 15.72
CA LEU B 104 21.53 -21.40 16.47
C LEU B 104 20.76 -22.07 17.60
N PHE B 105 19.85 -21.33 18.27
CA PHE B 105 19.28 -21.80 19.53
C PHE B 105 17.78 -22.07 19.50
N LEU B 106 17.06 -21.62 18.48
CA LEU B 106 15.61 -21.78 18.42
C LEU B 106 15.25 -22.90 17.45
N LEU B 107 14.64 -23.95 17.98
CA LEU B 107 14.39 -25.17 17.20
C LEU B 107 13.39 -24.91 16.09
N GLY B 108 13.77 -25.25 14.86
CA GLY B 108 12.88 -25.08 13.73
C GLY B 108 12.60 -23.65 13.35
N TYR B 109 13.50 -22.73 13.67
CA TYR B 109 13.24 -21.32 13.42
C TYR B 109 13.51 -20.96 11.97
N SER B 110 12.63 -20.14 11.41
CA SER B 110 12.81 -19.59 10.08
C SER B 110 12.55 -18.09 10.11
N ASP B 111 13.23 -17.37 9.22
CA ASP B 111 13.07 -15.93 9.17
C ASP B 111 11.63 -15.56 8.84
N GLY B 112 11.15 -14.50 9.48
CA GLY B 112 9.81 -14.00 9.28
C GLY B 112 8.80 -14.51 10.28
N SER B 113 9.10 -15.59 10.99
CA SER B 113 8.20 -16.15 12.00
C SER B 113 8.66 -15.79 13.42
N ASP B 114 8.74 -14.49 13.70
CA ASP B 114 9.13 -14.06 15.03
C ASP B 114 7.94 -13.86 15.94
N ASP B 115 6.89 -13.22 15.42
CA ASP B 115 5.66 -12.96 16.22
C ASP B 115 4.87 -14.26 16.36
N THR B 116 5.00 -15.18 15.40
CA THR B 116 4.18 -16.42 15.40
C THR B 116 4.91 -17.57 16.10
N PHE B 117 6.24 -17.50 16.21
CA PHE B 117 7.03 -18.62 16.80
C PHE B 117 6.47 -19.01 18.17
N ALA B 118 5.90 -20.23 18.29
CA ALA B 118 5.32 -20.65 19.55
C ALA B 118 5.24 -22.16 19.59
N ALA B 119 5.12 -22.69 20.80
CA ALA B 119 4.91 -24.11 21.04
C ALA B 119 3.48 -24.36 21.52
N TYR B 120 2.93 -25.50 21.13
CA TYR B 120 1.54 -25.81 21.40
C TYR B 120 1.30 -27.11 22.14
N THR B 121 2.33 -27.92 22.36
CA THR B 121 2.16 -29.19 23.06
C THR B 121 3.29 -29.33 24.06
N GLN B 122 3.12 -30.24 25.02
CA GLN B 122 4.13 -30.42 26.06
C GLN B 122 5.45 -30.88 25.46
N GLU B 123 5.40 -31.75 24.46
CA GLU B 123 6.64 -32.28 23.89
C GLU B 123 7.35 -31.25 23.02
N GLN B 124 6.60 -30.41 22.32
CA GLN B 124 7.24 -29.32 21.58
C GLN B 124 8.01 -28.40 22.52
N LEU B 125 7.40 -28.05 23.66
CA LEU B 125 8.09 -27.19 24.62
C LEU B 125 9.36 -27.84 25.14
N TYR B 126 9.29 -29.14 25.48
CA TYR B 126 10.48 -29.84 25.93
C TYR B 126 11.56 -29.85 24.86
N GLN B 127 11.18 -30.13 23.62
CA GLN B 127 12.17 -30.22 22.55
C GLN B 127 12.81 -28.88 22.27
N ALA B 128 12.03 -27.80 22.33
CA ALA B 128 12.59 -26.47 22.12
C ALA B 128 13.56 -26.09 23.22
N ILE B 129 13.26 -26.46 24.47
CA ILE B 129 14.14 -26.12 25.57
C ILE B 129 15.44 -26.92 25.47
N PHE B 130 15.34 -28.22 25.26
CA PHE B 130 16.53 -29.05 25.21
C PHE B 130 17.40 -28.71 24.02
N TYR B 131 16.79 -28.32 22.90
CA TYR B 131 17.56 -27.91 21.74
C TYR B 131 18.43 -26.69 22.07
N ALA B 132 17.87 -25.71 22.74
CA ALA B 132 18.63 -24.51 23.08
C ALA B 132 19.83 -24.85 23.94
N VAL B 133 19.63 -25.67 24.97
CA VAL B 133 20.73 -26.03 25.85
C VAL B 133 21.72 -26.94 25.13
N ASP B 134 21.21 -27.88 24.34
CA ASP B 134 22.09 -28.77 23.60
C ASP B 134 22.96 -27.99 22.62
N GLN B 135 22.39 -26.99 21.96
CA GLN B 135 23.16 -26.20 20.99
C GLN B 135 24.18 -25.31 21.68
N TYR B 136 23.88 -24.86 22.89
CA TYR B 136 24.84 -24.05 23.65
C TYR B 136 26.07 -24.86 24.02
N LEU B 137 25.91 -26.15 24.29
CA LEU B 137 27.02 -26.97 24.75
C LEU B 137 27.95 -27.40 23.63
N ILE B 138 27.52 -27.33 22.38
CA ILE B 138 28.38 -27.62 21.24
C ILE B 138 28.64 -26.37 20.40
N LEU B 139 28.40 -25.19 20.96
CA LEU B 139 28.53 -23.96 20.19
C LEU B 139 29.89 -23.79 19.56
N PRO B 140 31.01 -24.07 20.23
CA PRO B 140 32.31 -23.86 19.57
C PRO B 140 32.48 -24.61 18.27
N GLU B 141 31.98 -25.83 18.17
CA GLU B 141 32.25 -26.67 17.01
C GLU B 141 31.19 -26.58 15.92
N ILE B 142 30.17 -25.75 16.08
CA ILE B 142 29.14 -25.63 15.04
C ILE B 142 29.00 -24.21 14.54
N SER B 143 29.22 -23.22 15.40
CA SER B 143 28.92 -21.85 15.04
C SER B 143 29.93 -21.30 14.04
N LEU B 144 29.48 -20.34 13.24
CA LEU B 144 30.36 -19.66 12.29
C LEU B 144 31.03 -18.44 12.90
N GLY B 145 30.47 -17.87 13.95
CA GLY B 145 31.14 -16.83 14.68
C GLY B 145 31.99 -17.39 15.80
N ARG B 146 32.92 -16.56 16.28
CA ARG B 146 33.81 -16.94 17.38
C ARG B 146 33.22 -16.46 18.69
N TYR B 147 32.45 -17.32 19.35
CA TYR B 147 31.79 -16.97 20.60
C TYR B 147 32.48 -17.68 21.76
N ALA B 148 32.77 -16.93 22.80
CA ALA B 148 33.39 -17.46 24.00
C ALA B 148 32.38 -17.55 25.12
N TYR B 149 32.46 -18.63 25.89
CA TYR B 149 31.61 -18.76 27.06
C TYR B 149 32.02 -17.75 28.12
N VAL B 150 31.02 -17.07 28.69
CA VAL B 150 31.33 -16.12 29.80
C VAL B 150 31.01 -16.84 31.12
N ARG B 151 32.04 -17.36 31.78
CA ARG B 151 31.85 -18.08 33.02
C ARG B 151 31.13 -17.20 34.05
N GLY B 152 30.10 -17.78 34.66
CA GLY B 152 29.31 -17.01 35.60
C GLY B 152 28.38 -15.99 34.98
N GLY B 153 28.02 -16.18 33.72
CA GLY B 153 27.15 -15.26 33.01
C GLY B 153 25.67 -15.56 33.08
N GLY B 154 25.26 -16.55 33.86
CA GLY B 154 23.86 -16.92 33.91
C GLY B 154 22.96 -15.97 34.67
N GLY B 155 23.54 -14.97 35.31
CA GLY B 155 22.76 -13.98 36.05
C GLY B 155 22.64 -14.33 37.51
N PRO B 156 21.76 -13.62 38.22
CA PRO B 156 21.61 -13.90 39.66
C PRO B 156 21.24 -15.33 39.96
N TRP B 157 20.35 -15.91 39.15
CA TRP B 157 19.88 -17.30 39.38
C TRP B 157 21.06 -18.28 39.28
N ALA B 158 22.10 -17.91 38.54
CA ALA B 158 23.25 -18.83 38.34
C ALA B 158 24.13 -18.89 39.58
N ASN B 159 24.57 -20.08 39.96
CA ASN B 159 25.50 -20.22 41.11
C ASN B 159 26.92 -20.40 40.54
N GLY B 160 27.43 -19.37 39.86
CA GLY B 160 28.75 -19.47 39.21
C GLY B 160 28.65 -20.19 37.87
N SER B 161 27.44 -20.56 37.47
CA SER B 161 27.24 -21.30 36.19
C SER B 161 27.17 -20.31 35.03
N ALA B 162 27.50 -20.77 33.82
CA ALA B 162 27.42 -19.90 32.63
C ALA B 162 26.03 -19.90 31.99
N LEU B 163 25.20 -20.92 32.26
CA LEU B 163 23.85 -20.93 31.72
C LEU B 163 22.86 -21.32 32.79
N ALA B 164 21.82 -20.47 32.95
CA ALA B 164 20.77 -20.71 33.97
C ALA B 164 19.44 -21.06 33.30
N LEU B 165 18.95 -22.27 33.51
CA LEU B 165 17.67 -22.72 32.98
C LEU B 165 16.65 -22.65 34.10
N CYS B 166 15.79 -21.65 34.07
CA CYS B 166 14.83 -21.39 35.14
C CYS B 166 13.42 -21.66 34.66
N GLN B 167 12.61 -22.26 35.52
CA GLN B 167 11.17 -22.36 35.33
C GLN B 167 10.48 -21.71 36.52
N ARG B 168 9.43 -20.94 36.25
CA ARG B 168 8.72 -20.18 37.27
C ARG B 168 7.26 -20.60 37.30
N TYR B 169 6.75 -20.86 38.49
CA TYR B 169 5.38 -21.33 38.66
C TYR B 169 4.83 -20.78 39.96
N TYR B 170 3.50 -20.82 40.09
CA TYR B 170 2.85 -20.42 41.32
C TYR B 170 3.12 -21.44 42.43
N HIS B 171 3.05 -20.96 43.68
CA HIS B 171 3.27 -21.86 44.80
C HIS B 171 2.20 -22.93 44.86
N ARG B 172 0.96 -22.51 44.64
CA ARG B 172 -0.17 -23.46 44.62
C ARG B 172 -0.95 -23.21 43.33
N GLY B 173 -0.99 -24.19 42.44
CA GLY B 173 -1.85 -24.10 41.28
C GLY B 173 -3.25 -24.62 41.51
N HIS B 174 -3.36 -25.92 41.73
CA HIS B 174 -4.63 -26.61 41.97
C HIS B 174 -5.74 -26.05 41.07
N VAL B 175 -5.50 -26.09 39.77
CA VAL B 175 -6.48 -25.68 38.77
C VAL B 175 -7.27 -26.90 38.34
N ASP B 176 -8.60 -26.82 38.45
CA ASP B 176 -9.47 -27.93 38.07
C ASP B 176 -10.71 -27.42 37.37
N PRO B 177 -10.66 -27.26 36.05
CA PRO B 177 -11.86 -26.83 35.31
C PRO B 177 -12.99 -27.84 35.35
N ALA B 178 -12.71 -29.07 35.79
CA ALA B 178 -13.77 -30.11 35.79
C ALA B 178 -14.88 -29.74 36.78
N ASN B 179 -14.52 -29.15 37.93
CA ASN B 179 -15.56 -28.70 38.89
C ASN B 179 -15.31 -27.25 39.33
N ASP B 180 -14.61 -26.46 38.51
CA ASP B 180 -14.42 -25.00 38.79
C ASP B 180 -13.84 -24.76 40.18
N THR B 181 -12.73 -25.42 40.53
CA THR B 181 -12.04 -25.26 41.80
C THR B 181 -10.65 -24.68 41.58
N PHE B 182 -10.33 -23.63 42.33
CA PHE B 182 -9.10 -22.88 41.97
C PHE B 182 -8.23 -22.49 43.17
N ASP B 183 -7.95 -23.43 44.06
CA ASP B 183 -7.03 -23.16 45.17
C ASP B 183 -5.67 -22.75 44.62
N ILE B 184 -5.30 -21.48 44.81
CA ILE B 184 -4.12 -20.92 44.15
C ILE B 184 -3.43 -19.93 45.09
N ASP B 185 -2.10 -20.01 45.16
CA ASP B 185 -1.30 -19.03 45.93
C ASP B 185 -0.41 -18.34 44.89
N PRO B 186 -0.73 -17.10 44.46
CA PRO B 186 0.03 -16.44 43.38
C PRO B 186 1.54 -16.23 43.60
N ARG B 187 2.06 -16.53 44.80
CA ARG B 187 3.50 -16.40 45.00
C ARG B 187 4.32 -17.14 43.93
N VAL B 188 5.27 -16.45 43.33
CA VAL B 188 6.08 -17.01 42.26
C VAL B 188 7.26 -17.76 42.85
N VAL B 189 7.39 -19.03 42.48
CA VAL B 189 8.50 -19.88 42.91
C VAL B 189 9.38 -20.11 41.71
N THR B 190 10.64 -19.66 41.83
CA THR B 190 11.63 -19.85 40.73
C THR B 190 12.46 -21.10 40.98
N ASP B 191 12.43 -22.03 40.04
CA ASP B 191 13.21 -23.27 40.10
C ASP B 191 14.27 -23.21 39.02
N CYS B 192 15.52 -23.17 39.42
CA CYS B 192 16.63 -22.91 38.51
C CYS B 192 17.56 -24.10 38.45
N ILE B 193 18.10 -24.35 37.26
CA ILE B 193 19.04 -25.43 37.01
C ILE B 193 20.32 -24.83 36.47
N GLN B 194 21.46 -25.27 37.04
CA GLN B 194 22.79 -24.73 36.64
C GLN B 194 23.44 -25.63 35.58
N VAL B 195 23.78 -25.05 34.42
CA VAL B 195 24.43 -25.78 33.34
C VAL B 195 25.78 -25.12 33.10
N ASP B 196 26.83 -25.95 33.03
CA ASP B 196 28.21 -25.42 32.85
C ASP B 196 28.76 -25.90 31.51
N PRO B 197 29.43 -25.03 30.72
CA PRO B 197 29.98 -25.40 29.42
C PRO B 197 31.12 -26.43 29.49
N PRO B 198 31.31 -27.28 28.45
CA PRO B 198 32.38 -28.28 28.44
C PRO B 198 33.77 -27.65 28.36
N ASP B 199 34.73 -28.15 29.15
CA ASP B 199 36.10 -27.63 29.11
C ASP B 199 36.77 -28.15 27.85
N ARG B 200 36.94 -27.26 26.85
CA ARG B 200 37.56 -27.63 25.55
C ARG B 200 36.97 -28.95 25.04
N ALA B 216 24.16 -34.95 32.18
CA ALA B 216 23.29 -33.82 31.83
C ALA B 216 22.12 -33.73 32.80
N SER B 217 22.23 -32.82 33.76
CA SER B 217 21.18 -32.66 34.75
C SER B 217 19.96 -31.94 34.19
N TYR B 218 20.13 -31.15 33.13
CA TYR B 218 19.01 -30.40 32.59
C TYR B 218 18.02 -31.31 31.88
N LYS B 219 18.48 -32.41 31.29
CA LYS B 219 17.56 -33.32 30.64
C LYS B 219 16.56 -33.92 31.62
N ASN B 220 16.89 -33.86 32.92
CA ASN B 220 15.96 -34.35 33.96
C ASN B 220 15.07 -33.19 34.40
N LEU B 221 14.52 -32.43 33.45
CA LEU B 221 13.68 -31.25 33.79
C LEU B 221 12.21 -31.62 33.71
N THR B 222 11.45 -31.39 34.79
CA THR B 222 10.02 -31.60 34.75
C THR B 222 9.32 -30.26 34.89
N LEU B 223 8.46 -29.94 33.94
CA LEU B 223 7.77 -28.66 33.95
C LEU B 223 6.40 -28.80 34.59
N LYS B 224 6.08 -27.88 35.49
CA LYS B 224 4.78 -27.85 36.15
C LYS B 224 3.81 -27.08 35.26
N PHE B 225 3.30 -27.78 34.25
CA PHE B 225 2.54 -27.12 33.19
C PHE B 225 1.28 -26.43 33.73
N HIS B 226 0.56 -27.09 34.63
CA HIS B 226 -0.71 -26.56 35.10
C HIS B 226 -0.53 -25.21 35.79
N LYS B 227 0.61 -24.99 36.43
CA LYS B 227 0.86 -23.79 37.20
C LYS B 227 2.01 -22.95 36.63
N LEU B 228 2.48 -23.29 35.44
CA LEU B 228 3.68 -22.67 34.90
C LEU B 228 3.43 -21.24 34.47
N ILE B 229 4.42 -20.38 34.69
CA ILE B 229 4.37 -18.98 34.26
C ILE B 229 5.27 -18.74 33.05
N ASN B 230 6.55 -19.06 33.18
CA ASN B 230 7.46 -19.02 32.03
C ASN B 230 8.67 -19.88 32.32
N VAL B 231 9.41 -20.17 31.26
CA VAL B 231 10.73 -20.78 31.35
C VAL B 231 11.70 -19.83 30.66
N THR B 232 12.84 -19.58 31.27
CA THR B 232 13.82 -18.68 30.70
C THR B 232 15.18 -19.38 30.66
N ILE B 233 15.94 -19.08 29.62
CA ILE B 233 17.32 -19.52 29.48
C ILE B 233 18.17 -18.27 29.41
N HIS B 234 19.13 -18.15 30.32
CA HIS B 234 20.01 -17.00 30.38
C HIS B 234 21.45 -17.46 30.20
N PHE B 235 22.18 -16.81 29.31
CA PHE B 235 23.61 -17.03 29.21
C PHE B 235 24.23 -15.87 28.45
N GLN B 236 25.55 -15.81 28.46
CA GLN B 236 26.29 -14.74 27.82
C GLN B 236 27.30 -15.32 26.85
N LEU B 237 27.55 -14.58 25.78
CA LEU B 237 28.53 -14.96 24.77
C LEU B 237 29.39 -13.75 24.44
N LYS B 238 30.70 -13.96 24.43
CA LYS B 238 31.66 -12.86 24.15
C LYS B 238 32.21 -13.03 22.74
N THR B 239 32.19 -11.96 21.94
CA THR B 239 32.74 -11.97 20.60
C THR B 239 33.50 -10.67 20.38
N ILE B 240 34.30 -10.64 19.33
CA ILE B 240 35.09 -9.48 18.96
C ILE B 240 34.62 -9.01 17.59
N ASN B 241 34.33 -7.72 17.45
CA ASN B 241 33.95 -7.16 16.16
C ASN B 241 35.19 -7.02 15.31
N LEU B 242 35.44 -8.04 14.48
CA LEU B 242 36.70 -8.05 13.68
C LEU B 242 36.75 -6.79 12.80
N GLN B 243 35.63 -6.39 12.19
CA GLN B 243 35.67 -5.23 11.30
C GLN B 243 36.38 -4.05 11.96
N SER B 244 36.15 -3.86 13.25
CA SER B 244 36.73 -2.71 13.95
C SER B 244 38.25 -2.77 13.94
N LEU B 245 38.81 -3.96 14.17
CA LEU B 245 40.30 -4.09 14.26
C LEU B 245 40.96 -3.86 12.89
N ILE B 246 40.19 -3.98 11.81
CA ILE B 246 40.75 -3.75 10.44
C ILE B 246 40.35 -2.35 9.98
N ASN B 247 39.06 -2.02 10.05
CA ASN B 247 38.59 -0.70 9.55
C ASN B 247 39.17 0.46 10.36
N ASN B 248 38.90 0.54 11.67
CA ASN B 248 39.37 1.75 12.42
C ASN B 248 40.37 1.35 13.49
N GLU B 249 40.88 0.11 13.45
CA GLU B 249 41.81 -0.39 14.51
C GLU B 249 41.21 -0.04 15.88
N ILE B 250 39.91 -0.27 16.05
CA ILE B 250 39.22 0.13 17.32
C ILE B 250 39.01 -1.11 18.18
N PRO B 251 39.38 -1.12 19.50
CA PRO B 251 39.10 -2.27 20.36
C PRO B 251 37.60 -2.37 20.67
N ASP B 252 36.97 -3.49 20.32
CA ASP B 252 35.49 -3.63 20.50
C ASP B 252 35.15 -5.06 20.93
N CYS B 253 35.20 -5.36 22.24
CA CYS B 253 34.75 -6.71 22.68
C CYS B 253 33.27 -6.63 23.07
N TYR B 254 32.39 -7.29 22.30
CA TYR B 254 30.98 -7.30 22.62
C TYR B 254 30.69 -8.41 23.60
N THR B 255 29.75 -8.16 24.51
CA THR B 255 29.20 -9.21 25.35
C THR B 255 27.70 -9.27 25.11
N PHE B 256 27.21 -10.44 24.75
CA PHE B 256 25.79 -10.64 24.46
C PHE B 256 25.14 -11.36 25.63
N SER B 257 24.09 -10.75 26.18
CA SER B 257 23.27 -11.41 27.17
C SER B 257 22.06 -11.96 26.42
N ILE B 258 22.04 -13.28 26.23
CA ILE B 258 20.95 -13.93 25.52
C ILE B 258 19.90 -14.36 26.53
N LEU B 259 18.66 -14.00 26.25
CA LEU B 259 17.53 -14.44 27.06
C LEU B 259 16.51 -15.09 26.12
N ILE B 260 16.25 -16.37 26.34
CA ILE B 260 15.23 -17.08 25.58
C ILE B 260 14.05 -17.31 26.52
N THR B 261 12.90 -16.77 26.17
CA THR B 261 11.73 -16.84 27.01
C THR B 261 10.69 -17.75 26.37
N PHE B 262 10.23 -18.72 27.15
CA PHE B 262 9.06 -19.54 26.81
C PHE B 262 7.95 -19.04 27.74
N ASP B 263 7.09 -18.20 27.17
CA ASP B 263 6.18 -17.36 27.95
C ASP B 263 4.80 -17.98 28.02
N ASN B 264 4.35 -18.26 29.24
CA ASN B 264 3.01 -18.82 29.45
C ASN B 264 2.17 -17.93 30.37
N LYS B 265 2.46 -16.64 30.44
CA LYS B 265 1.73 -15.77 31.36
C LYS B 265 0.28 -15.63 30.98
N ALA B 266 -0.08 -15.87 29.72
CA ALA B 266 -1.47 -15.81 29.30
C ALA B 266 -2.24 -17.10 29.59
N HIS B 267 -1.54 -18.19 29.88
CA HIS B 267 -2.16 -19.49 30.12
C HIS B 267 -3.28 -19.76 29.11
N SER B 268 -2.94 -19.66 27.82
CA SER B 268 -3.93 -19.78 26.75
C SER B 268 -3.69 -20.99 25.85
N GLY B 269 -2.89 -21.95 26.28
CA GLY B 269 -2.58 -23.10 25.46
C GLY B 269 -1.54 -22.84 24.39
N ARG B 270 -1.08 -21.61 24.24
CA ARG B 270 -0.08 -21.24 23.26
C ARG B 270 1.05 -20.54 23.98
N ILE B 271 2.26 -21.07 23.84
CA ILE B 271 3.40 -20.50 24.54
C ILE B 271 4.34 -19.86 23.51
N PRO B 272 4.32 -18.54 23.36
CA PRO B 272 5.25 -17.89 22.44
C PRO B 272 6.69 -18.04 22.90
N ILE B 273 7.59 -18.10 21.93
CA ILE B 273 9.02 -18.26 22.18
C ILE B 273 9.74 -17.11 21.51
N ARG B 274 10.55 -16.38 22.27
CA ARG B 274 11.30 -15.28 21.72
C ARG B 274 12.71 -15.30 22.28
N LEU B 275 13.65 -14.76 21.52
CA LEU B 275 15.03 -14.61 21.92
C LEU B 275 15.40 -13.14 21.86
N GLU B 276 16.02 -12.64 22.92
CA GLU B 276 16.41 -11.24 23.01
C GLU B 276 17.85 -11.16 23.48
N THR B 277 18.55 -10.11 23.03
CA THR B 277 19.93 -9.90 23.37
C THR B 277 20.14 -8.48 23.90
N LYS B 278 20.98 -8.37 24.92
CA LYS B 278 21.53 -7.11 25.38
C LYS B 278 23.03 -7.11 25.13
N THR B 279 23.54 -5.96 24.71
CA THR B 279 24.92 -5.83 24.30
C THR B 279 25.66 -4.94 25.29
N HIS B 280 26.86 -5.35 25.66
CA HIS B 280 27.76 -4.55 26.48
C HIS B 280 29.07 -4.40 25.73
N ILE B 281 29.32 -3.22 25.18
CA ILE B 281 30.45 -2.99 24.30
C ILE B 281 31.58 -2.41 25.12
N GLN B 282 32.65 -3.19 25.27
CA GLN B 282 33.85 -2.71 26.01
C GLN B 282 35.02 -2.63 25.02
N GLU B 283 36.23 -2.41 25.52
CA GLU B 283 37.43 -2.39 24.63
C GLU B 283 38.26 -3.65 24.86
N CYS B 284 38.49 -4.44 23.81
CA CYS B 284 39.35 -5.66 23.93
C CYS B 284 40.77 -5.21 24.30
N LYS B 285 41.39 -5.86 25.29
CA LYS B 285 42.73 -5.42 25.78
C LYS B 285 43.84 -6.14 25.00
N SER B 296 42.09 11.49 19.21
CA SER B 296 41.66 11.23 17.85
C SER B 296 40.88 12.41 17.28
N PHE B 297 40.62 12.36 15.98
CA PHE B 297 39.85 13.42 15.34
C PHE B 297 38.42 13.50 15.88
N ARG B 298 37.78 12.35 16.07
CA ARG B 298 36.38 12.35 16.50
C ARG B 298 36.21 13.14 17.79
N LEU B 299 37.13 12.96 18.74
CA LEU B 299 37.06 13.71 19.99
C LEU B 299 37.40 15.18 19.77
N LEU B 300 38.40 15.46 18.93
CA LEU B 300 38.73 16.85 18.65
C LEU B 300 37.58 17.57 17.95
N PHE B 301 36.93 16.90 16.98
CA PHE B 301 35.78 17.49 16.32
C PHE B 301 34.65 17.74 17.31
N ASP B 302 34.50 16.85 18.30
CA ASP B 302 33.45 17.03 19.29
C ASP B 302 33.68 18.25 20.16
N VAL B 303 34.94 18.55 20.49
CA VAL B 303 35.25 19.76 21.24
C VAL B 303 35.00 20.99 20.37
N VAL B 304 35.33 20.91 19.09
CA VAL B 304 35.07 22.01 18.17
C VAL B 304 33.59 22.33 18.14
N VAL B 305 32.73 21.31 18.13
CA VAL B 305 31.30 21.53 18.11
C VAL B 305 30.85 22.23 19.40
N ILE B 306 31.37 21.77 20.54
CA ILE B 306 30.96 22.35 21.81
C ILE B 306 31.37 23.82 21.89
N LEU B 307 32.54 24.15 21.34
CA LEU B 307 32.97 25.55 21.34
C LEU B 307 32.10 26.40 20.42
N THR B 308 31.81 25.90 19.21
CA THR B 308 31.02 26.66 18.26
C THR B 308 29.63 26.95 18.79
N CYS B 309 29.00 25.97 19.45
CA CYS B 309 27.67 26.18 20.01
C CYS B 309 27.74 27.04 21.27
N SER B 310 28.80 26.86 22.08
CA SER B 310 28.95 27.70 23.26
C SER B 310 29.16 29.16 22.88
N LEU B 311 29.97 29.41 21.85
CA LEU B 311 30.13 30.77 21.35
C LEU B 311 28.82 31.31 20.83
N SER B 312 28.08 30.50 20.08
CA SER B 312 26.79 30.94 19.56
C SER B 312 25.81 31.23 20.69
N PHE B 313 25.84 30.41 21.75
CA PHE B 313 24.93 30.61 22.86
C PHE B 313 25.16 31.95 23.54
N LEU B 314 26.42 32.32 23.76
CA LEU B 314 26.70 33.59 24.42
C LEU B 314 26.21 34.77 23.60
N LEU B 315 26.59 34.83 22.33
CA LEU B 315 26.20 35.97 21.49
C LEU B 315 24.69 36.08 21.39
N CYS B 316 24.00 34.96 21.18
CA CYS B 316 22.54 35.00 21.15
C CYS B 316 21.98 35.40 22.51
N ALA B 317 22.54 34.88 23.60
CA ALA B 317 22.10 35.30 24.92
C ALA B 317 22.33 36.79 25.12
N ARG B 318 23.48 37.30 24.69
CA ARG B 318 23.75 38.73 24.79
C ARG B 318 22.70 39.53 24.02
N SER B 319 22.42 39.14 22.77
CA SER B 319 21.43 39.85 21.98
C SER B 319 20.06 39.82 22.65
N LEU B 320 19.71 38.69 23.25
CA LEU B 320 18.43 38.59 23.95
C LEU B 320 18.38 39.55 25.13
N LEU B 321 19.48 39.68 25.86
CA LEU B 321 19.53 40.61 26.98
C LEU B 321 19.30 42.04 26.52
N ARG B 322 19.94 42.40 25.39
CA ARG B 322 19.79 43.76 24.82
C ARG B 322 18.31 44.04 24.54
N GLY B 323 17.57 43.05 24.06
CA GLY B 323 16.15 43.22 23.80
C GLY B 323 15.37 43.47 25.09
N PHE B 324 15.67 42.69 26.14
CA PHE B 324 14.96 42.89 27.39
C PHE B 324 15.25 44.27 27.98
N LEU B 325 16.50 44.72 27.89
CA LEU B 325 16.82 46.06 28.36
C LEU B 325 16.10 47.11 27.54
N LEU B 326 16.22 47.05 26.22
CA LEU B 326 15.52 48.00 25.35
C LEU B 326 14.02 47.97 25.60
N GLN B 327 13.47 46.80 25.88
CA GLN B 327 12.07 46.72 26.22
C GLN B 327 11.78 47.49 27.50
N ASN B 328 12.66 47.37 28.49
CA ASN B 328 12.45 48.08 29.74
C ASN B 328 12.52 49.59 29.56
N GLU B 329 13.52 50.07 28.80
CA GLU B 329 13.63 51.50 28.59
C GLU B 329 12.44 52.06 27.81
N PHE B 330 11.80 51.24 26.97
CA PHE B 330 10.65 51.70 26.21
C PHE B 330 9.38 51.75 27.03
N VAL B 331 9.20 50.76 27.93
CA VAL B 331 7.92 50.66 28.70
C VAL B 331 7.66 51.95 29.48
N VAL B 332 8.71 52.64 29.91
CA VAL B 332 8.56 53.85 30.70
C VAL B 332 8.65 55.12 29.84
N PHE B 333 9.42 55.11 28.75
CA PHE B 333 9.46 56.28 27.87
C PHE B 333 8.08 56.59 27.32
N MET B 334 7.35 55.54 26.95
CA MET B 334 5.97 55.73 26.44
C MET B 334 5.04 56.00 27.63
N TRP B 335 5.41 55.52 28.83
CA TRP B 335 4.59 55.76 30.04
C TRP B 335 4.95 57.13 30.67
N ARG B 336 5.84 57.89 30.04
CA ARG B 336 6.17 59.26 30.52
C ARG B 336 5.84 60.23 29.40
N ARG B 337 6.51 60.11 28.25
CA ARG B 337 6.26 60.96 27.11
C ARG B 337 4.77 61.00 26.76
N ARG B 338 4.12 59.84 26.74
CA ARG B 338 2.70 59.75 26.44
C ARG B 338 1.88 59.22 27.59
N GLY B 339 2.51 58.64 28.62
CA GLY B 339 1.70 57.99 29.67
C GLY B 339 0.84 56.91 29.02
N ARG B 340 1.31 56.32 27.93
CA ARG B 340 0.43 55.34 27.24
C ARG B 340 0.70 53.93 27.74
N GLU B 341 -0.32 53.08 27.71
CA GLU B 341 -0.27 51.70 28.26
C GLU B 341 0.41 50.74 27.27
N ILE B 342 1.15 49.75 27.78
CA ILE B 342 1.81 48.75 26.89
C ILE B 342 1.36 47.34 27.33
N SER B 343 0.79 46.54 26.42
CA SER B 343 0.33 45.21 26.77
C SER B 343 1.48 44.20 26.72
N LEU B 344 1.24 43.02 27.26
CA LEU B 344 2.27 41.99 27.28
C LEU B 344 2.73 41.64 25.88
N TRP B 345 1.79 41.47 24.94
CA TRP B 345 2.19 41.24 23.56
C TRP B 345 3.04 42.36 22.99
N GLU B 346 2.67 43.62 23.28
CA GLU B 346 3.43 44.77 22.69
C GLU B 346 4.92 44.65 23.03
N ARG B 347 5.25 43.94 24.11
CA ARG B 347 6.66 43.81 24.56
C ARG B 347 7.28 42.56 23.92
N LEU B 348 6.46 41.60 23.48
CA LEU B 348 7.00 40.43 22.80
C LEU B 348 7.80 40.81 21.57
N GLU B 349 7.42 41.89 20.89
CA GLU B 349 8.12 42.26 19.65
C GLU B 349 9.60 42.48 19.91
N PHE B 350 9.97 42.84 21.14
CA PHE B 350 11.38 42.96 21.48
C PHE B 350 12.04 41.59 21.60
N VAL B 351 11.26 40.52 21.59
CA VAL B 351 11.78 39.17 21.70
C VAL B 351 12.05 38.65 20.28
N ASN B 352 13.27 38.21 20.04
CA ASN B 352 13.64 37.60 18.77
C ASN B 352 13.41 36.09 18.87
N GLY B 353 12.32 35.61 18.26
CA GLY B 353 12.03 34.19 18.30
C GLY B 353 13.10 33.32 17.69
N TRP B 354 13.78 33.80 16.65
CA TRP B 354 14.86 33.04 16.06
C TRP B 354 15.98 32.79 17.06
N TYR B 355 16.28 33.80 17.87
CA TYR B 355 17.37 33.69 18.88
C TYR B 355 16.95 32.67 19.95
N ILE B 356 15.64 32.57 20.24
CA ILE B 356 15.16 31.56 21.17
C ILE B 356 15.46 30.17 20.61
N LEU B 357 15.23 30.00 19.32
CA LEU B 357 15.57 28.74 18.66
C LEU B 357 17.06 28.47 18.73
N LEU B 358 17.88 29.50 18.49
CA LEU B 358 19.33 29.29 18.43
C LEU B 358 19.89 28.83 19.77
N VAL B 359 19.54 29.51 20.86
CA VAL B 359 20.03 29.11 22.18
C VAL B 359 19.45 27.76 22.58
N THR B 360 18.20 27.50 22.23
CA THR B 360 17.62 26.19 22.54
C THR B 360 18.38 25.08 21.84
N SER B 361 18.78 25.29 20.59
CA SER B 361 19.54 24.28 19.87
C SER B 361 20.98 24.20 20.37
N ASP B 362 21.54 25.33 20.80
CA ASP B 362 22.92 25.33 21.37
C ASP B 362 22.92 24.39 22.57
N VAL B 363 21.94 24.53 23.46
CA VAL B 363 21.87 23.71 24.67
C VAL B 363 21.75 22.23 24.30
N LEU B 364 20.92 21.91 23.31
CA LEU B 364 20.77 20.52 22.91
C LEU B 364 22.05 19.94 22.33
N THR B 365 22.76 20.70 21.48
CA THR B 365 23.99 20.18 20.90
C THR B 365 25.06 19.97 21.95
N ILE B 366 25.28 20.96 22.82
CA ILE B 366 26.28 20.80 23.87
C ILE B 366 25.91 19.65 24.79
N SER B 367 24.67 19.64 25.27
CA SER B 367 24.22 18.55 26.13
C SER B 367 24.27 17.21 25.41
N GLY B 368 23.81 17.18 24.16
CA GLY B 368 23.89 15.96 23.39
C GLY B 368 25.31 15.54 23.08
N THR B 369 26.18 16.51 22.78
CA THR B 369 27.56 16.19 22.44
C THR B 369 28.32 15.65 23.64
N VAL B 370 28.04 16.17 24.83
CA VAL B 370 28.72 15.71 26.03
C VAL B 370 28.45 14.22 26.25
N MET B 371 27.20 13.82 26.06
CA MET B 371 26.81 12.40 26.25
C MET B 371 27.47 11.54 25.16
N LYS B 372 27.56 12.08 23.94
CA LYS B 372 28.17 11.34 22.85
C LYS B 372 29.63 11.03 23.12
N ILE B 373 30.35 11.96 23.76
CA ILE B 373 31.75 11.70 24.11
C ILE B 373 31.84 10.52 25.07
N GLY B 374 30.94 10.46 26.05
CA GLY B 374 30.89 9.31 26.94
C GLY B 374 30.62 8.02 26.20
N ILE B 375 29.69 8.05 25.24
CA ILE B 375 29.38 6.85 24.48
C ILE B 375 30.60 6.39 23.67
N GLU B 376 31.26 7.34 23.00
CA GLU B 376 32.43 7.00 22.14
C GLU B 376 33.50 6.32 22.99
N ALA B 377 33.66 6.71 24.25
CA ALA B 377 34.79 6.14 25.04
C ALA B 377 34.37 4.85 25.78
N LYS B 378 33.12 4.39 25.61
CA LYS B 378 32.60 3.14 26.26
C LYS B 378 32.17 3.36 27.72
N ASN B 379 31.57 4.50 28.04
CA ASN B 379 31.21 4.77 29.46
C ASN B 379 29.71 5.02 29.65
N LEU B 380 28.96 5.33 28.58
CA LEU B 380 27.56 5.72 28.75
C LEU B 380 26.57 4.74 28.16
N ALA B 381 26.71 4.50 26.85
CA ALA B 381 25.78 3.62 26.10
C ALA B 381 24.34 4.14 26.22
N SER B 382 24.15 5.46 26.31
CA SER B 382 22.75 5.96 26.32
C SER B 382 22.43 6.45 24.91
N TYR B 383 22.39 5.55 23.93
CA TYR B 383 22.22 5.96 22.54
C TYR B 383 20.91 6.71 22.32
N ASP B 384 19.81 6.18 22.87
CA ASP B 384 18.47 6.77 22.63
C ASP B 384 18.46 8.26 22.97
N VAL B 385 18.86 8.63 24.19
CA VAL B 385 18.80 10.01 24.63
C VAL B 385 19.75 10.88 23.81
N CYS B 386 20.98 10.40 23.59
CA CYS B 386 21.94 11.18 22.83
C CYS B 386 21.45 11.41 21.40
N SER B 387 20.89 10.38 20.76
CA SER B 387 20.41 10.52 19.40
C SER B 387 19.27 11.51 19.31
N ILE B 388 18.37 11.50 20.30
CA ILE B 388 17.26 12.44 20.28
C ILE B 388 17.77 13.86 20.49
N LEU B 389 18.73 14.04 21.39
CA LEU B 389 19.27 15.39 21.62
C LEU B 389 19.95 15.93 20.37
N LEU B 390 20.73 15.09 19.70
CA LEU B 390 21.43 15.56 18.50
C LEU B 390 20.50 15.67 17.32
N GLY B 391 19.53 14.76 17.22
CA GLY B 391 18.57 14.84 16.14
C GLY B 391 17.70 16.08 16.22
N THR B 392 17.16 16.36 17.41
CA THR B 392 16.27 17.51 17.55
C THR B 392 17.02 18.82 17.40
N SER B 393 18.27 18.86 17.88
CA SER B 393 19.10 20.09 17.72
C SER B 393 19.35 20.31 16.23
N THR B 394 19.74 19.26 15.50
CA THR B 394 20.04 19.38 14.08
C THR B 394 18.82 19.83 13.30
N LEU B 395 17.66 19.30 13.64
CA LEU B 395 16.42 19.77 13.01
C LEU B 395 16.23 21.26 13.24
N LEU B 396 16.53 21.75 14.44
CA LEU B 396 16.29 23.14 14.76
C LEU B 396 17.23 24.07 14.00
N VAL B 397 18.50 23.68 13.82
CA VAL B 397 19.42 24.58 13.14
C VAL B 397 19.09 24.68 11.65
N TRP B 398 18.68 23.57 11.05
CA TRP B 398 18.25 23.63 9.65
C TRP B 398 16.96 24.43 9.51
N VAL B 399 16.04 24.31 10.46
CA VAL B 399 14.85 25.15 10.44
C VAL B 399 15.24 26.62 10.55
N GLY B 400 16.26 26.92 11.34
CA GLY B 400 16.71 28.29 11.52
C GLY B 400 17.25 28.92 10.26
N VAL B 401 17.50 28.13 9.22
CA VAL B 401 17.91 28.71 7.94
C VAL B 401 16.79 29.51 7.31
N ILE B 402 15.55 29.28 7.75
CA ILE B 402 14.38 30.05 7.21
C ILE B 402 14.62 31.53 7.49
N ARG B 403 15.17 31.88 8.66
CA ARG B 403 15.39 33.28 9.01
C ARG B 403 16.16 34.00 7.91
N TYR B 404 17.17 33.36 7.33
CA TYR B 404 17.94 34.02 6.28
C TYR B 404 17.07 34.31 5.06
N LEU B 405 16.14 33.42 4.75
CA LEU B 405 15.28 33.64 3.59
C LEU B 405 14.28 34.77 3.83
N THR B 406 13.95 35.06 5.09
CA THR B 406 13.03 36.16 5.36
C THR B 406 13.62 37.52 5.03
N PHE B 407 14.92 37.60 4.77
CA PHE B 407 15.55 38.87 4.37
C PHE B 407 15.31 39.20 2.91
N PHE B 408 14.70 38.30 2.15
CA PHE B 408 14.41 38.52 0.74
C PHE B 408 12.92 38.53 0.52
N HIS B 409 12.43 39.59 -0.14
CA HIS B 409 11.00 39.83 -0.20
C HIS B 409 10.25 38.68 -0.87
N LYS B 410 10.81 38.15 -1.96
CA LYS B 410 10.13 37.08 -2.68
C LYS B 410 9.97 35.84 -1.81
N TYR B 411 11.03 35.46 -1.09
CA TYR B 411 10.93 34.33 -0.18
C TYR B 411 10.07 34.66 1.02
N ASN B 412 10.16 35.90 1.52
CA ASN B 412 9.40 36.28 2.70
C ASN B 412 7.91 36.18 2.47
N ILE B 413 7.46 36.37 1.23
CA ILE B 413 6.03 36.27 0.92
C ILE B 413 5.52 34.88 1.29
N LEU B 414 6.29 33.85 0.96
CA LEU B 414 5.87 32.48 1.26
C LEU B 414 5.94 32.19 2.75
N ILE B 415 7.04 32.55 3.39
CA ILE B 415 7.19 32.30 4.82
C ILE B 415 6.14 33.06 5.61
N ALA B 416 5.89 34.31 5.24
CA ALA B 416 4.87 35.11 5.91
C ALA B 416 3.48 34.51 5.70
N THR B 417 3.23 33.92 4.54
CA THR B 417 1.94 33.29 4.30
C THR B 417 1.66 32.18 5.31
N LEU B 418 2.66 31.34 5.56
CA LEU B 418 2.47 30.26 6.53
C LEU B 418 2.35 30.81 7.94
N ARG B 419 3.07 31.89 8.25
CA ARG B 419 2.99 32.47 9.59
C ARG B 419 1.60 33.01 9.89
N VAL B 420 0.97 33.65 8.90
CA VAL B 420 -0.37 34.29 9.17
C VAL B 420 -1.48 33.23 9.05
N ALA B 421 -1.23 32.12 8.37
CA ALA B 421 -2.24 31.03 8.26
C ALA B 421 -2.14 30.13 9.49
N LEU B 422 -1.00 30.16 10.19
CA LEU B 422 -0.78 29.22 11.27
C LEU B 422 -1.80 29.33 12.41
N PRO B 423 -2.19 30.53 12.86
CA PRO B 423 -3.24 30.59 13.89
C PRO B 423 -4.57 29.99 13.46
N SER B 424 -4.99 30.19 12.20
CA SER B 424 -6.24 29.61 11.74
C SER B 424 -6.15 28.10 11.63
N VAL B 425 -4.99 27.60 11.19
CA VAL B 425 -4.80 26.16 11.08
C VAL B 425 -4.83 25.52 12.46
N MET B 426 -4.17 26.15 13.43
CA MET B 426 -4.16 25.62 14.80
C MET B 426 -5.57 25.61 15.38
N ARG B 427 -6.34 26.67 15.15
CA ARG B 427 -7.71 26.70 15.65
C ARG B 427 -8.57 25.62 15.00
N PHE B 428 -8.42 25.43 13.69
CA PHE B 428 -9.17 24.39 13.00
C PHE B 428 -8.78 23.00 13.50
N CYS B 429 -7.53 22.81 13.90
CA CYS B 429 -7.13 21.52 14.44
C CYS B 429 -7.84 21.20 15.74
N CYS B 430 -7.99 22.19 16.63
CA CYS B 430 -8.76 21.96 17.85
C CYS B 430 -10.22 21.68 17.55
N CYS B 431 -10.79 22.37 16.56
CA CYS B 431 -12.18 22.11 16.19
C CYS B 431 -12.36 20.66 15.72
N VAL B 432 -11.43 20.17 14.90
CA VAL B 432 -11.55 18.83 14.34
C VAL B 432 -10.92 17.76 15.19
N ALA B 433 -10.11 18.12 16.19
CA ALA B 433 -9.54 17.14 17.09
C ALA B 433 -10.64 16.43 17.88
N VAL B 434 -11.66 17.16 18.31
CA VAL B 434 -12.72 16.54 19.10
C VAL B 434 -13.55 15.58 18.25
N ILE B 435 -13.77 15.92 16.96
CA ILE B 435 -14.50 14.97 16.05
C ILE B 435 -13.60 13.76 15.86
N TYR B 436 -12.28 13.98 15.63
CA TYR B 436 -11.35 12.89 15.41
C TYR B 436 -11.30 11.96 16.60
N LEU B 437 -11.24 12.53 17.81
CA LEU B 437 -11.19 11.72 19.03
C LEU B 437 -12.45 10.88 19.19
N GLY B 438 -13.61 11.46 18.92
CA GLY B 438 -14.84 10.70 19.02
C GLY B 438 -14.86 9.49 18.11
N TYR B 439 -14.34 9.63 16.90
CA TYR B 439 -14.21 8.49 16.01
C TYR B 439 -13.21 7.47 16.54
N CYS B 440 -12.10 7.94 17.12
CA CYS B 440 -11.10 7.02 17.64
C CYS B 440 -11.69 6.12 18.73
N PHE B 441 -12.44 6.71 19.66
CA PHE B 441 -13.03 5.93 20.75
C PHE B 441 -14.09 4.97 20.24
N CYS B 442 -14.94 5.48 19.32
CA CYS B 442 -16.03 4.66 18.73
C CYS B 442 -15.43 3.45 18.01
N GLY B 443 -14.38 3.64 17.22
CA GLY B 443 -13.79 2.57 16.45
C GLY B 443 -13.09 1.56 17.34
N TRP B 444 -12.37 2.03 18.36
CA TRP B 444 -11.67 1.12 19.25
C TRP B 444 -12.64 0.23 20.00
N ILE B 445 -13.73 0.79 20.51
CA ILE B 445 -14.66 0.00 21.31
C ILE B 445 -15.41 -0.99 20.43
N VAL B 446 -15.81 -0.58 19.24
CA VAL B 446 -16.64 -1.43 18.38
C VAL B 446 -15.78 -2.38 17.54
N LEU B 447 -14.78 -1.87 16.85
CA LEU B 447 -14.00 -2.67 15.90
C LEU B 447 -12.77 -3.31 16.50
N GLY B 448 -12.40 -2.99 17.74
CA GLY B 448 -11.26 -3.58 18.38
C GLY B 448 -11.29 -5.09 18.48
N PRO B 449 -12.41 -5.69 18.87
CA PRO B 449 -12.47 -7.16 18.89
C PRO B 449 -12.25 -7.83 17.56
N TYR B 450 -12.55 -7.15 16.45
CA TYR B 450 -12.61 -7.78 15.15
C TYR B 450 -11.53 -7.36 14.17
N HIS B 451 -10.94 -6.20 14.34
CA HIS B 451 -10.05 -5.62 13.34
C HIS B 451 -8.64 -5.52 13.90
N VAL B 452 -7.66 -6.05 13.16
CA VAL B 452 -6.28 -6.05 13.60
C VAL B 452 -5.73 -4.64 13.75
N LYS B 453 -6.31 -3.67 13.06
CA LYS B 453 -5.82 -2.30 13.11
C LYS B 453 -6.45 -1.47 14.21
N PHE B 454 -7.46 -1.99 14.91
CA PHE B 454 -8.19 -1.25 15.93
C PHE B 454 -7.98 -1.85 17.31
N ARG B 455 -6.83 -2.48 17.55
CA ARG B 455 -6.62 -3.22 18.78
C ARG B 455 -6.37 -2.30 19.97
N SER B 456 -5.57 -1.26 19.79
CA SER B 456 -5.28 -0.29 20.83
C SER B 456 -5.64 1.10 20.36
N LEU B 457 -5.78 2.02 21.31
CA LEU B 457 -6.15 3.39 20.97
C LEU B 457 -5.09 4.05 20.11
N SER B 458 -3.80 3.87 20.44
CA SER B 458 -2.76 4.46 19.61
C SER B 458 -2.74 3.84 18.22
N MET B 459 -3.05 2.56 18.11
CA MET B 459 -3.17 1.94 16.80
C MET B 459 -4.34 2.51 16.02
N VAL B 460 -5.46 2.76 16.70
CA VAL B 460 -6.62 3.34 16.03
C VAL B 460 -6.29 4.70 15.45
N SER B 461 -5.60 5.54 16.21
CA SER B 461 -5.22 6.85 15.70
C SER B 461 -4.34 6.74 14.48
N GLU B 462 -3.36 5.82 14.51
CA GLU B 462 -2.50 5.63 13.34
C GLU B 462 -3.30 5.15 12.14
N CYS B 463 -4.28 4.28 12.35
CA CYS B 463 -5.13 3.82 11.25
C CYS B 463 -5.96 4.97 10.68
N LEU B 464 -6.65 5.70 11.54
CA LEU B 464 -7.52 6.78 11.07
C LEU B 464 -6.72 7.89 10.41
N PHE B 465 -5.57 8.23 10.99
CA PHE B 465 -4.73 9.27 10.42
C PHE B 465 -4.24 8.89 9.03
N SER B 466 -3.87 7.62 8.84
CA SER B 466 -3.48 7.17 7.51
C SER B 466 -4.65 7.19 6.55
N LEU B 467 -5.85 6.86 7.03
CA LEU B 467 -7.02 6.84 6.16
C LEU B 467 -7.29 8.22 5.58
N ILE B 468 -7.30 9.25 6.42
CA ILE B 468 -7.61 10.59 5.91
C ILE B 468 -6.53 11.12 4.98
N ASN B 469 -5.33 10.58 5.05
CA ASN B 469 -4.28 10.93 4.09
C ASN B 469 -4.21 9.92 2.95
N GLY B 470 -5.26 9.15 2.73
CA GLY B 470 -5.39 8.26 1.59
C GLY B 470 -4.45 7.08 1.57
N ASP B 471 -4.21 6.45 2.71
CA ASP B 471 -3.32 5.30 2.76
C ASP B 471 -3.96 4.14 3.49
N ASP B 472 -3.67 2.92 3.02
CA ASP B 472 -4.15 1.69 3.66
C ASP B 472 -5.66 1.66 3.79
N MET B 473 -6.36 2.17 2.80
CA MET B 473 -7.81 2.23 2.86
C MET B 473 -8.47 0.89 2.53
N PHE B 474 -8.04 0.26 1.45
CA PHE B 474 -8.72 -0.96 1.00
C PHE B 474 -8.50 -2.12 1.97
N VAL B 475 -7.30 -2.25 2.52
CA VAL B 475 -7.04 -3.32 3.48
C VAL B 475 -7.91 -3.16 4.71
N THR B 476 -8.13 -1.91 5.15
CA THR B 476 -9.03 -1.67 6.28
C THR B 476 -10.44 -2.16 5.97
N PHE B 477 -10.89 -1.90 4.74
CA PHE B 477 -12.24 -2.34 4.32
C PHE B 477 -12.23 -3.86 4.13
N ALA B 478 -11.12 -4.42 3.63
CA ALA B 478 -11.04 -5.85 3.36
C ALA B 478 -11.10 -6.66 4.66
N ALA B 479 -10.43 -6.17 5.71
CA ALA B 479 -10.41 -6.91 6.96
C ALA B 479 -11.82 -7.14 7.48
N MET B 480 -12.67 -6.14 7.28
CA MET B 480 -14.07 -6.22 7.77
C MET B 480 -14.93 -7.02 6.78
N GLN B 481 -14.41 -7.33 5.59
CA GLN B 481 -15.20 -8.12 4.60
C GLN B 481 -14.86 -9.61 4.78
N ALA B 482 -13.64 -9.92 5.26
CA ALA B 482 -13.22 -11.31 5.52
C ALA B 482 -14.27 -12.12 6.30
N GLN B 483 -14.47 -11.82 7.60
CA GLN B 483 -15.41 -12.60 8.46
C GLN B 483 -16.59 -11.71 8.83
N GLN B 484 -16.59 -10.46 8.40
CA GLN B 484 -17.63 -9.45 8.63
C GLN B 484 -17.75 -9.11 10.11
N GLY B 485 -16.64 -9.24 10.84
CA GLY B 485 -16.72 -9.11 12.28
C GLY B 485 -17.62 -10.15 12.90
N HIS B 486 -17.84 -11.26 12.20
CA HIS B 486 -18.72 -12.32 12.65
C HIS B 486 -20.07 -11.77 13.09
N SER B 487 -20.54 -10.74 12.39
CA SER B 487 -21.84 -10.15 12.69
C SER B 487 -22.27 -9.19 11.61
N SER B 488 -23.50 -9.34 11.09
CA SER B 488 -24.00 -8.39 10.10
C SER B 488 -24.12 -6.99 10.69
N LEU B 489 -24.58 -6.90 11.94
CA LEU B 489 -24.71 -5.59 12.56
C LEU B 489 -23.37 -4.89 12.66
N VAL B 490 -22.33 -5.61 13.10
CA VAL B 490 -21.00 -5.01 13.19
C VAL B 490 -20.48 -4.65 11.81
N TRP B 491 -20.69 -5.52 10.82
CA TRP B 491 -20.22 -5.21 9.47
C TRP B 491 -20.91 -3.97 8.93
N LEU B 492 -22.21 -3.86 9.17
CA LEU B 492 -22.99 -2.68 8.68
C LEU B 492 -22.45 -1.42 9.35
N PHE B 493 -22.17 -1.50 10.66
CA PHE B 493 -21.64 -0.35 11.38
C PHE B 493 -20.28 0.07 10.83
N SER B 494 -19.40 -0.90 10.57
CA SER B 494 -18.10 -0.57 10.01
C SER B 494 -18.23 0.17 8.70
N GLN B 495 -19.26 -0.14 7.90
CA GLN B 495 -19.46 0.58 6.66
C GLN B 495 -19.79 2.04 6.91
N LEU B 496 -20.79 2.31 7.75
CA LEU B 496 -21.13 3.70 8.06
C LEU B 496 -19.95 4.41 8.71
N TYR B 497 -19.27 3.72 9.63
CA TYR B 497 -18.16 4.33 10.36
C TYR B 497 -17.06 4.78 9.41
N LEU B 498 -16.61 3.89 8.53
CA LEU B 498 -15.49 4.20 7.66
C LEU B 498 -15.88 5.13 6.52
N TYR B 499 -17.05 4.93 5.92
CA TYR B 499 -17.46 5.79 4.81
C TYR B 499 -17.69 7.22 5.27
N SER B 500 -18.33 7.40 6.42
CA SER B 500 -18.58 8.75 6.92
C SER B 500 -17.28 9.42 7.38
N PHE B 501 -16.41 8.69 8.06
CA PHE B 501 -15.16 9.29 8.52
C PHE B 501 -14.30 9.76 7.35
N ILE B 502 -14.11 8.88 6.37
CA ILE B 502 -13.21 9.24 5.24
C ILE B 502 -13.86 10.38 4.44
N SER B 503 -15.17 10.28 4.16
CA SER B 503 -15.84 11.32 3.38
C SER B 503 -15.77 12.67 4.08
N LEU B 504 -16.05 12.69 5.39
CA LEU B 504 -16.03 13.94 6.13
C LEU B 504 -14.64 14.57 6.12
N PHE B 505 -13.62 13.79 6.46
CA PHE B 505 -12.31 14.39 6.71
C PHE B 505 -11.58 14.73 5.43
N ILE B 506 -11.77 13.95 4.37
CA ILE B 506 -11.09 14.25 3.11
C ILE B 506 -11.80 15.35 2.34
N TYR B 507 -13.12 15.26 2.21
CA TYR B 507 -13.82 16.18 1.32
C TYR B 507 -14.14 17.52 1.99
N MET B 508 -14.26 17.56 3.30
CA MET B 508 -14.60 18.80 4.00
C MET B 508 -13.45 19.35 4.83
N VAL B 509 -12.92 18.56 5.76
CA VAL B 509 -11.88 19.06 6.66
C VAL B 509 -10.61 19.39 5.88
N LEU B 510 -10.20 18.48 5.01
CA LEU B 510 -8.99 18.71 4.22
C LEU B 510 -9.19 19.89 3.28
N SER B 511 -10.41 20.01 2.74
CA SER B 511 -10.70 21.13 1.81
C SER B 511 -10.64 22.47 2.55
N LEU B 512 -10.99 22.49 3.85
CA LEU B 512 -10.90 23.71 4.63
C LEU B 512 -9.45 24.12 4.89
N PHE B 513 -8.57 23.15 5.13
CA PHE B 513 -7.15 23.46 5.30
C PHE B 513 -6.60 24.16 4.06
N ILE B 514 -7.00 23.71 2.87
CA ILE B 514 -6.58 24.38 1.64
C ILE B 514 -7.11 25.81 1.61
N ALA B 515 -8.37 25.99 1.99
CA ALA B 515 -8.98 27.33 1.97
C ALA B 515 -8.29 28.28 2.93
N LEU B 516 -7.94 27.81 4.13
CA LEU B 516 -7.28 28.69 5.09
C LEU B 516 -5.94 29.19 4.55
N ILE B 517 -5.18 28.30 3.91
CA ILE B 517 -3.89 28.68 3.35
C ILE B 517 -4.07 29.62 2.17
N THR B 518 -5.02 29.32 1.30
CA THR B 518 -5.27 30.19 0.16
C THR B 518 -5.72 31.57 0.59
N GLY B 519 -6.55 31.64 1.65
CA GLY B 519 -6.93 32.94 2.17
C GLY B 519 -5.77 33.70 2.77
N ALA B 520 -4.89 33.00 3.49
CA ALA B 520 -3.70 33.66 4.01
C ALA B 520 -2.81 34.17 2.87
N TYR B 521 -2.68 33.39 1.80
CA TYR B 521 -1.88 33.83 0.66
C TYR B 521 -2.49 35.05 0.01
N ASP B 522 -3.82 35.07 -0.14
CA ASP B 522 -4.49 36.20 -0.77
C ASP B 522 -4.23 37.49 -0.02
N THR B 523 -4.23 37.45 1.31
CA THR B 523 -4.03 38.66 2.09
C THR B 523 -2.58 39.13 2.04
N ILE B 524 -1.62 38.20 2.04
CA ILE B 524 -0.22 38.59 1.91
C ILE B 524 0.03 39.22 0.53
N LYS B 525 -0.53 38.63 -0.52
CA LYS B 525 -0.36 39.21 -1.86
C LYS B 525 -1.05 40.56 -1.97
N HIS B 526 -2.25 40.70 -1.40
CA HIS B 526 -3.08 41.89 -1.60
C HIS B 526 -3.45 42.49 -0.25
N PRO B 527 -2.53 43.24 0.36
CA PRO B 527 -2.75 43.93 1.64
C PRO B 527 -3.69 45.12 1.52
N ASP C 40 -44.07 42.80 27.21
CA ASP C 40 -44.25 41.90 26.08
C ASP C 40 -43.43 40.63 26.25
N LEU C 41 -43.02 40.05 25.11
CA LEU C 41 -42.21 38.85 25.10
C LEU C 41 -40.84 39.03 24.48
N ARG C 42 -40.58 40.14 23.78
CA ARG C 42 -39.27 40.37 23.19
C ARG C 42 -38.17 40.27 24.24
N ARG C 43 -38.48 40.60 25.49
CA ARG C 43 -37.53 40.35 26.56
C ARG C 43 -37.34 38.86 26.79
N ARG C 44 -38.44 38.09 26.76
CA ARG C 44 -38.32 36.63 26.90
C ARG C 44 -37.53 36.05 25.74
N LEU C 45 -37.92 36.38 24.51
CA LEU C 45 -37.22 35.86 23.34
C LEU C 45 -35.80 36.40 23.24
N LYS C 46 -35.48 37.47 23.97
CA LYS C 46 -34.11 37.98 23.99
C LYS C 46 -33.21 37.08 24.82
N TYR C 47 -33.70 36.67 26.00
CA TYR C 47 -32.93 35.72 26.87
C TYR C 47 -32.74 34.44 26.06
N PHE C 48 -33.82 33.85 25.58
CA PHE C 48 -33.70 32.77 24.61
C PHE C 48 -32.91 33.28 23.42
N PHE C 49 -32.13 32.39 22.77
CA PHE C 49 -31.28 32.75 21.60
C PHE C 49 -30.12 33.67 22.02
N MET C 50 -29.73 33.64 23.29
CA MET C 50 -28.55 34.44 23.75
C MET C 50 -27.39 33.50 24.05
N SER C 51 -26.16 34.02 24.05
CA SER C 51 -25.00 33.22 24.40
C SER C 51 -25.02 32.91 25.89
N PRO C 52 -24.51 31.74 26.30
CA PRO C 52 -24.45 31.44 27.74
C PRO C 52 -23.69 32.48 28.54
N CYS C 53 -22.60 33.03 28.00
CA CYS C 53 -21.87 34.07 28.73
C CYS C 53 -22.76 35.28 28.98
N ASP C 54 -23.52 35.71 27.97
CA ASP C 54 -24.46 36.80 28.17
C ASP C 54 -25.55 36.40 29.16
N LYS C 55 -26.03 35.16 29.08
CA LYS C 55 -27.06 34.71 30.00
C LYS C 55 -26.66 34.84 31.46
N PHE C 56 -25.35 34.82 31.73
CA PHE C 56 -24.83 34.87 33.13
C PHE C 56 -24.87 36.30 33.69
N ARG C 57 -24.90 37.31 32.82
CA ARG C 57 -25.05 38.69 33.29
C ARG C 57 -26.52 39.02 33.56
N ALA C 58 -27.41 38.52 32.71
CA ALA C 58 -28.85 38.72 32.94
C ALA C 58 -29.37 37.68 33.94
N LYS C 59 -29.77 38.10 35.15
CA LYS C 59 -30.34 37.20 36.19
C LYS C 59 -29.25 36.36 36.86
N GLY C 60 -28.01 36.41 36.35
CA GLY C 60 -26.89 35.68 36.99
C GLY C 60 -27.18 34.22 37.22
N ARG C 61 -27.78 33.54 36.23
CA ARG C 61 -28.09 32.09 36.37
C ARG C 61 -26.81 31.27 36.28
N LYS C 62 -26.57 30.43 37.28
CA LYS C 62 -25.37 29.59 37.28
C LYS C 62 -25.36 28.69 36.05
N PRO C 63 -24.22 28.49 35.41
CA PRO C 63 -24.16 27.51 34.31
C PRO C 63 -24.21 26.09 34.86
N CYS C 64 -25.36 25.44 34.73
CA CYS C 64 -25.55 24.10 35.29
C CYS C 64 -25.47 23.02 34.23
N LYS C 65 -26.16 23.18 33.10
CA LYS C 65 -26.01 22.24 32.00
C LYS C 65 -24.58 22.24 31.46
N LEU C 66 -23.97 23.42 31.36
CA LEU C 66 -22.63 23.51 30.79
C LEU C 66 -21.63 22.72 31.62
N MET C 67 -21.75 22.79 32.95
CA MET C 67 -20.80 22.07 33.83
C MET C 67 -21.17 20.57 33.89
N LEU C 68 -22.46 20.24 33.76
CA LEU C 68 -22.87 18.84 33.74
C LEU C 68 -22.46 18.17 32.43
N GLN C 69 -22.46 18.92 31.33
CA GLN C 69 -21.98 18.36 30.08
C GLN C 69 -20.49 18.02 30.15
N VAL C 70 -19.70 18.91 30.74
CA VAL C 70 -18.26 18.67 30.84
C VAL C 70 -17.99 17.50 31.77
N VAL C 71 -18.76 17.38 32.85
CA VAL C 71 -18.66 16.20 33.71
C VAL C 71 -19.05 14.95 32.92
N LYS C 72 -20.13 15.04 32.16
CA LYS C 72 -20.61 13.88 31.43
C LYS C 72 -19.63 13.42 30.37
N ILE C 73 -18.96 14.35 29.68
CA ILE C 73 -17.94 13.96 28.72
C ILE C 73 -16.85 13.15 29.41
N LEU C 74 -16.52 13.53 30.65
CA LEU C 74 -15.40 12.85 31.36
C LEU C 74 -15.81 11.44 31.80
N VAL C 75 -17.05 11.25 32.26
CA VAL C 75 -17.42 9.95 32.83
C VAL C 75 -17.71 8.93 31.75
N VAL C 76 -18.40 9.34 30.67
CA VAL C 76 -18.68 8.37 29.61
C VAL C 76 -17.40 7.98 28.89
N THR C 77 -16.44 8.90 28.78
CA THR C 77 -15.17 8.57 28.14
C THR C 77 -14.35 7.60 28.98
N VAL C 78 -14.33 7.80 30.30
CA VAL C 78 -13.61 6.89 31.18
C VAL C 78 -14.32 5.55 31.24
N GLN C 79 -15.66 5.56 31.23
CA GLN C 79 -16.41 4.31 31.24
C GLN C 79 -16.11 3.47 30.00
N LEU C 80 -16.08 4.11 28.83
CA LEU C 80 -15.76 3.39 27.61
C LEU C 80 -14.34 2.84 27.63
N ILE C 81 -13.39 3.62 28.14
CA ILE C 81 -12.01 3.14 28.21
C ILE C 81 -11.93 1.92 29.12
N LEU C 82 -12.62 1.95 30.26
CA LEU C 82 -12.63 0.80 31.14
C LEU C 82 -13.28 -0.40 30.47
N PHE C 83 -14.40 -0.19 29.78
CA PHE C 83 -15.03 -1.27 29.05
C PHE C 83 -14.08 -1.85 28.01
N GLY C 84 -13.39 -0.99 27.26
CA GLY C 84 -12.53 -1.48 26.20
C GLY C 84 -11.32 -2.22 26.71
N LEU C 85 -10.74 -1.75 27.80
CA LEU C 85 -9.54 -2.40 28.34
C LEU C 85 -9.85 -3.82 28.79
N SER C 86 -10.98 -4.01 29.46
CA SER C 86 -11.35 -5.35 29.90
C SER C 86 -11.82 -6.21 28.75
N ASN C 87 -12.46 -5.61 27.74
CA ASN C 87 -12.90 -6.39 26.59
C ASN C 87 -11.71 -6.88 25.77
N GLN C 88 -10.63 -6.11 25.73
CA GLN C 88 -9.43 -6.57 25.05
C GLN C 88 -8.89 -7.84 25.69
N LEU C 89 -8.87 -7.88 27.03
CA LEU C 89 -8.32 -9.04 27.71
C LEU C 89 -9.11 -10.31 27.37
N VAL C 90 -10.44 -10.21 27.32
CA VAL C 90 -11.26 -11.35 26.97
C VAL C 90 -11.03 -11.75 25.52
N VAL C 91 -10.94 -10.77 24.62
CA VAL C 91 -10.76 -11.06 23.20
C VAL C 91 -9.44 -11.79 22.97
N THR C 92 -8.37 -11.33 23.61
CA THR C 92 -7.07 -11.98 23.42
C THR C 92 -7.08 -13.40 23.93
N PHE C 93 -7.70 -13.64 25.09
CA PHE C 93 -7.75 -15.00 25.62
C PHE C 93 -8.53 -15.92 24.70
N ARG C 94 -9.68 -15.46 24.21
CA ARG C 94 -10.46 -16.27 23.29
C ARG C 94 -9.71 -16.54 21.99
N GLU C 95 -9.00 -15.53 21.49
CA GLU C 95 -8.27 -15.69 20.23
C GLU C 95 -7.06 -16.60 20.40
N GLU C 96 -6.31 -16.43 21.50
CA GLU C 96 -5.13 -17.27 21.72
C GLU C 96 -5.51 -18.73 21.86
N ASN C 97 -6.62 -19.01 22.54
CA ASN C 97 -7.07 -20.40 22.69
C ASN C 97 -7.49 -20.99 21.35
N THR C 98 -8.16 -20.20 20.51
CA THR C 98 -8.62 -20.70 19.22
C THR C 98 -7.44 -21.03 18.30
N ILE C 99 -6.37 -20.24 18.40
CA ILE C 99 -5.17 -20.54 17.62
C ILE C 99 -4.59 -21.88 18.05
N ALA C 100 -4.51 -22.12 19.36
CA ALA C 100 -4.01 -23.39 19.87
C ALA C 100 -4.87 -24.56 19.39
N PHE C 101 -6.20 -24.41 19.44
CA PHE C 101 -7.07 -25.48 18.98
C PHE C 101 -6.76 -25.84 17.53
N ARG C 102 -6.52 -24.83 16.69
CA ARG C 102 -6.17 -25.08 15.29
C ARG C 102 -4.86 -25.87 15.19
N HIS C 103 -3.86 -25.51 15.99
CA HIS C 103 -2.63 -26.28 15.99
C HIS C 103 -2.81 -27.64 16.63
N LEU C 104 -3.72 -27.77 17.58
CA LEU C 104 -3.94 -29.04 18.27
C LEU C 104 -4.73 -30.02 17.42
N PHE C 105 -5.72 -29.54 16.66
CA PHE C 105 -6.70 -30.42 16.05
C PHE C 105 -6.69 -30.45 14.53
N LEU C 106 -6.03 -29.51 13.86
CA LEU C 106 -6.03 -29.45 12.41
C LEU C 106 -4.71 -29.97 11.87
N LEU C 107 -4.79 -31.06 11.11
CA LEU C 107 -3.61 -31.77 10.65
C LEU C 107 -2.80 -30.93 9.67
N GLY C 108 -1.52 -30.75 9.99
CA GLY C 108 -0.63 -30.00 9.10
C GLY C 108 -0.92 -28.53 9.04
N TYR C 109 -1.52 -27.96 10.08
CA TYR C 109 -1.93 -26.57 10.04
C TYR C 109 -0.74 -25.65 10.33
N SER C 110 -0.66 -24.55 9.58
CA SER C 110 0.33 -23.52 9.81
C SER C 110 -0.36 -22.16 9.79
N ASP C 111 0.19 -21.22 10.55
CA ASP C 111 -0.39 -19.89 10.61
C ASP C 111 -0.38 -19.22 9.25
N GLY C 112 -1.45 -18.49 8.94
CA GLY C 112 -1.59 -17.80 7.69
C GLY C 112 -2.37 -18.54 6.63
N SER C 113 -2.53 -19.85 6.79
CA SER C 113 -3.27 -20.66 5.82
C SER C 113 -4.66 -21.02 6.37
N ASP C 114 -5.45 -19.99 6.66
CA ASP C 114 -6.80 -20.24 7.15
C ASP C 114 -7.81 -20.30 6.01
N ASP C 115 -7.70 -19.36 5.07
CA ASP C 115 -8.64 -19.31 3.91
C ASP C 115 -8.29 -20.42 2.92
N THR C 116 -7.02 -20.84 2.89
CA THR C 116 -6.57 -21.85 1.89
C THR C 116 -6.65 -23.27 2.44
N PHE C 117 -6.66 -23.43 3.77
CA PHE C 117 -6.65 -24.78 4.39
C PHE C 117 -7.77 -25.66 3.80
N ALA C 118 -7.41 -26.72 3.06
CA ALA C 118 -8.42 -27.56 2.45
C ALA C 118 -7.81 -28.92 2.13
N ALA C 119 -8.70 -29.91 1.95
CA ALA C 119 -8.33 -31.24 1.53
C ALA C 119 -8.78 -31.48 0.10
N TYR C 120 -7.99 -32.27 -0.64
CA TYR C 120 -8.23 -32.47 -2.06
C TYR C 120 -8.36 -33.91 -2.47
N THR C 121 -8.13 -34.87 -1.58
CA THR C 121 -8.23 -36.28 -1.93
C THR C 121 -8.98 -36.99 -0.81
N GLN C 122 -9.47 -38.20 -1.10
CA GLN C 122 -10.25 -38.93 -0.11
C GLN C 122 -9.40 -39.26 1.11
N GLU C 123 -8.13 -39.60 0.90
CA GLU C 123 -7.28 -40.00 2.03
C GLU C 123 -6.88 -38.80 2.88
N GLN C 124 -6.66 -37.63 2.25
CA GLN C 124 -6.40 -36.43 3.03
C GLN C 124 -7.58 -36.13 3.96
N LEU C 125 -8.80 -36.22 3.44
CA LEU C 125 -9.98 -35.96 4.27
C LEU C 125 -10.06 -36.94 5.43
N TYR C 126 -9.82 -38.22 5.17
CA TYR C 126 -9.83 -39.20 6.25
C TYR C 126 -8.77 -38.90 7.29
N GLN C 127 -7.56 -38.55 6.84
CA GLN C 127 -6.47 -38.30 7.78
C GLN C 127 -6.73 -37.06 8.61
N ALA C 128 -7.32 -36.03 8.01
CA ALA C 128 -7.63 -34.83 8.78
C ALA C 128 -8.72 -35.09 9.81
N ILE C 129 -9.71 -35.91 9.48
CA ILE C 129 -10.77 -36.21 10.44
C ILE C 129 -10.23 -37.04 11.59
N PHE C 130 -9.49 -38.11 11.28
CA PHE C 130 -8.99 -38.99 12.32
C PHE C 130 -7.98 -38.28 13.22
N TYR C 131 -7.19 -37.37 12.65
CA TYR C 131 -6.26 -36.60 13.46
C TYR C 131 -6.99 -35.77 14.51
N ALA C 132 -8.07 -35.10 14.11
CA ALA C 132 -8.81 -34.28 15.06
C ALA C 132 -9.35 -35.11 16.21
N VAL C 133 -9.94 -36.26 15.91
CA VAL C 133 -10.49 -37.11 16.97
C VAL C 133 -9.37 -37.75 17.77
N ASP C 134 -8.30 -38.18 17.11
CA ASP C 134 -7.18 -38.77 17.82
C ASP C 134 -6.56 -37.76 18.78
N GLN C 135 -6.43 -36.51 18.36
CA GLN C 135 -5.83 -35.49 19.22
C GLN C 135 -6.73 -35.12 20.39
N TYR C 136 -8.04 -35.21 20.19
CA TYR C 136 -8.98 -34.93 21.28
C TYR C 136 -8.87 -35.98 22.38
N LEU C 137 -8.58 -37.22 22.02
CA LEU C 137 -8.56 -38.30 23.00
C LEU C 137 -7.28 -38.32 23.83
N ILE C 138 -6.22 -37.67 23.38
CA ILE C 138 -5.00 -37.55 24.16
C ILE C 138 -4.75 -36.11 24.59
N LEU C 139 -5.77 -35.27 24.55
CA LEU C 139 -5.59 -33.85 24.86
C LEU C 139 -4.97 -33.61 26.22
N PRO C 140 -5.36 -34.28 27.30
CA PRO C 140 -4.76 -33.99 28.60
C PRO C 140 -3.24 -34.13 28.62
N GLU C 141 -2.67 -35.11 27.93
CA GLU C 141 -1.25 -35.39 28.04
C GLU C 141 -0.40 -34.69 27.00
N ILE C 142 -0.98 -33.89 26.11
CA ILE C 142 -0.19 -33.20 25.09
C ILE C 142 -0.35 -31.69 25.16
N SER C 143 -1.52 -31.22 25.56
CA SER C 143 -1.80 -29.78 25.47
C SER C 143 -1.05 -29.00 26.54
N LEU C 144 -0.77 -27.74 26.22
CA LEU C 144 -0.14 -26.84 27.17
C LEU C 144 -1.14 -26.11 28.05
N GLY C 145 -2.38 -25.97 27.59
CA GLY C 145 -3.41 -25.45 28.44
C GLY C 145 -4.12 -26.55 29.22
N ARG C 146 -4.82 -26.14 30.26
CA ARG C 146 -5.57 -27.06 31.12
C ARG C 146 -7.01 -27.12 30.63
N TYR C 147 -7.31 -28.08 29.75
CA TYR C 147 -8.63 -28.22 29.18
C TYR C 147 -9.31 -29.44 29.78
N ALA C 148 -10.56 -29.27 30.21
CA ALA C 148 -11.36 -30.34 30.77
C ALA C 148 -12.41 -30.77 29.76
N TYR C 149 -12.65 -32.07 29.69
CA TYR C 149 -13.73 -32.59 28.86
C TYR C 149 -15.07 -32.20 29.45
N VAL C 150 -15.95 -31.69 28.58
CA VAL C 150 -17.34 -31.37 29.05
C VAL C 150 -18.24 -32.53 28.65
N ARG C 151 -18.52 -33.43 29.61
CA ARG C 151 -19.36 -34.59 29.34
C ARG C 151 -20.71 -34.15 28.78
N GLY C 152 -21.13 -34.79 27.69
CA GLY C 152 -22.37 -34.41 27.04
C GLY C 152 -22.31 -33.11 26.29
N GLY C 153 -21.13 -32.68 25.85
CA GLY C 153 -20.95 -31.45 25.13
C GLY C 153 -21.02 -31.55 23.62
N GLY C 154 -21.34 -32.71 23.07
CA GLY C 154 -21.34 -32.89 21.64
C GLY C 154 -22.51 -32.25 20.92
N GLY C 155 -23.47 -31.70 21.65
CA GLY C 155 -24.60 -31.04 21.06
C GLY C 155 -25.79 -31.97 20.92
N PRO C 156 -26.81 -31.52 20.19
CA PRO C 156 -28.01 -32.37 20.01
C PRO C 156 -27.70 -33.74 19.43
N TRP C 157 -26.80 -33.78 18.45
CA TRP C 157 -26.46 -35.06 17.76
C TRP C 157 -25.86 -36.04 18.77
N ALA C 158 -25.25 -35.54 19.84
CA ALA C 158 -24.58 -36.42 20.83
C ALA C 158 -25.61 -37.12 21.73
N ASN C 159 -25.40 -38.41 21.98
CA ASN C 159 -26.30 -39.15 22.90
C ASN C 159 -25.58 -39.25 24.25
N GLY C 160 -25.36 -38.11 24.91
CA GLY C 160 -24.62 -38.10 26.19
C GLY C 160 -23.12 -38.14 25.95
N SER C 161 -22.70 -38.14 24.68
CA SER C 161 -21.26 -38.21 24.35
C SER C 161 -20.63 -36.83 24.40
N ALA C 162 -19.32 -36.76 24.63
CA ALA C 162 -18.63 -35.45 24.68
C ALA C 162 -18.17 -35.00 23.28
N LEU C 163 -18.05 -35.92 22.30
CA LEU C 163 -17.66 -35.51 20.96
C LEU C 163 -18.57 -36.18 19.94
N ALA C 164 -19.15 -35.37 19.05
CA ALA C 164 -20.07 -35.88 18.00
C ALA C 164 -19.42 -35.72 16.62
N LEU C 165 -19.14 -36.84 15.95
CA LEU C 165 -18.58 -36.84 14.61
C LEU C 165 -19.71 -37.14 13.63
N CYS C 166 -20.18 -36.11 12.94
CA CYS C 166 -21.34 -36.21 12.05
C CYS C 166 -20.92 -36.05 10.60
N GLN C 167 -21.50 -36.87 9.73
CA GLN C 167 -21.41 -36.67 8.30
C GLN C 167 -22.82 -36.52 7.74
N ARG C 168 -22.99 -35.58 6.82
CA ARG C 168 -24.30 -35.26 6.25
C ARG C 168 -24.27 -35.45 4.75
N TYR C 169 -25.28 -36.13 4.22
CA TYR C 169 -25.35 -36.44 2.81
C TYR C 169 -26.80 -36.44 2.38
N TYR C 170 -27.01 -36.36 1.06
CA TYR C 170 -28.36 -36.44 0.51
C TYR C 170 -28.90 -37.86 0.64
N HIS C 171 -30.23 -37.97 0.67
CA HIS C 171 -30.85 -39.28 0.76
C HIS C 171 -30.54 -40.13 -0.45
N ARG C 172 -30.63 -39.48 -1.61
CA ARG C 172 -30.30 -40.18 -2.87
C ARG C 172 -29.32 -39.31 -3.65
N GLY C 173 -28.10 -39.78 -3.85
CA GLY C 173 -27.16 -39.08 -4.71
C GLY C 173 -27.27 -39.47 -6.16
N HIS C 174 -26.94 -40.72 -6.48
CA HIS C 174 -26.96 -41.25 -7.84
C HIS C 174 -26.49 -40.23 -8.87
N VAL C 175 -25.28 -39.73 -8.66
CA VAL C 175 -24.64 -38.80 -9.58
C VAL C 175 -23.80 -39.60 -10.56
N ASP C 176 -24.05 -39.40 -11.86
CA ASP C 176 -23.31 -40.13 -12.90
C ASP C 176 -23.01 -39.20 -14.06
N PRO C 177 -21.87 -38.49 -14.02
CA PRO C 177 -21.49 -37.63 -15.14
C PRO C 177 -21.20 -38.40 -16.42
N ALA C 178 -21.05 -39.73 -16.33
CA ALA C 178 -20.70 -40.52 -17.54
C ALA C 178 -21.85 -40.46 -18.55
N ASN C 179 -23.11 -40.48 -18.09
CA ASN C 179 -24.25 -40.35 -19.03
C ASN C 179 -25.24 -39.28 -18.54
N ASP C 180 -24.77 -38.31 -17.74
CA ASP C 180 -25.63 -37.17 -17.32
C ASP C 180 -26.93 -37.63 -16.68
N THR C 181 -26.87 -38.51 -15.67
CA THR C 181 -28.03 -39.00 -14.95
C THR C 181 -27.95 -38.58 -13.48
N PHE C 182 -29.04 -38.00 -12.99
CA PHE C 182 -28.93 -37.33 -11.66
C PHE C 182 -30.10 -37.62 -10.72
N ASP C 183 -30.48 -38.89 -10.57
CA ASP C 183 -31.52 -39.25 -9.59
C ASP C 183 -31.08 -38.82 -8.20
N ILE C 184 -31.76 -37.82 -7.63
CA ILE C 184 -31.30 -37.19 -6.39
C ILE C 184 -32.51 -36.80 -5.54
N ASP C 185 -32.42 -37.09 -4.23
CA ASP C 185 -33.46 -36.65 -3.27
C ASP C 185 -32.74 -35.69 -2.31
N PRO C 186 -32.90 -34.37 -2.44
CA PRO C 186 -32.15 -33.40 -1.61
C PRO C 186 -32.30 -33.51 -0.09
N ARG C 187 -33.21 -34.37 0.41
CA ARG C 187 -33.32 -34.53 1.86
C ARG C 187 -31.98 -34.84 2.52
N VAL C 188 -31.65 -34.08 3.56
CA VAL C 188 -30.38 -34.22 4.24
C VAL C 188 -30.49 -35.31 5.30
N VAL C 189 -29.60 -36.29 5.23
CA VAL C 189 -29.53 -37.38 6.20
C VAL C 189 -28.27 -37.19 7.02
N THR C 190 -28.46 -37.02 8.33
CA THR C 190 -27.31 -36.83 9.25
C THR C 190 -26.93 -38.16 9.88
N ASP C 191 -25.68 -38.59 9.69
CA ASP C 191 -25.16 -39.82 10.26
C ASP C 191 -24.11 -39.44 11.30
N CYS C 192 -24.39 -39.73 12.56
CA CYS C 192 -23.58 -39.25 13.66
C CYS C 192 -22.93 -40.42 14.39
N ILE C 193 -21.71 -40.20 14.87
CA ILE C 193 -20.95 -41.18 15.62
C ILE C 193 -20.61 -40.57 16.97
N GLN C 194 -20.83 -41.36 18.04
CA GLN C 194 -20.58 -40.89 19.42
C GLN C 194 -19.19 -41.31 19.90
N VAL C 195 -18.37 -40.35 20.30
CA VAL C 195 -17.02 -40.61 20.81
C VAL C 195 -16.97 -40.11 22.24
N ASP C 196 -16.47 -40.95 23.15
CA ASP C 196 -16.41 -40.58 24.59
C ASP C 196 -14.94 -40.50 25.03
N PRO C 197 -14.55 -39.47 25.81
CA PRO C 197 -13.16 -39.32 26.27
C PRO C 197 -12.70 -40.41 27.24
N PRO C 198 -11.39 -40.75 27.26
CA PRO C 198 -10.87 -41.78 28.17
C PRO C 198 -10.94 -41.35 29.65
N ASP C 199 -11.35 -42.26 30.53
CA ASP C 199 -11.42 -41.98 31.96
C ASP C 199 -10.00 -41.98 32.52
N ARG C 200 -9.48 -40.77 32.79
CA ARG C 200 -8.08 -40.62 33.32
C ARG C 200 -7.12 -41.51 32.52
N ALA C 216 -12.11 -48.25 19.09
CA ALA C 216 -12.35 -46.99 18.40
C ALA C 216 -13.37 -47.16 17.28
N SER C 217 -14.61 -46.78 17.55
CA SER C 217 -15.67 -46.93 16.56
C SER C 217 -15.56 -45.89 15.46
N TYR C 218 -14.93 -44.76 15.73
CA TYR C 218 -14.86 -43.70 14.72
C TYR C 218 -13.92 -44.07 13.58
N LYS C 219 -12.88 -44.85 13.86
CA LYS C 219 -11.99 -45.28 12.79
C LYS C 219 -12.71 -46.09 11.73
N ASN C 220 -13.87 -46.64 12.10
CA ASN C 220 -14.69 -47.42 11.12
C ASN C 220 -15.66 -46.45 10.43
N LEU C 221 -15.16 -45.29 10.00
CA LEU C 221 -16.04 -44.28 9.36
C LEU C 221 -15.94 -44.38 7.84
N THR C 222 -17.07 -44.54 7.15
CA THR C 222 -17.08 -44.53 5.70
C THR C 222 -17.83 -43.29 5.23
N LEU C 223 -17.18 -42.49 4.40
CA LEU C 223 -17.79 -41.26 3.92
C LEU C 223 -18.42 -41.48 2.56
N LYS C 224 -19.66 -41.00 2.41
CA LYS C 224 -20.39 -41.09 1.14
C LYS C 224 -20.00 -39.89 0.28
N PHE C 225 -18.82 -40.02 -0.35
CA PHE C 225 -18.22 -38.86 -1.03
C PHE C 225 -19.11 -38.32 -2.13
N HIS C 226 -19.70 -39.21 -2.94
CA HIS C 226 -20.46 -38.76 -4.10
C HIS C 226 -21.63 -37.88 -3.70
N LYS C 227 -22.20 -38.11 -2.51
CA LYS C 227 -23.39 -37.40 -2.08
C LYS C 227 -23.13 -36.57 -0.82
N LEU C 228 -21.87 -36.42 -0.43
CA LEU C 228 -21.54 -35.79 0.84
C LEU C 228 -21.78 -34.28 0.81
N ILE C 229 -22.26 -33.74 1.92
CA ILE C 229 -22.46 -32.31 2.08
C ILE C 229 -21.40 -31.69 2.98
N ASN C 230 -21.27 -32.19 4.20
CA ASN C 230 -20.17 -31.78 5.08
C ASN C 230 -19.97 -32.84 6.15
N VAL C 231 -18.83 -32.74 6.81
CA VAL C 231 -18.53 -33.49 8.02
C VAL C 231 -18.23 -32.46 9.10
N THR C 232 -18.80 -32.66 10.29
CA THR C 232 -18.57 -31.75 11.40
C THR C 232 -18.12 -32.52 12.61
N ILE C 233 -17.24 -31.91 13.39
CA ILE C 233 -16.81 -32.43 14.68
C ILE C 233 -17.21 -31.39 15.72
N HIS C 234 -18.00 -31.80 16.70
CA HIS C 234 -18.46 -30.91 17.75
C HIS C 234 -17.98 -31.44 19.09
N PHE C 235 -17.39 -30.57 19.90
CA PHE C 235 -17.09 -30.92 21.28
C PHE C 235 -16.85 -29.64 22.05
N GLN C 236 -16.75 -29.77 23.36
CA GLN C 236 -16.57 -28.62 24.24
C GLN C 236 -15.36 -28.85 25.14
N LEU C 237 -14.68 -27.77 25.48
CA LEU C 237 -13.53 -27.80 26.37
C LEU C 237 -13.68 -26.69 27.40
N LYS C 238 -13.45 -27.05 28.66
CA LYS C 238 -13.59 -26.07 29.77
C LYS C 238 -12.20 -25.68 30.27
N THR C 239 -11.94 -24.39 30.39
CA THR C 239 -10.67 -23.89 30.91
C THR C 239 -10.97 -22.74 31.85
N ILE C 240 -9.96 -22.35 32.63
CA ILE C 240 -10.04 -21.26 33.58
C ILE C 240 -9.05 -20.19 33.15
N ASN C 241 -9.51 -18.95 33.07
CA ASN C 241 -8.62 -17.84 32.75
C ASN C 241 -7.79 -17.51 33.99
N LEU C 242 -6.59 -18.09 34.06
CA LEU C 242 -5.76 -17.91 35.27
C LEU C 242 -5.49 -16.42 35.51
N GLN C 243 -5.22 -15.65 34.45
CA GLN C 243 -4.89 -14.24 34.65
C GLN C 243 -5.93 -13.57 35.54
N SER C 244 -7.20 -13.92 35.38
CA SER C 244 -8.25 -13.28 36.14
C SER C 244 -8.10 -13.53 37.63
N LEU C 245 -7.75 -14.76 38.01
CA LEU C 245 -7.65 -15.12 39.45
C LEU C 245 -6.46 -14.40 40.12
N ILE C 246 -5.49 -13.94 39.32
CA ILE C 246 -4.31 -13.22 39.88
C ILE C 246 -4.53 -11.71 39.70
N ASN C 247 -4.83 -11.28 38.46
CA ASN C 247 -4.99 -9.82 38.19
C ASN C 247 -6.15 -9.22 38.98
N ASN C 248 -7.39 -9.66 38.74
CA ASN C 248 -8.53 -8.98 39.41
C ASN C 248 -9.25 -9.94 40.37
N GLU C 249 -8.65 -11.09 40.67
CA GLU C 249 -9.31 -12.11 41.53
C GLU C 249 -10.74 -12.31 41.02
N ILE C 250 -10.92 -12.42 39.70
CA ILE C 250 -12.29 -12.53 39.12
C ILE C 250 -12.56 -13.98 38.74
N PRO C 251 -13.71 -14.61 39.13
CA PRO C 251 -14.02 -15.97 38.68
C PRO C 251 -14.39 -15.99 37.19
N ASP C 252 -13.65 -16.76 36.40
CA ASP C 252 -13.89 -16.76 34.93
C ASP C 252 -13.70 -18.18 34.37
N CYS C 253 -14.75 -19.02 34.39
CA CYS C 253 -14.61 -20.35 33.75
C CYS C 253 -15.12 -20.26 32.30
N TYR C 254 -14.22 -20.40 31.33
CA TYR C 254 -14.63 -20.36 29.93
C TYR C 254 -15.07 -21.74 29.50
N THR C 255 -16.06 -21.78 28.63
CA THR C 255 -16.43 -23.00 27.93
C THR C 255 -16.31 -22.76 26.44
N PHE C 256 -15.54 -23.58 25.77
CA PHE C 256 -15.32 -23.45 24.33
C PHE C 256 -16.13 -24.51 23.60
N SER C 257 -16.97 -24.07 22.68
CA SER C 257 -17.65 -24.98 21.77
C SER C 257 -16.84 -24.99 20.48
N ILE C 258 -16.12 -26.08 20.26
CA ILE C 258 -15.31 -26.20 19.06
C ILE C 258 -16.12 -26.89 17.98
N LEU C 259 -16.13 -26.29 16.79
CA LEU C 259 -16.77 -26.87 15.62
C LEU C 259 -15.74 -26.91 14.52
N ILE C 260 -15.40 -28.11 14.05
CA ILE C 260 -14.51 -28.29 12.91
C ILE C 260 -15.37 -28.74 11.74
N THR C 261 -15.37 -27.95 10.68
CA THR C 261 -16.21 -28.22 9.52
C THR C 261 -15.34 -28.64 8.35
N PHE C 262 -15.67 -29.77 7.75
CA PHE C 262 -15.12 -30.21 6.47
C PHE C 262 -16.25 -30.01 5.47
N ASP C 263 -16.17 -28.91 4.74
CA ASP C 263 -17.31 -28.37 3.99
C ASP C 263 -17.24 -28.78 2.53
N ASN C 264 -18.26 -29.50 2.06
CA ASN C 264 -18.33 -29.90 0.67
C ASN C 264 -19.60 -29.41 -0.02
N LYS C 265 -20.18 -28.32 0.48
CA LYS C 265 -21.44 -27.84 -0.08
C LYS C 265 -21.29 -27.36 -1.52
N ALA C 266 -20.08 -26.97 -1.92
CA ALA C 266 -19.84 -26.57 -3.30
C ALA C 266 -19.63 -27.74 -4.25
N HIS C 267 -19.38 -28.94 -3.72
CA HIS C 267 -19.08 -30.12 -4.53
C HIS C 267 -18.15 -29.76 -5.70
N SER C 268 -17.01 -29.18 -5.38
CA SER C 268 -16.08 -28.69 -6.40
C SER C 268 -14.73 -29.40 -6.37
N GLY C 269 -14.64 -30.56 -5.72
CA GLY C 269 -13.39 -31.26 -5.60
C GLY C 269 -12.45 -30.72 -4.57
N ARG C 270 -12.80 -29.60 -3.93
CA ARG C 270 -11.97 -28.98 -2.90
C ARG C 270 -12.82 -28.82 -1.66
N ILE C 271 -12.37 -29.38 -0.55
CA ILE C 271 -13.15 -29.33 0.68
C ILE C 271 -12.42 -28.45 1.69
N PRO C 272 -12.84 -27.19 1.87
CA PRO C 272 -12.20 -26.34 2.87
C PRO C 272 -12.43 -26.86 4.28
N ILE C 273 -11.44 -26.63 5.14
CA ILE C 273 -11.48 -27.06 6.53
C ILE C 273 -11.30 -25.84 7.41
N ARG C 274 -12.22 -25.62 8.33
CA ARG C 274 -12.13 -24.50 9.24
C ARG C 274 -12.51 -24.95 10.65
N LEU C 275 -11.97 -24.25 11.62
CA LEU C 275 -12.28 -24.49 13.03
C LEU C 275 -12.81 -23.19 13.63
N GLU C 276 -13.93 -23.28 14.33
CA GLU C 276 -14.57 -22.13 14.94
C GLU C 276 -14.90 -22.44 16.39
N THR C 277 -14.89 -21.40 17.22
CA THR C 277 -15.17 -21.55 18.64
C THR C 277 -16.22 -20.55 19.07
N LYS C 278 -17.11 -20.99 19.94
CA LYS C 278 -18.01 -20.14 20.69
C LYS C 278 -17.66 -20.23 22.16
N THR C 279 -17.72 -19.09 22.84
CA THR C 279 -17.29 -18.98 24.22
C THR C 279 -18.49 -18.70 25.10
N HIS C 280 -18.55 -19.39 26.24
CA HIS C 280 -19.55 -19.15 27.27
C HIS C 280 -18.82 -18.86 28.57
N ILE C 281 -18.81 -17.59 28.98
CA ILE C 281 -18.01 -17.17 30.12
C ILE C 281 -18.90 -17.15 31.35
N GLN C 282 -18.61 -18.06 32.29
CA GLN C 282 -19.38 -18.09 33.56
C GLN C 282 -18.42 -17.75 34.70
N GLU C 283 -18.86 -17.93 35.95
CA GLU C 283 -17.96 -17.69 37.11
C GLU C 283 -17.57 -19.03 37.73
N CYS C 284 -16.26 -19.31 37.82
CA CYS C 284 -15.79 -20.56 38.49
C CYS C 284 -16.19 -20.50 39.96
N LYS C 285 -16.74 -21.60 40.50
CA LYS C 285 -17.26 -21.59 41.90
C LYS C 285 -16.16 -22.04 42.86
N SER C 296 -18.56 -3.59 43.76
CA SER C 296 -17.25 -3.17 43.27
C SER C 296 -17.32 -1.77 42.67
N PHE C 297 -16.15 -1.21 42.37
CA PHE C 297 -16.08 0.11 41.77
C PHE C 297 -16.73 0.13 40.39
N ARG C 298 -16.46 -0.89 39.56
CA ARG C 298 -16.97 -0.89 38.20
C ARG C 298 -18.49 -0.72 38.19
N LEU C 299 -19.18 -1.42 39.08
CA LEU C 299 -20.63 -1.28 39.16
C LEU C 299 -21.03 0.08 39.72
N LEU C 300 -20.31 0.57 40.72
CA LEU C 300 -20.60 1.89 41.27
C LEU C 300 -20.39 2.97 40.23
N PHE C 301 -19.29 2.89 39.47
CA PHE C 301 -19.05 3.85 38.41
C PHE C 301 -20.14 3.79 37.35
N ASP C 302 -20.67 2.60 37.08
CA ASP C 302 -21.72 2.46 36.09
C ASP C 302 -23.02 3.14 36.54
N VAL C 303 -23.32 3.10 37.84
CA VAL C 303 -24.49 3.82 38.34
C VAL C 303 -24.25 5.32 38.27
N VAL C 304 -23.02 5.76 38.56
CA VAL C 304 -22.68 7.18 38.45
C VAL C 304 -22.92 7.68 37.03
N VAL C 305 -22.55 6.87 36.03
CA VAL C 305 -22.76 7.28 34.64
C VAL C 305 -24.25 7.41 34.34
N ILE C 306 -25.04 6.44 34.79
CA ILE C 306 -26.47 6.46 34.52
C ILE C 306 -27.12 7.68 35.15
N LEU C 307 -26.68 8.06 36.35
CA LEU C 307 -27.22 9.25 36.99
C LEU C 307 -26.83 10.52 36.26
N THR C 308 -25.56 10.62 35.86
CA THR C 308 -25.08 11.83 35.18
C THR C 308 -25.81 12.03 33.85
N CYS C 309 -26.04 10.96 33.11
CA CYS C 309 -26.75 11.09 31.83
C CYS C 309 -28.25 11.28 32.06
N SER C 310 -28.80 10.64 33.09
CA SER C 310 -30.22 10.86 33.39
C SER C 310 -30.46 12.30 33.82
N LEU C 311 -29.58 12.86 34.65
CA LEU C 311 -29.69 14.26 35.01
C LEU C 311 -29.56 15.15 33.79
N SER C 312 -28.61 14.85 32.90
CA SER C 312 -28.44 15.63 31.69
C SER C 312 -29.67 15.53 30.80
N PHE C 313 -30.27 14.34 30.73
CA PHE C 313 -31.43 14.16 29.88
C PHE C 313 -32.60 15.03 30.32
N LEU C 314 -32.84 15.11 31.63
CA LEU C 314 -33.96 15.91 32.12
C LEU C 314 -33.76 17.38 31.81
N LEU C 315 -32.60 17.93 32.15
CA LEU C 315 -32.36 19.36 31.93
C LEU C 315 -32.45 19.71 30.46
N CYS C 316 -31.85 18.88 29.60
CA CYS C 316 -31.96 19.13 28.17
C CYS C 316 -33.40 18.98 27.71
N ALA C 317 -34.11 17.96 28.20
CA ALA C 317 -35.52 17.82 27.86
C ALA C 317 -36.32 19.04 28.32
N ARG C 318 -36.04 19.53 29.52
CA ARG C 318 -36.71 20.73 30.01
C ARG C 318 -36.45 21.91 29.09
N SER C 319 -35.19 22.13 28.73
CA SER C 319 -34.86 23.24 27.83
C SER C 319 -35.57 23.10 26.50
N LEU C 320 -35.66 21.88 25.98
CA LEU C 320 -36.37 21.66 24.72
C LEU C 320 -37.84 22.02 24.84
N LEU C 321 -38.45 21.67 25.97
CA LEU C 321 -39.86 22.01 26.19
C LEU C 321 -40.06 23.52 26.18
N ARG C 322 -39.15 24.24 26.83
CA ARG C 322 -39.23 25.73 26.88
C ARG C 322 -39.22 26.29 25.47
N GLY C 323 -38.41 25.71 24.57
CA GLY C 323 -38.39 26.16 23.20
C GLY C 323 -39.71 25.92 22.49
N PHE C 324 -40.30 24.75 22.68
CA PHE C 324 -41.58 24.47 22.04
C PHE C 324 -42.68 25.40 22.56
N LEU C 325 -42.68 25.68 23.86
CA LEU C 325 -43.64 26.64 24.40
C LEU C 325 -43.41 28.03 23.82
N LEU C 326 -42.17 28.52 23.91
CA LEU C 326 -41.87 29.83 23.36
C LEU C 326 -42.21 29.91 21.88
N GLN C 327 -42.00 28.81 21.15
CA GLN C 327 -42.40 28.78 19.75
C GLN C 327 -43.90 28.95 19.62
N ASN C 328 -44.67 28.30 20.49
CA ASN C 328 -46.13 28.41 20.42
C ASN C 328 -46.59 29.83 20.73
N GLU C 329 -46.02 30.45 21.76
CA GLU C 329 -46.43 31.82 22.09
C GLU C 329 -46.06 32.80 20.99
N PHE C 330 -45.02 32.52 20.22
CA PHE C 330 -44.63 33.40 19.14
C PHE C 330 -45.50 33.26 17.89
N VAL C 331 -45.90 32.02 17.59
CA VAL C 331 -46.68 31.76 16.33
C VAL C 331 -47.94 32.61 16.29
N VAL C 332 -48.53 32.91 17.45
CA VAL C 332 -49.77 33.67 17.50
C VAL C 332 -49.53 35.15 17.77
N PHE C 333 -48.47 35.51 18.51
CA PHE C 333 -48.17 36.92 18.70
C PHE C 333 -47.92 37.63 17.38
N MET C 334 -47.20 36.95 16.48
CA MET C 334 -46.95 37.52 15.14
C MET C 334 -48.21 37.36 14.29
N TRP C 335 -49.05 36.38 14.61
CA TRP C 335 -50.34 36.18 13.86
C TRP C 335 -51.44 37.07 14.44
N ARG C 336 -51.12 37.91 15.43
CA ARG C 336 -52.10 38.88 15.98
C ARG C 336 -51.53 40.28 15.78
N ARG C 337 -50.39 40.57 16.40
CA ARG C 337 -49.73 41.86 16.26
C ARG C 337 -49.57 42.24 14.79
N ARG C 338 -49.11 41.30 13.97
CA ARG C 338 -48.93 41.55 12.55
C ARG C 338 -49.82 40.67 11.66
N GLY C 339 -50.44 39.63 12.22
CA GLY C 339 -51.18 38.70 11.34
C GLY C 339 -50.21 38.15 10.31
N ARG C 340 -48.93 38.02 10.67
CA ARG C 340 -47.97 37.56 9.63
C ARG C 340 -47.81 36.04 9.69
N GLU C 341 -47.51 35.43 8.55
CA GLU C 341 -47.42 33.95 8.39
C GLU C 341 -46.06 33.45 8.90
N ILE C 342 -46.03 32.24 9.48
CA ILE C 342 -44.74 31.64 9.95
C ILE C 342 -44.59 30.25 9.30
N SER C 343 -43.48 30.01 8.60
CA SER C 343 -43.27 28.73 7.94
C SER C 343 -42.70 27.71 8.92
N LEU C 344 -42.71 26.44 8.51
CA LEU C 344 -42.20 25.39 9.37
C LEU C 344 -40.75 25.62 9.74
N TRP C 345 -39.91 25.99 8.77
CA TRP C 345 -38.53 26.34 9.09
C TRP C 345 -38.42 27.47 10.09
N GLU C 346 -39.25 28.51 9.94
CA GLU C 346 -39.13 29.69 10.84
C GLU C 346 -39.27 29.24 12.30
N ARG C 347 -39.91 28.09 12.54
CA ARG C 347 -40.14 27.60 13.93
C ARG C 347 -38.98 26.68 14.34
N LEU C 348 -38.25 26.12 13.36
CA LEU C 348 -37.09 25.31 13.70
C LEU C 348 -36.08 26.07 14.53
N GLU C 349 -35.94 27.39 14.30
CA GLU C 349 -34.94 28.15 15.03
C GLU C 349 -35.12 28.04 16.53
N PHE C 350 -36.36 27.78 16.97
CA PHE C 350 -36.59 27.55 18.39
C PHE C 350 -36.07 26.21 18.83
N VAL C 351 -35.67 25.35 17.90
CA VAL C 351 -35.15 24.02 18.20
C VAL C 351 -33.64 24.14 18.35
N ASN C 352 -33.12 23.69 19.49
CA ASN C 352 -31.68 23.64 19.73
C ASN C 352 -31.16 22.29 19.26
N GLY C 353 -30.50 22.26 18.11
CA GLY C 353 -29.96 21.02 17.60
C GLY C 353 -28.95 20.37 18.50
N TRP C 354 -28.16 21.16 19.23
CA TRP C 354 -27.20 20.59 20.17
C TRP C 354 -27.90 19.80 21.26
N TYR C 355 -29.03 20.31 21.73
CA TYR C 355 -29.80 19.61 22.80
C TYR C 355 -30.37 18.30 22.25
N ILE C 356 -30.71 18.27 20.96
CA ILE C 356 -31.16 17.02 20.35
C ILE C 356 -30.05 15.99 20.42
N LEU C 357 -28.81 16.41 20.13
CA LEU C 357 -27.66 15.54 20.25
C LEU C 357 -27.48 15.07 21.69
N LEU C 358 -27.63 15.99 22.65
CA LEU C 358 -27.37 15.64 24.04
C LEU C 358 -28.33 14.56 24.54
N VAL C 359 -29.63 14.75 24.34
CA VAL C 359 -30.60 13.76 24.79
C VAL C 359 -30.45 12.45 24.02
N THR C 360 -30.14 12.53 22.73
CA THR C 360 -29.90 11.32 21.96
C THR C 360 -28.73 10.52 22.52
N SER C 361 -27.66 11.22 22.92
CA SER C 361 -26.52 10.52 23.51
C SER C 361 -26.81 10.03 24.92
N ASP C 362 -27.62 10.78 25.66
CA ASP C 362 -28.02 10.35 27.03
C ASP C 362 -28.71 9.00 26.92
N VAL C 363 -29.65 8.87 25.99
CA VAL C 363 -30.40 7.62 25.82
C VAL C 363 -29.46 6.49 25.47
N LEU C 364 -28.49 6.73 24.57
CA LEU C 364 -27.55 5.69 24.19
C LEU C 364 -26.68 5.25 25.36
N THR C 365 -26.18 6.20 26.15
CA THR C 365 -25.32 5.82 27.27
C THR C 365 -26.09 5.04 28.33
N ILE C 366 -27.28 5.52 28.71
CA ILE C 366 -28.07 4.80 29.70
C ILE C 366 -28.45 3.41 29.17
N SER C 367 -28.98 3.37 27.96
CA SER C 367 -29.34 2.08 27.37
C SER C 367 -28.12 1.19 27.19
N GLY C 368 -27.00 1.77 26.71
CA GLY C 368 -25.79 0.99 26.58
C GLY C 368 -25.22 0.56 27.91
N THR C 369 -25.28 1.45 28.91
CA THR C 369 -24.71 1.13 30.22
C THR C 369 -25.50 0.03 30.90
N VAL C 370 -26.82 0.02 30.74
CA VAL C 370 -27.66 -1.01 31.36
C VAL C 370 -27.25 -2.39 30.88
N MET C 371 -27.01 -2.49 29.57
CA MET C 371 -26.61 -3.81 28.96
C MET C 371 -25.21 -4.17 29.45
N LYS C 372 -24.32 -3.19 29.61
CA LYS C 372 -22.97 -3.44 30.07
C LYS C 372 -22.97 -4.03 31.48
N ILE C 373 -23.88 -3.59 32.34
CA ILE C 373 -23.95 -4.16 33.68
C ILE C 373 -24.32 -5.63 33.61
N GLY C 374 -25.25 -5.98 32.73
CA GLY C 374 -25.57 -7.38 32.52
C GLY C 374 -24.38 -8.19 32.03
N ILE C 375 -23.60 -7.63 31.11
CA ILE C 375 -22.43 -8.33 30.60
C ILE C 375 -21.41 -8.55 31.71
N GLU C 376 -21.16 -7.50 32.51
CA GLU C 376 -20.13 -7.59 33.58
C GLU C 376 -20.51 -8.70 34.55
N ALA C 377 -21.80 -8.91 34.80
CA ALA C 377 -22.17 -9.91 35.84
C ALA C 377 -22.33 -11.33 35.25
N LYS C 378 -22.10 -11.51 33.94
CA LYS C 378 -22.19 -12.83 33.23
C LYS C 378 -23.64 -13.20 32.88
N ASN C 379 -24.47 -12.24 32.46
CA ASN C 379 -25.89 -12.58 32.19
C ASN C 379 -26.30 -12.24 30.75
N LEU C 380 -25.54 -11.40 30.03
CA LEU C 380 -25.98 -10.94 28.72
C LEU C 380 -25.10 -11.43 27.57
N ALA C 381 -23.81 -11.09 27.64
CA ALA C 381 -22.85 -11.44 26.57
C ALA C 381 -23.30 -10.84 25.23
N SER C 382 -23.95 -9.67 25.25
CA SER C 382 -24.29 -9.05 23.94
C SER C 382 -23.26 -7.95 23.68
N TYR C 383 -22.00 -8.32 23.47
CA TYR C 383 -20.93 -7.33 23.35
C TYR C 383 -21.17 -6.40 22.16
N ASP C 384 -21.53 -6.97 21.00
CA ASP C 384 -21.68 -6.16 19.77
C ASP C 384 -22.63 -4.98 19.99
N VAL C 385 -23.84 -5.23 20.48
CA VAL C 385 -24.84 -4.18 20.65
C VAL C 385 -24.37 -3.18 21.70
N CYS C 386 -23.87 -3.67 22.83
CA CYS C 386 -23.42 -2.77 23.89
C CYS C 386 -22.28 -1.88 23.41
N SER C 387 -21.33 -2.46 22.69
CA SER C 387 -20.19 -1.68 22.21
C SER C 387 -20.63 -0.60 21.22
N ILE C 388 -21.59 -0.93 20.36
CA ILE C 388 -22.08 0.06 19.42
C ILE C 388 -22.83 1.18 20.14
N LEU C 389 -23.63 0.83 21.15
CA LEU C 389 -24.36 1.85 21.88
C LEU C 389 -23.40 2.80 22.61
N LEU C 390 -22.37 2.24 23.24
CA LEU C 390 -21.44 3.07 23.98
C LEU C 390 -20.48 3.80 23.05
N GLY C 391 -20.09 3.16 21.95
CA GLY C 391 -19.24 3.83 20.99
C GLY C 391 -19.92 5.01 20.33
N THR C 392 -21.15 4.83 19.87
CA THR C 392 -21.84 5.90 19.17
C THR C 392 -22.20 7.04 20.12
N SER C 393 -22.54 6.70 21.36
CA SER C 393 -22.84 7.76 22.36
C SER C 393 -21.57 8.57 22.62
N THR C 394 -20.44 7.89 22.82
CA THR C 394 -19.18 8.57 23.11
C THR C 394 -18.77 9.47 21.96
N LEU C 395 -18.96 9.01 20.72
CA LEU C 395 -18.69 9.86 19.57
C LEU C 395 -19.54 11.12 19.62
N LEU C 396 -20.81 10.99 20.01
CA LEU C 396 -21.72 12.13 20.02
C LEU C 396 -21.33 13.16 21.06
N VAL C 397 -20.90 12.72 22.24
CA VAL C 397 -20.59 13.70 23.30
C VAL C 397 -19.32 14.47 22.95
N TRP C 398 -18.33 13.81 22.35
CA TRP C 398 -17.15 14.52 21.90
C TRP C 398 -17.46 15.46 20.76
N VAL C 399 -18.35 15.07 19.85
CA VAL C 399 -18.79 15.98 18.80
C VAL C 399 -19.48 17.19 19.42
N GLY C 400 -20.24 16.98 20.50
CA GLY C 400 -20.94 18.07 21.15
C GLY C 400 -20.02 19.11 21.76
N VAL C 401 -18.72 18.82 21.86
CA VAL C 401 -17.78 19.83 22.33
C VAL C 401 -17.65 20.97 21.33
N ILE C 402 -18.06 20.73 20.07
CA ILE C 402 -18.01 21.80 19.04
C ILE C 402 -18.86 22.99 19.52
N ARG C 403 -20.01 22.70 20.13
CA ARG C 403 -20.89 23.78 20.58
C ARG C 403 -20.15 24.80 21.43
N TYR C 404 -19.26 24.35 22.31
CA TYR C 404 -18.53 25.28 23.15
C TYR C 404 -17.63 26.18 22.32
N LEU C 405 -17.05 25.65 21.24
CA LEU C 405 -16.18 26.45 20.40
C LEU C 405 -16.96 27.50 19.60
N THR C 406 -18.24 27.25 19.35
CA THR C 406 -19.03 28.23 18.61
C THR C 406 -19.27 29.51 19.41
N PHE C 407 -18.94 29.54 20.70
CA PHE C 407 -19.07 30.74 21.50
C PHE C 407 -17.91 31.71 21.28
N PHE C 408 -16.91 31.32 20.52
CA PHE C 408 -15.75 32.16 20.26
C PHE C 408 -15.68 32.46 18.78
N HIS C 409 -15.58 33.75 18.45
CA HIS C 409 -15.75 34.18 17.07
C HIS C 409 -14.72 33.54 16.14
N LYS C 410 -13.46 33.47 16.57
CA LYS C 410 -12.42 32.91 15.72
C LYS C 410 -12.69 31.46 15.39
N TYR C 411 -13.09 30.67 16.39
CA TYR C 411 -13.44 29.27 16.14
C TYR C 411 -14.75 29.17 15.37
N ASN C 412 -15.71 30.05 15.66
CA ASN C 412 -17.00 29.97 14.99
C ASN C 412 -16.88 30.19 13.50
N ILE C 413 -15.88 30.95 13.06
CA ILE C 413 -15.69 31.17 11.63
C ILE C 413 -15.47 29.85 10.91
N LEU C 414 -14.68 28.96 11.50
CA LEU C 414 -14.39 27.67 10.88
C LEU C 414 -15.61 26.76 10.94
N ILE C 415 -16.25 26.66 12.10
CA ILE C 415 -17.41 25.79 12.24
C ILE C 415 -18.54 26.28 11.34
N ALA C 416 -18.75 27.59 11.27
CA ALA C 416 -19.78 28.13 10.41
C ALA C 416 -19.47 27.87 8.94
N THR C 417 -18.19 27.87 8.58
CA THR C 417 -17.81 27.59 7.19
C THR C 417 -18.28 26.20 6.77
N LEU C 418 -18.07 25.21 7.63
CA LEU C 418 -18.51 23.86 7.30
C LEU C 418 -20.03 23.76 7.30
N ARG C 419 -20.70 24.49 8.18
CA ARG C 419 -22.15 24.44 8.22
C ARG C 419 -22.77 24.97 6.93
N VAL C 420 -22.20 26.05 6.39
CA VAL C 420 -22.82 26.68 5.17
C VAL C 420 -22.37 25.95 3.90
N ALA C 421 -21.26 25.20 3.97
CA ALA C 421 -20.80 24.41 2.81
C ALA C 421 -21.52 23.06 2.79
N LEU C 422 -22.05 22.65 3.93
CA LEU C 422 -22.61 21.30 4.02
C LEU C 422 -23.77 21.06 3.06
N PRO C 423 -24.72 21.97 2.86
CA PRO C 423 -25.76 21.73 1.86
C PRO C 423 -25.24 21.55 0.44
N SER C 424 -24.23 22.32 0.04
CA SER C 424 -23.68 22.17 -1.30
C SER C 424 -22.93 20.86 -1.44
N VAL C 425 -22.23 20.46 -0.39
CA VAL C 425 -21.50 19.19 -0.44
C VAL C 425 -22.47 18.03 -0.53
N MET C 426 -23.56 18.09 0.24
CA MET C 426 -24.56 17.03 0.19
C MET C 426 -25.21 16.94 -1.18
N ARG C 427 -25.51 18.08 -1.79
CA ARG C 427 -26.09 18.08 -3.12
C ARG C 427 -25.12 17.50 -4.14
N PHE C 428 -23.85 17.88 -4.06
CA PHE C 428 -22.86 17.35 -4.99
C PHE C 428 -22.67 15.86 -4.81
N CYS C 429 -22.85 15.34 -3.59
CA CYS C 429 -22.76 13.90 -3.37
C CYS C 429 -23.86 13.15 -4.11
N CYS C 430 -25.09 13.67 -4.09
CA CYS C 430 -26.16 13.05 -4.85
C CYS C 430 -25.89 13.11 -6.35
N CYS C 431 -25.35 14.23 -6.82
CA CYS C 431 -25.02 14.34 -8.24
C CYS C 431 -24.01 13.28 -8.65
N VAL C 432 -22.97 13.06 -7.83
CA VAL C 432 -21.91 12.13 -8.17
C VAL C 432 -22.18 10.71 -7.70
N ALA C 433 -23.15 10.52 -6.82
CA ALA C 433 -23.49 9.16 -6.39
C ALA C 433 -24.01 8.33 -7.57
N VAL C 434 -24.79 8.95 -8.46
CA VAL C 434 -25.32 8.18 -9.58
C VAL C 434 -24.23 7.80 -10.57
N ILE C 435 -23.23 8.69 -10.76
CA ILE C 435 -22.08 8.33 -11.64
C ILE C 435 -21.31 7.21 -10.96
N TYR C 436 -21.08 7.35 -9.62
CA TYR C 436 -20.34 6.34 -8.87
C TYR C 436 -21.02 4.99 -8.94
N LEU C 437 -22.34 4.96 -8.78
CA LEU C 437 -23.09 3.70 -8.82
C LEU C 437 -22.99 3.06 -10.19
N GLY C 438 -23.10 3.85 -11.26
CA GLY C 438 -22.96 3.30 -12.59
C GLY C 438 -21.64 2.60 -12.81
N TYR C 439 -20.55 3.18 -12.30
CA TYR C 439 -19.26 2.54 -12.37
C TYR C 439 -19.22 1.26 -11.53
N CYS C 440 -19.85 1.27 -10.36
CA CYS C 440 -19.85 0.10 -9.50
C CYS C 440 -20.50 -1.08 -10.20
N PHE C 441 -21.65 -0.87 -10.81
CA PHE C 441 -22.34 -1.95 -11.51
C PHE C 441 -21.57 -2.44 -12.72
N CYS C 442 -21.03 -1.49 -13.48
CA CYS C 442 -20.24 -1.82 -14.71
C CYS C 442 -19.03 -2.67 -14.32
N GLY C 443 -18.31 -2.29 -13.28
CA GLY C 443 -17.12 -3.01 -12.88
C GLY C 443 -17.42 -4.38 -12.32
N TRP C 444 -18.48 -4.49 -11.51
CA TRP C 444 -18.84 -5.77 -10.94
C TRP C 444 -19.23 -6.78 -12.01
N ILE C 445 -20.01 -6.35 -13.01
CA ILE C 445 -20.48 -7.27 -14.03
C ILE C 445 -19.33 -7.69 -14.94
N VAL C 446 -18.46 -6.75 -15.30
CA VAL C 446 -17.40 -7.03 -16.27
C VAL C 446 -16.17 -7.62 -15.60
N LEU C 447 -15.68 -7.00 -14.53
CA LEU C 447 -14.42 -7.40 -13.91
C LEU C 447 -14.57 -8.40 -12.78
N GLY C 448 -15.80 -8.69 -12.35
CA GLY C 448 -16.03 -9.65 -11.29
C GLY C 448 -15.48 -11.03 -11.55
N PRO C 449 -15.67 -11.59 -12.75
CA PRO C 449 -15.09 -12.91 -13.03
C PRO C 449 -13.58 -12.95 -12.95
N TYR C 450 -12.89 -11.84 -13.16
CA TYR C 450 -11.45 -11.83 -13.35
C TYR C 450 -10.65 -11.17 -12.24
N HIS C 451 -11.24 -10.28 -11.47
CA HIS C 451 -10.52 -9.45 -10.51
C HIS C 451 -10.94 -9.79 -9.10
N VAL C 452 -9.97 -10.08 -8.24
CA VAL C 452 -10.24 -10.44 -6.86
C VAL C 452 -10.93 -9.32 -6.10
N LYS C 453 -10.77 -8.07 -6.53
CA LYS C 453 -11.35 -6.95 -5.83
C LYS C 453 -12.76 -6.60 -6.30
N PHE C 454 -13.25 -7.23 -7.37
CA PHE C 454 -14.55 -6.92 -7.94
C PHE C 454 -15.51 -8.08 -7.81
N ARG C 455 -15.36 -8.88 -6.76
CA ARG C 455 -16.14 -10.11 -6.64
C ARG C 455 -17.58 -9.84 -6.23
N SER C 456 -17.80 -8.94 -5.29
CA SER C 456 -19.12 -8.56 -4.82
C SER C 456 -19.31 -7.06 -4.96
N LEU C 457 -20.57 -6.64 -4.94
CA LEU C 457 -20.88 -5.23 -5.10
C LEU C 457 -20.29 -4.39 -3.97
N SER C 458 -20.40 -4.87 -2.73
CA SER C 458 -19.81 -4.12 -1.61
C SER C 458 -18.30 -4.07 -1.72
N MET C 459 -17.68 -5.13 -2.24
CA MET C 459 -16.24 -5.11 -2.47
C MET C 459 -15.88 -4.11 -3.56
N VAL C 460 -16.70 -4.02 -4.61
CA VAL C 460 -16.44 -3.07 -5.68
C VAL C 460 -16.47 -1.65 -5.14
N SER C 461 -17.46 -1.32 -4.32
CA SER C 461 -17.53 0.02 -3.76
C SER C 461 -16.28 0.33 -2.93
N GLU C 462 -15.84 -0.63 -2.11
CA GLU C 462 -14.64 -0.42 -1.32
C GLU C 462 -13.41 -0.20 -2.20
N CYS C 463 -13.32 -0.96 -3.31
CA CYS C 463 -12.21 -0.78 -4.23
C CYS C 463 -12.25 0.60 -4.89
N LEU C 464 -13.40 0.97 -5.45
CA LEU C 464 -13.50 2.25 -6.14
C LEU C 464 -13.32 3.43 -5.18
N PHE C 465 -13.88 3.34 -3.98
CA PHE C 465 -13.73 4.40 -3.00
C PHE C 465 -12.28 4.60 -2.62
N SER C 466 -11.54 3.50 -2.45
CA SER C 466 -10.11 3.62 -2.16
C SER C 466 -9.36 4.21 -3.34
N LEU C 467 -9.75 3.85 -4.56
CA LEU C 467 -9.06 4.37 -5.74
C LEU C 467 -9.15 5.89 -5.81
N ILE C 468 -10.35 6.45 -5.63
CA ILE C 468 -10.48 7.89 -5.74
C ILE C 468 -9.78 8.63 -4.62
N ASN C 469 -9.50 7.96 -3.50
CA ASN C 469 -8.69 8.55 -2.44
C ASN C 469 -7.23 8.14 -2.55
N GLY C 470 -6.80 7.69 -3.72
CA GLY C 470 -5.41 7.40 -4.00
C GLY C 470 -4.80 6.23 -3.26
N ASP C 471 -5.54 5.14 -3.10
CA ASP C 471 -5.03 3.98 -2.39
C ASP C 471 -5.24 2.72 -3.19
N ASP C 472 -4.28 1.79 -3.11
CA ASP C 472 -4.37 0.48 -3.77
C ASP C 472 -4.61 0.59 -5.25
N MET C 473 -3.99 1.58 -5.89
CA MET C 473 -4.20 1.79 -7.31
C MET C 473 -3.40 0.82 -8.17
N PHE C 474 -2.10 0.66 -7.87
CA PHE C 474 -1.25 -0.14 -8.74
C PHE C 474 -1.62 -1.61 -8.69
N VAL C 475 -1.95 -2.12 -7.51
CA VAL C 475 -2.34 -3.53 -7.40
C VAL C 475 -3.59 -3.80 -8.21
N THR C 476 -4.53 -2.86 -8.23
CA THR C 476 -5.73 -3.02 -9.04
C THR C 476 -5.38 -3.13 -10.52
N PHE C 477 -4.41 -2.30 -10.95
CA PHE C 477 -3.96 -2.34 -12.36
C PHE C 477 -3.14 -3.61 -12.59
N ALA C 478 -2.36 -4.04 -11.60
CA ALA C 478 -1.50 -5.22 -11.75
C ALA C 478 -2.33 -6.49 -11.90
N ALA C 479 -3.43 -6.60 -11.14
CA ALA C 479 -4.25 -7.81 -11.22
C ALA C 479 -4.75 -8.04 -12.62
N MET C 480 -5.06 -6.95 -13.32
CA MET C 480 -5.58 -7.06 -14.70
C MET C 480 -4.43 -7.22 -15.70
N GLN C 481 -3.18 -7.06 -15.27
CA GLN C 481 -2.02 -7.24 -16.19
C GLN C 481 -1.53 -8.67 -16.06
N ALA C 482 -1.73 -9.32 -14.91
CA ALA C 482 -1.32 -10.74 -14.70
C ALA C 482 -1.79 -11.65 -15.85
N GLN C 483 -3.10 -11.91 -15.97
CA GLN C 483 -3.62 -12.87 -17.00
C GLN C 483 -4.43 -12.08 -18.03
N GLN C 484 -4.57 -10.76 -17.84
CA GLN C 484 -5.30 -9.84 -18.71
C GLN C 484 -6.79 -10.16 -18.74
N GLY C 485 -7.30 -10.73 -17.65
CA GLY C 485 -8.66 -11.23 -17.67
C GLY C 485 -8.85 -12.31 -18.71
N HIS C 486 -7.77 -12.96 -19.11
CA HIS C 486 -7.80 -13.99 -20.14
C HIS C 486 -8.54 -13.51 -21.38
N SER C 487 -8.39 -12.22 -21.70
CA SER C 487 -9.03 -11.66 -22.89
C SER C 487 -8.50 -10.27 -23.18
N SER C 488 -8.07 -10.03 -24.43
CA SER C 488 -7.63 -8.69 -24.80
C SER C 488 -8.75 -7.68 -24.69
N LEU C 489 -9.96 -8.07 -25.10
CA LEU C 489 -11.10 -7.17 -25.01
C LEU C 489 -11.36 -6.75 -23.57
N VAL C 490 -11.36 -7.73 -22.65
CA VAL C 490 -11.59 -7.40 -21.26
C VAL C 490 -10.45 -6.55 -20.71
N TRP C 491 -9.20 -6.88 -21.06
CA TRP C 491 -8.09 -6.08 -20.58
C TRP C 491 -8.17 -4.65 -21.08
N LEU C 492 -8.55 -4.47 -22.35
CA LEU C 492 -8.67 -3.11 -22.94
C LEU C 492 -9.77 -2.34 -22.20
N PHE C 493 -10.89 -3.03 -21.90
CA PHE C 493 -11.98 -2.38 -21.19
C PHE C 493 -11.55 -1.95 -19.79
N SER C 494 -10.82 -2.81 -19.08
CA SER C 494 -10.35 -2.45 -17.75
C SER C 494 -9.49 -1.19 -17.80
N GLN C 495 -8.73 -1.01 -18.88
CA GLN C 495 -7.92 0.20 -18.99
C GLN C 495 -8.81 1.45 -19.09
N LEU C 496 -9.77 1.45 -20.01
CA LEU C 496 -10.66 2.60 -20.12
C LEU C 496 -11.45 2.80 -18.84
N TYR C 497 -11.92 1.71 -18.25
CA TYR C 497 -12.74 1.79 -17.05
C TYR C 497 -11.98 2.44 -15.90
N LEU C 498 -10.77 1.97 -15.62
CA LEU C 498 -10.02 2.48 -14.48
C LEU C 498 -9.43 3.86 -14.75
N TYR C 499 -8.91 4.09 -15.95
CA TYR C 499 -8.30 5.39 -16.24
C TYR C 499 -9.34 6.50 -16.23
N SER C 500 -10.51 6.25 -16.82
CA SER C 500 -11.56 7.27 -16.84
C SER C 500 -12.14 7.50 -15.45
N PHE C 501 -12.36 6.43 -14.68
CA PHE C 501 -12.92 6.60 -13.34
C PHE C 501 -12.00 7.42 -12.44
N ILE C 502 -10.74 7.03 -12.41
CA ILE C 502 -9.78 7.73 -11.50
C ILE C 502 -9.60 9.17 -11.98
N SER C 503 -9.42 9.38 -13.29
CA SER C 503 -9.21 10.72 -13.81
C SER C 503 -10.41 11.62 -13.52
N LEU C 504 -11.62 11.10 -13.76
CA LEU C 504 -12.82 11.90 -13.53
C LEU C 504 -12.96 12.28 -12.06
N PHE C 505 -12.86 11.31 -11.16
CA PHE C 505 -13.21 11.56 -9.78
C PHE C 505 -12.14 12.32 -9.02
N ILE C 506 -10.87 12.12 -9.36
CA ILE C 506 -9.81 12.82 -8.66
C ILE C 506 -9.64 14.24 -9.21
N TYR C 507 -9.60 14.39 -10.53
CA TYR C 507 -9.25 15.68 -11.10
C TYR C 507 -10.43 16.63 -11.20
N MET C 508 -11.65 16.11 -11.27
CA MET C 508 -12.83 16.97 -11.41
C MET C 508 -13.71 16.95 -10.17
N VAL C 509 -14.18 15.77 -9.74
CA VAL C 509 -15.11 15.70 -8.62
C VAL C 509 -14.44 16.16 -7.34
N LEU C 510 -13.23 15.68 -7.09
CA LEU C 510 -12.52 16.07 -5.87
C LEU C 510 -12.19 17.55 -5.92
N SER C 511 -11.86 18.05 -7.11
CA SER C 511 -11.52 19.49 -7.23
C SER C 511 -12.75 20.36 -6.95
N LEU C 512 -13.95 19.85 -7.27
CA LEU C 512 -15.16 20.60 -6.97
C LEU C 512 -15.44 20.65 -5.48
N PHE C 513 -15.17 19.56 -4.75
CA PHE C 513 -15.34 19.60 -3.30
C PHE C 513 -14.48 20.68 -2.68
N ILE C 514 -13.24 20.85 -3.16
CA ILE C 514 -12.38 21.91 -2.66
C ILE C 514 -13.00 23.27 -2.97
N ALA C 515 -13.53 23.44 -4.18
CA ALA C 515 -14.13 24.71 -4.57
C ALA C 515 -15.34 25.06 -3.72
N LEU C 516 -16.20 24.09 -3.43
CA LEU C 516 -17.38 24.35 -2.61
C LEU C 516 -16.98 24.86 -1.23
N ILE C 517 -15.97 24.24 -0.62
CA ILE C 517 -15.51 24.65 0.70
C ILE C 517 -14.87 26.03 0.65
N THR C 518 -14.03 26.27 -0.37
CA THR C 518 -13.39 27.56 -0.49
C THR C 518 -14.42 28.67 -0.72
N GLY C 519 -15.46 28.38 -1.50
CA GLY C 519 -16.52 29.36 -1.67
C GLY C 519 -17.28 29.64 -0.39
N ALA C 520 -17.56 28.59 0.38
CA ALA C 520 -18.20 28.78 1.68
C ALA C 520 -17.31 29.62 2.61
N TYR C 521 -16.00 29.37 2.59
CA TYR C 521 -15.10 30.15 3.42
C TYR C 521 -15.08 31.61 3.00
N ASP C 522 -15.08 31.85 1.68
CA ASP C 522 -15.04 33.23 1.19
C ASP C 522 -16.24 34.02 1.66
N THR C 523 -17.42 33.40 1.69
CA THR C 523 -18.62 34.13 2.10
C THR C 523 -18.64 34.37 3.60
N ILE C 524 -18.16 33.42 4.39
CA ILE C 524 -18.09 33.63 5.83
C ILE C 524 -17.11 34.76 6.15
N LYS C 525 -15.95 34.76 5.48
CA LYS C 525 -14.98 35.83 5.71
C LYS C 525 -15.51 37.18 5.25
N HIS C 526 -16.19 37.22 4.10
CA HIS C 526 -16.58 38.47 3.46
C HIS C 526 -18.08 38.47 3.22
N PRO C 527 -18.88 38.76 4.25
CA PRO C 527 -20.34 38.85 4.17
C PRO C 527 -20.82 40.09 3.42
N ASP D 40 -46.49 32.22 -36.25
CA ASP D 40 -45.09 31.93 -36.60
C ASP D 40 -44.63 30.61 -35.98
N LEU D 41 -43.34 30.53 -35.69
CA LEU D 41 -42.75 29.36 -35.07
C LEU D 41 -42.14 29.61 -33.70
N ARG D 42 -41.96 30.87 -33.31
CA ARG D 42 -41.42 31.15 -31.98
C ARG D 42 -42.22 30.46 -30.89
N ARG D 43 -43.52 30.26 -31.13
CA ARG D 43 -44.30 29.44 -30.20
C ARG D 43 -43.85 27.99 -30.24
N ARG D 44 -43.60 27.46 -31.44
CA ARG D 44 -43.09 26.09 -31.55
C ARG D 44 -41.72 25.97 -30.88
N LEU D 45 -40.79 26.84 -31.25
CA LEU D 45 -39.47 26.80 -30.66
C LEU D 45 -39.48 27.14 -29.17
N LYS D 46 -40.56 27.73 -28.67
CA LYS D 46 -40.66 28.00 -27.24
C LYS D 46 -40.97 26.72 -26.47
N TYR D 47 -41.90 25.90 -27.00
CA TYR D 47 -42.20 24.58 -26.37
C TYR D 47 -40.93 23.75 -26.39
N PHE D 48 -40.32 23.59 -27.57
CA PHE D 48 -39.00 23.03 -27.63
C PHE D 48 -38.06 23.89 -26.79
N PHE D 49 -37.03 23.28 -26.18
CA PHE D 49 -36.06 24.00 -25.30
C PHE D 49 -36.72 24.48 -24.00
N MET D 50 -37.82 23.86 -23.60
CA MET D 50 -38.48 24.21 -22.32
C MET D 50 -38.25 23.09 -21.30
N SER D 51 -38.36 23.40 -20.00
CA SER D 51 -38.24 22.38 -18.98
C SER D 51 -39.45 21.45 -19.02
N PRO D 52 -39.28 20.18 -18.68
CA PRO D 52 -40.45 19.28 -18.64
C PRO D 52 -41.55 19.76 -17.72
N CYS D 53 -41.20 20.34 -16.57
CA CYS D 53 -42.22 20.86 -15.66
C CYS D 53 -43.04 21.94 -16.35
N ASP D 54 -42.38 22.86 -17.05
CA ASP D 54 -43.10 23.87 -17.81
C ASP D 54 -43.93 23.23 -18.92
N LYS D 55 -43.38 22.22 -19.59
CA LYS D 55 -44.09 21.56 -20.66
C LYS D 55 -45.43 20.98 -20.21
N PHE D 56 -45.56 20.69 -18.91
CA PHE D 56 -46.79 20.05 -18.35
C PHE D 56 -47.90 21.10 -18.17
N ARG D 57 -47.56 22.37 -18.06
CA ARG D 57 -48.57 23.43 -17.99
C ARG D 57 -49.08 23.79 -19.37
N ALA D 58 -48.18 23.84 -20.35
CA ALA D 58 -48.60 24.11 -21.74
C ALA D 58 -49.11 22.81 -22.39
N LYS D 59 -50.40 22.71 -22.70
CA LYS D 59 -51.01 21.53 -23.38
C LYS D 59 -51.16 20.36 -22.42
N GLY D 60 -50.63 20.46 -21.19
CA GLY D 60 -50.80 19.39 -20.18
C GLY D 60 -50.41 18.01 -20.71
N ARG D 61 -49.28 17.91 -21.42
CA ARG D 61 -48.82 16.60 -21.95
C ARG D 61 -48.27 15.75 -20.82
N LYS D 62 -48.80 14.52 -20.68
CA LYS D 62 -48.34 13.63 -19.63
C LYS D 62 -46.86 13.35 -19.79
N PRO D 63 -46.09 13.29 -18.70
CA PRO D 63 -44.68 12.88 -18.83
C PRO D 63 -44.58 11.39 -19.08
N CYS D 64 -44.29 11.02 -20.33
CA CYS D 64 -44.24 9.61 -20.72
C CYS D 64 -42.82 9.09 -20.82
N LYS D 65 -41.93 9.82 -21.50
CA LYS D 65 -40.53 9.43 -21.52
C LYS D 65 -39.92 9.47 -20.12
N LEU D 66 -40.27 10.49 -19.35
CA LEU D 66 -39.68 10.64 -18.02
C LEU D 66 -40.00 9.45 -17.13
N MET D 67 -41.25 8.95 -17.22
CA MET D 67 -41.65 7.80 -16.37
C MET D 67 -41.10 6.50 -16.96
N LEU D 68 -40.95 6.42 -18.29
CA LEU D 68 -40.38 5.23 -18.91
C LEU D 68 -38.88 5.14 -18.65
N GLN D 69 -38.20 6.29 -18.55
CA GLN D 69 -36.79 6.26 -18.19
C GLN D 69 -36.59 5.74 -16.78
N VAL D 70 -37.43 6.18 -15.84
CA VAL D 70 -37.29 5.73 -14.46
C VAL D 70 -37.61 4.25 -14.35
N VAL D 71 -38.60 3.78 -15.10
CA VAL D 71 -38.87 2.34 -15.17
C VAL D 71 -37.66 1.62 -15.77
N LYS D 72 -37.10 2.17 -16.83
CA LYS D 72 -35.99 1.51 -17.51
C LYS D 72 -34.76 1.43 -16.63
N ILE D 73 -34.48 2.46 -15.84
CA ILE D 73 -33.36 2.39 -14.91
C ILE D 73 -33.55 1.23 -13.94
N LEU D 74 -34.80 0.99 -13.54
CA LEU D 74 -35.04 -0.06 -12.52
C LEU D 74 -34.89 -1.46 -13.13
N VAL D 75 -35.32 -1.67 -14.38
CA VAL D 75 -35.32 -3.02 -14.94
C VAL D 75 -33.93 -3.42 -15.41
N VAL D 76 -33.20 -2.51 -16.04
CA VAL D 76 -31.85 -2.88 -16.50
C VAL D 76 -30.93 -3.07 -15.31
N THR D 77 -31.14 -2.35 -14.22
CA THR D 77 -30.32 -2.52 -13.04
C THR D 77 -30.59 -3.86 -12.37
N VAL D 78 -31.86 -4.25 -12.27
CA VAL D 78 -32.21 -5.54 -11.69
C VAL D 78 -31.76 -6.67 -12.61
N GLN D 79 -31.87 -6.48 -13.92
CA GLN D 79 -31.41 -7.50 -14.85
C GLN D 79 -29.90 -7.76 -14.72
N LEU D 80 -29.12 -6.69 -14.61
CA LEU D 80 -27.68 -6.84 -14.44
C LEU D 80 -27.35 -7.52 -13.11
N ILE D 81 -28.06 -7.17 -12.05
CA ILE D 81 -27.80 -7.81 -10.76
C ILE D 81 -28.10 -9.31 -10.84
N LEU D 82 -29.19 -9.67 -11.50
CA LEU D 82 -29.51 -11.09 -11.67
C LEU D 82 -28.45 -11.78 -12.52
N PHE D 83 -28.01 -11.15 -13.60
CA PHE D 83 -26.94 -11.71 -14.41
C PHE D 83 -25.69 -11.92 -13.59
N GLY D 84 -25.31 -10.92 -12.79
CA GLY D 84 -24.08 -11.00 -12.04
C GLY D 84 -24.11 -12.05 -10.94
N LEU D 85 -25.25 -12.16 -10.27
CA LEU D 85 -25.35 -13.14 -9.18
C LEU D 85 -25.18 -14.55 -9.70
N SER D 86 -25.81 -14.87 -10.83
CA SER D 86 -25.67 -16.20 -11.39
C SER D 86 -24.30 -16.42 -12.01
N ASN D 87 -23.70 -15.37 -12.57
CA ASN D 87 -22.37 -15.49 -13.15
C ASN D 87 -21.33 -15.74 -12.08
N GLN D 88 -21.53 -15.18 -10.89
CA GLN D 88 -20.61 -15.45 -9.79
C GLN D 88 -20.61 -16.93 -9.44
N LEU D 89 -21.79 -17.55 -9.40
CA LEU D 89 -21.86 -18.95 -9.02
C LEU D 89 -21.09 -19.83 -10.01
N VAL D 90 -21.20 -19.54 -11.31
CA VAL D 90 -20.47 -20.31 -12.30
C VAL D 90 -18.98 -20.07 -12.18
N VAL D 91 -18.58 -18.81 -11.94
CA VAL D 91 -17.16 -18.49 -11.85
C VAL D 91 -16.52 -19.21 -10.66
N THR D 92 -17.21 -19.22 -9.52
CA THR D 92 -16.64 -19.88 -8.35
C THR D 92 -16.50 -21.38 -8.55
N PHE D 93 -17.50 -22.00 -9.18
CA PHE D 93 -17.41 -23.44 -9.44
C PHE D 93 -16.25 -23.77 -10.37
N ARG D 94 -16.10 -22.99 -11.45
CA ARG D 94 -15.00 -23.21 -12.37
C ARG D 94 -13.66 -22.99 -11.69
N GLU D 95 -13.56 -21.96 -10.85
CA GLU D 95 -12.30 -21.66 -10.17
C GLU D 95 -11.97 -22.71 -9.12
N GLU D 96 -12.96 -23.12 -8.33
CA GLU D 96 -12.70 -24.12 -7.29
C GLU D 96 -12.23 -25.43 -7.89
N ASN D 97 -12.84 -25.84 -9.01
CA ASN D 97 -12.42 -27.08 -9.66
C ASN D 97 -11.00 -26.97 -10.20
N THR D 98 -10.64 -25.82 -10.76
CA THR D 98 -9.30 -25.65 -11.32
C THR D 98 -8.23 -25.70 -10.23
N ILE D 99 -8.55 -25.18 -9.04
CA ILE D 99 -7.62 -25.28 -7.92
C ILE D 99 -7.39 -26.73 -7.56
N ALA D 100 -8.46 -27.51 -7.49
CA ALA D 100 -8.34 -28.93 -7.18
C ALA D 100 -7.49 -29.65 -8.22
N PHE D 101 -7.72 -29.37 -9.51
CA PHE D 101 -6.91 -30.02 -10.54
C PHE D 101 -5.44 -29.75 -10.32
N ARG D 102 -5.08 -28.51 -9.95
CA ARG D 102 -3.69 -28.18 -9.66
C ARG D 102 -3.15 -29.01 -8.50
N HIS D 103 -3.93 -29.17 -7.45
CA HIS D 103 -3.50 -30.02 -6.34
C HIS D 103 -3.51 -31.49 -6.71
N LEU D 104 -4.41 -31.89 -7.63
CA LEU D 104 -4.50 -33.29 -8.01
C LEU D 104 -3.39 -33.69 -8.97
N PHE D 105 -3.00 -32.81 -9.89
CA PHE D 105 -2.16 -33.20 -11.00
C PHE D 105 -0.77 -32.57 -11.03
N LEU D 106 -0.51 -31.53 -10.25
CA LEU D 106 0.78 -30.85 -10.27
C LEU D 106 1.61 -31.25 -9.07
N LEU D 107 2.74 -31.89 -9.33
CA LEU D 107 3.56 -32.48 -8.28
C LEU D 107 4.15 -31.42 -7.37
N GLY D 108 3.91 -31.55 -6.08
CA GLY D 108 4.46 -30.63 -5.10
C GLY D 108 3.86 -29.24 -5.15
N TYR D 109 2.64 -29.11 -5.64
CA TYR D 109 2.05 -27.80 -5.82
C TYR D 109 1.49 -27.26 -4.51
N SER D 110 1.72 -25.96 -4.27
CA SER D 110 1.16 -25.27 -3.13
C SER D 110 0.54 -23.96 -3.59
N ASP D 111 -0.50 -23.53 -2.90
CA ASP D 111 -1.17 -22.28 -3.25
C ASP D 111 -0.22 -21.10 -3.16
N GLY D 112 -0.35 -20.18 -4.11
CA GLY D 112 0.47 -19.00 -4.17
C GLY D 112 1.68 -19.10 -5.08
N SER D 113 2.08 -20.32 -5.44
CA SER D 113 3.23 -20.53 -6.32
C SER D 113 2.77 -20.90 -7.73
N ASP D 114 2.00 -20.01 -8.35
CA ASP D 114 1.55 -20.26 -9.72
C ASP D 114 2.51 -19.68 -10.75
N ASP D 115 2.98 -18.46 -10.51
CA ASP D 115 3.91 -17.80 -11.45
C ASP D 115 5.30 -18.40 -11.31
N THR D 116 5.63 -18.93 -10.11
CA THR D 116 7.00 -19.46 -9.85
C THR D 116 7.09 -20.95 -10.13
N PHE D 117 5.96 -21.67 -10.14
CA PHE D 117 5.98 -23.14 -10.33
C PHE D 117 6.78 -23.52 -11.58
N ALA D 118 7.93 -24.19 -11.40
CA ALA D 118 8.75 -24.55 -12.55
C ALA D 118 9.67 -25.71 -12.18
N ALA D 119 10.16 -26.38 -13.21
CA ALA D 119 11.14 -27.45 -13.06
C ALA D 119 12.50 -26.98 -13.57
N TYR D 120 13.56 -27.47 -12.93
CA TYR D 120 14.91 -27.00 -13.22
C TYR D 120 15.89 -28.10 -13.59
N THR D 121 15.52 -29.37 -13.50
CA THR D 121 16.40 -30.46 -13.83
C THR D 121 15.64 -31.49 -14.66
N GLN D 122 16.38 -32.37 -15.33
CA GLN D 122 15.72 -33.35 -16.18
C GLN D 122 14.84 -34.28 -15.38
N GLU D 123 15.28 -34.66 -14.17
CA GLU D 123 14.50 -35.61 -13.38
C GLU D 123 13.26 -34.96 -12.78
N GLN D 124 13.35 -33.68 -12.40
CA GLN D 124 12.16 -32.99 -11.94
C GLN D 124 11.09 -32.96 -13.03
N LEU D 125 11.49 -32.65 -14.26
CA LEU D 125 10.53 -32.62 -15.35
C LEU D 125 9.90 -33.99 -15.57
N TYR D 126 10.70 -35.05 -15.54
CA TYR D 126 10.14 -36.39 -15.68
C TYR D 126 9.16 -36.71 -14.56
N GLN D 127 9.53 -36.37 -13.33
CA GLN D 127 8.67 -36.69 -12.19
C GLN D 127 7.36 -35.91 -12.24
N ALA D 128 7.42 -34.66 -12.67
CA ALA D 128 6.20 -33.87 -12.78
C ALA D 128 5.27 -34.41 -13.86
N ILE D 129 5.84 -34.87 -14.97
CA ILE D 129 5.01 -35.41 -16.05
C ILE D 129 4.37 -36.72 -15.61
N PHE D 130 5.16 -37.64 -15.07
CA PHE D 130 4.63 -38.94 -14.69
C PHE D 130 3.62 -38.83 -13.57
N TYR D 131 3.82 -37.87 -12.65
CA TYR D 131 2.84 -37.65 -11.59
C TYR D 131 1.49 -37.27 -12.16
N ALA D 132 1.46 -36.36 -13.13
CA ALA D 132 0.19 -35.94 -13.72
C ALA D 132 -0.54 -37.11 -14.35
N VAL D 133 0.17 -37.93 -15.13
CA VAL D 133 -0.47 -39.08 -15.78
C VAL D 133 -0.84 -40.13 -14.76
N ASP D 134 0.04 -40.38 -13.78
CA ASP D 134 -0.25 -41.35 -12.74
C ASP D 134 -1.49 -40.95 -11.95
N GLN D 135 -1.63 -39.67 -11.64
CA GLN D 135 -2.79 -39.22 -10.87
C GLN D 135 -4.07 -39.27 -11.68
N TYR D 136 -3.98 -39.09 -12.99
CA TYR D 136 -5.15 -39.19 -13.85
C TYR D 136 -5.69 -40.62 -13.88
N LEU D 137 -4.81 -41.61 -13.79
CA LEU D 137 -5.24 -42.99 -13.92
C LEU D 137 -5.88 -43.54 -12.65
N ILE D 138 -5.65 -42.90 -11.50
CA ILE D 138 -6.30 -43.30 -10.26
C ILE D 138 -7.28 -42.22 -9.78
N LEU D 139 -7.68 -41.32 -10.67
CA LEU D 139 -8.54 -40.22 -10.26
C LEU D 139 -9.82 -40.67 -9.57
N PRO D 140 -10.53 -41.69 -10.05
CA PRO D 140 -11.79 -42.06 -9.37
C PRO D 140 -11.61 -42.39 -7.90
N GLU D 141 -10.53 -43.04 -7.51
CA GLU D 141 -10.39 -43.53 -6.14
C GLU D 141 -9.67 -42.57 -5.22
N ILE D 142 -9.26 -41.39 -5.68
CA ILE D 142 -8.57 -40.45 -4.82
C ILE D 142 -9.28 -39.10 -4.74
N SER D 143 -9.94 -38.70 -5.81
CA SER D 143 -10.49 -37.35 -5.87
C SER D 143 -11.72 -37.21 -4.98
N LEU D 144 -11.94 -35.98 -4.52
CA LEU D 144 -13.13 -35.68 -3.73
C LEU D 144 -14.31 -35.27 -4.59
N GLY D 145 -14.07 -34.79 -5.80
CA GLY D 145 -15.14 -34.56 -6.72
C GLY D 145 -15.44 -35.77 -7.58
N ARG D 146 -16.62 -35.77 -8.18
CA ARG D 146 -17.06 -36.87 -9.04
C ARG D 146 -16.72 -36.53 -10.49
N TYR D 147 -15.55 -36.95 -10.95
CA TYR D 147 -15.09 -36.66 -12.29
C TYR D 147 -15.18 -37.92 -13.15
N ALA D 148 -15.74 -37.78 -14.34
CA ALA D 148 -15.86 -38.88 -15.28
C ALA D 148 -14.86 -38.69 -16.41
N TYR D 149 -14.26 -39.80 -16.84
CA TYR D 149 -13.39 -39.75 -18.01
C TYR D 149 -14.21 -39.48 -19.26
N VAL D 150 -13.71 -38.54 -20.09
CA VAL D 150 -14.39 -38.26 -21.38
C VAL D 150 -13.62 -39.01 -22.46
N ARG D 151 -14.12 -40.18 -22.87
CA ARG D 151 -13.45 -40.99 -23.88
C ARG D 151 -13.26 -40.19 -25.15
N GLY D 152 -12.04 -40.23 -25.69
CA GLY D 152 -11.73 -39.44 -26.86
C GLY D 152 -11.59 -37.97 -26.63
N GLY D 153 -11.28 -37.56 -25.40
CA GLY D 153 -11.13 -36.16 -25.05
C GLY D 153 -9.74 -35.60 -25.16
N GLY D 154 -8.78 -36.35 -25.67
CA GLY D 154 -7.41 -35.89 -25.73
C GLY D 154 -7.14 -34.86 -26.81
N GLY D 155 -8.12 -34.56 -27.65
CA GLY D 155 -7.96 -33.57 -28.68
C GLY D 155 -7.53 -34.18 -30.00
N PRO D 156 -7.16 -33.33 -30.95
CA PRO D 156 -6.74 -33.85 -32.27
C PRO D 156 -5.61 -34.85 -32.20
N TRP D 157 -4.63 -34.59 -31.33
CA TRP D 157 -3.44 -35.48 -31.21
C TRP D 157 -3.88 -36.87 -30.74
N ALA D 158 -5.01 -36.97 -30.04
CA ALA D 158 -5.47 -38.26 -29.50
C ALA D 158 -6.07 -39.14 -30.60
N ASN D 159 -5.73 -40.43 -30.60
CA ASN D 159 -6.33 -41.37 -31.57
C ASN D 159 -7.44 -42.14 -30.85
N GLY D 160 -8.50 -41.44 -30.45
CA GLY D 160 -9.59 -42.07 -29.69
C GLY D 160 -9.23 -42.21 -28.22
N SER D 161 -8.05 -41.71 -27.83
CA SER D 161 -7.59 -41.83 -26.42
C SER D 161 -8.17 -40.69 -25.58
N ALA D 162 -8.30 -40.91 -24.27
CA ALA D 162 -8.83 -39.85 -23.39
C ALA D 162 -7.72 -38.91 -22.89
N LEU D 163 -6.44 -39.32 -22.93
CA LEU D 163 -5.37 -38.42 -22.52
C LEU D 163 -4.24 -38.48 -23.54
N ALA D 164 -3.84 -37.28 -24.02
CA ALA D 164 -2.75 -37.16 -25.02
C ALA D 164 -1.52 -36.51 -24.38
N LEU D 165 -0.41 -37.25 -24.29
CA LEU D 165 0.85 -36.75 -23.77
C LEU D 165 1.75 -36.44 -24.95
N CYS D 166 1.90 -35.16 -25.27
CA CYS D 166 2.64 -34.72 -26.45
C CYS D 166 3.92 -34.00 -26.04
N GLN D 167 4.99 -34.28 -26.76
CA GLN D 167 6.22 -33.49 -26.68
C GLN D 167 6.53 -32.93 -28.05
N ARG D 168 6.94 -31.68 -28.10
CA ARG D 168 7.21 -30.97 -29.34
C ARG D 168 8.65 -30.50 -29.38
N TYR D 169 9.32 -30.74 -30.50
CA TYR D 169 10.72 -30.40 -30.64
C TYR D 169 11.00 -30.02 -32.10
N TYR D 170 12.12 -29.35 -32.32
CA TYR D 170 12.54 -29.01 -33.66
C TYR D 170 12.97 -30.26 -34.43
N HIS D 171 12.87 -30.20 -35.75
CA HIS D 171 13.29 -31.33 -36.57
C HIS D 171 14.78 -31.61 -36.41
N ARG D 172 15.54 -30.51 -36.43
CA ARG D 172 17.01 -30.63 -36.24
C ARG D 172 17.41 -29.65 -35.16
N GLY D 173 17.91 -30.15 -34.03
CA GLY D 173 18.46 -29.28 -33.01
C GLY D 173 19.93 -28.97 -33.21
N HIS D 174 20.77 -30.00 -33.07
CA HIS D 174 22.22 -29.89 -33.22
C HIS D 174 22.76 -28.58 -32.62
N VAL D 175 22.47 -28.39 -31.33
CA VAL D 175 22.95 -27.25 -30.58
C VAL D 175 24.26 -27.65 -29.90
N ASP D 176 25.32 -26.88 -30.13
CA ASP D 176 26.63 -27.17 -29.54
C ASP D 176 27.31 -25.88 -29.12
N PRO D 177 27.06 -25.42 -27.89
CA PRO D 177 27.75 -24.22 -27.40
C PRO D 177 29.25 -24.39 -27.27
N ALA D 178 29.75 -25.63 -27.32
CA ALA D 178 31.20 -25.85 -27.12
C ALA D 178 31.99 -25.22 -28.27
N ASN D 179 31.47 -25.27 -29.51
CA ASN D 179 32.16 -24.61 -30.64
C ASN D 179 31.19 -23.73 -31.44
N ASP D 180 30.10 -23.27 -30.81
CA ASP D 180 29.16 -22.31 -31.46
C ASP D 180 28.66 -22.83 -32.82
N THR D 181 28.13 -24.06 -32.86
CA THR D 181 27.59 -24.66 -34.07
C THR D 181 26.10 -24.93 -33.90
N PHE D 182 25.30 -24.48 -34.88
CA PHE D 182 23.84 -24.48 -34.65
C PHE D 182 23.01 -24.99 -35.81
N ASP D 183 23.38 -26.13 -36.40
CA ASP D 183 22.56 -26.74 -37.43
C ASP D 183 21.16 -27.02 -36.91
N ILE D 184 20.17 -26.28 -37.41
CA ILE D 184 18.83 -26.32 -36.85
C ILE D 184 17.79 -26.17 -37.94
N ASP D 185 16.74 -27.00 -37.88
CA ASP D 185 15.59 -26.89 -38.82
C ASP D 185 14.38 -26.56 -37.95
N PRO D 186 13.92 -25.29 -37.89
CA PRO D 186 12.83 -24.89 -36.98
C PRO D 186 11.49 -25.62 -37.13
N ARG D 187 11.33 -26.48 -38.15
CA ARG D 187 10.09 -27.24 -38.23
C ARG D 187 9.74 -27.98 -36.95
N VAL D 188 8.50 -27.79 -36.49
CA VAL D 188 8.05 -28.38 -35.24
C VAL D 188 7.55 -29.80 -35.49
N VAL D 189 8.11 -30.76 -34.77
CA VAL D 189 7.70 -32.16 -34.86
C VAL D 189 6.99 -32.51 -33.56
N THR D 190 5.71 -32.89 -33.70
CA THR D 190 4.92 -33.28 -32.51
C THR D 190 4.94 -34.79 -32.33
N ASP D 191 5.39 -35.25 -31.17
CA ASP D 191 5.46 -36.66 -30.82
C ASP D 191 4.45 -36.91 -29.71
N CYS D 192 3.41 -37.68 -30.00
CA CYS D 192 2.28 -37.84 -29.11
C CYS D 192 2.17 -39.28 -28.63
N ILE D 193 1.76 -39.45 -27.38
CA ILE D 193 1.56 -40.75 -26.77
C ILE D 193 0.12 -40.83 -26.30
N GLN D 194 -0.53 -41.97 -26.62
CA GLN D 194 -1.96 -42.17 -26.28
C GLN D 194 -2.09 -42.94 -24.96
N VAL D 195 -2.79 -42.37 -23.98
CA VAL D 195 -3.02 -42.99 -22.69
C VAL D 195 -4.52 -43.17 -22.53
N ASP D 196 -4.94 -44.38 -22.15
CA ASP D 196 -6.39 -44.67 -22.00
C ASP D 196 -6.70 -45.00 -20.53
N PRO D 197 -7.79 -44.46 -19.96
CA PRO D 197 -8.15 -44.70 -18.56
C PRO D 197 -8.52 -46.17 -18.24
N PRO D 198 -8.29 -46.64 -17.00
CA PRO D 198 -8.62 -48.02 -16.63
C PRO D 198 -10.14 -48.28 -16.61
N ASP D 199 -10.58 -49.42 -17.14
CA ASP D 199 -12.00 -49.76 -17.13
C ASP D 199 -12.39 -50.20 -15.71
N ARG D 200 -13.10 -49.31 -15.00
CA ARG D 200 -13.52 -49.58 -13.59
C ARG D 200 -12.34 -50.15 -12.80
N ALA D 216 2.20 -49.71 -19.07
CA ALA D 216 2.26 -48.26 -19.12
C ALA D 216 3.26 -47.80 -20.17
N SER D 217 2.75 -47.40 -21.34
CA SER D 217 3.61 -46.97 -22.43
C SER D 217 4.18 -45.59 -22.19
N TYR D 218 3.51 -44.77 -21.38
CA TYR D 218 3.97 -43.41 -21.17
C TYR D 218 5.23 -43.37 -20.32
N LYS D 219 5.41 -44.32 -19.41
CA LYS D 219 6.63 -44.36 -18.61
C LYS D 219 7.86 -44.53 -19.49
N ASN D 220 7.67 -45.02 -20.70
CA ASN D 220 8.81 -45.19 -21.65
C ASN D 220 8.94 -43.90 -22.47
N LEU D 221 8.87 -42.74 -21.81
CA LEU D 221 8.95 -41.44 -22.54
C LEU D 221 10.38 -40.90 -22.49
N THR D 222 10.96 -40.59 -23.64
CA THR D 222 12.27 -39.96 -23.68
C THR D 222 12.09 -38.55 -24.24
N LEU D 223 12.55 -37.56 -23.49
CA LEU D 223 12.42 -36.18 -23.91
C LEU D 223 13.68 -35.70 -24.60
N LYS D 224 13.51 -35.04 -25.75
CA LYS D 224 14.63 -34.48 -26.50
C LYS D 224 14.93 -33.10 -25.95
N PHE D 225 15.66 -33.08 -24.83
CA PHE D 225 15.82 -31.85 -24.07
C PHE D 225 16.51 -30.76 -24.87
N HIS D 226 17.56 -31.13 -25.62
CA HIS D 226 18.36 -30.13 -26.32
C HIS D 226 17.52 -29.36 -27.34
N LYS D 227 16.51 -30.01 -27.91
CA LYS D 227 15.70 -29.40 -28.97
C LYS D 227 14.25 -29.24 -28.55
N LEU D 228 13.93 -29.43 -27.28
CA LEU D 228 12.55 -29.47 -26.83
C LEU D 228 11.93 -28.08 -26.84
N ILE D 229 10.65 -28.01 -27.19
CA ILE D 229 9.88 -26.78 -27.17
C ILE D 229 8.90 -26.75 -26.00
N ASN D 230 8.02 -27.75 -25.92
CA ASN D 230 7.16 -27.90 -24.76
C ASN D 230 6.65 -29.34 -24.70
N VAL D 231 6.11 -29.69 -23.55
CA VAL D 231 5.36 -30.92 -23.34
C VAL D 231 3.98 -30.51 -22.86
N THR D 232 2.95 -31.12 -23.43
CA THR D 232 1.58 -30.82 -23.04
C THR D 232 0.85 -32.09 -22.69
N ILE D 233 -0.03 -32.00 -21.70
CA ILE D 233 -0.94 -33.07 -21.33
C ILE D 233 -2.35 -32.54 -21.55
N HIS D 234 -3.13 -33.23 -22.36
CA HIS D 234 -4.50 -32.83 -22.66
C HIS D 234 -5.44 -33.95 -22.25
N PHE D 235 -6.48 -33.60 -21.50
CA PHE D 235 -7.56 -34.55 -21.24
C PHE D 235 -8.77 -33.76 -20.77
N GLN D 236 -9.90 -34.46 -20.68
CA GLN D 236 -11.16 -33.84 -20.30
C GLN D 236 -11.77 -34.59 -19.12
N LEU D 237 -12.47 -33.86 -18.27
CA LEU D 237 -13.17 -34.43 -17.12
C LEU D 237 -14.57 -33.86 -17.08
N LYS D 238 -15.54 -34.76 -16.89
CA LYS D 238 -16.96 -34.35 -16.84
C LYS D 238 -17.45 -34.39 -15.39
N THR D 239 -18.09 -33.32 -14.93
CA THR D 239 -18.66 -33.27 -13.60
C THR D 239 -20.02 -32.61 -13.69
N ILE D 240 -20.80 -32.74 -12.61
CA ILE D 240 -22.13 -32.16 -12.51
C ILE D 240 -22.11 -31.15 -11.36
N ASN D 241 -22.60 -29.95 -11.63
CA ASN D 241 -22.70 -28.94 -10.58
C ASN D 241 -23.89 -29.29 -9.69
N LEU D 242 -23.60 -29.99 -8.59
CA LEU D 242 -24.70 -30.46 -7.71
C LEU D 242 -25.52 -29.28 -7.22
N GLN D 243 -24.87 -28.17 -6.85
CA GLN D 243 -25.63 -27.04 -6.30
C GLN D 243 -26.81 -26.69 -7.20
N SER D 244 -26.61 -26.77 -8.51
CA SER D 244 -27.67 -26.38 -9.44
C SER D 244 -28.89 -27.27 -9.29
N LEU D 245 -28.69 -28.58 -9.13
CA LEU D 245 -29.82 -29.53 -9.05
C LEU D 245 -30.62 -29.35 -7.76
N ILE D 246 -30.01 -28.70 -6.74
CA ILE D 246 -30.72 -28.46 -5.45
C ILE D 246 -31.21 -27.01 -5.44
N ASN D 247 -30.31 -26.05 -5.70
CA ASN D 247 -30.70 -24.62 -5.63
C ASN D 247 -31.77 -24.26 -6.67
N ASN D 248 -31.47 -24.40 -7.96
CA ASN D 248 -32.46 -23.93 -8.97
C ASN D 248 -32.98 -25.09 -9.81
N GLU D 249 -32.71 -26.33 -9.39
CA GLU D 249 -33.11 -27.53 -10.18
C GLU D 249 -32.69 -27.31 -11.64
N ILE D 250 -31.47 -26.81 -11.86
CA ILE D 250 -31.02 -26.47 -13.24
C ILE D 250 -30.08 -27.56 -13.74
N PRO D 251 -30.27 -28.14 -14.97
CA PRO D 251 -29.32 -29.13 -15.51
C PRO D 251 -27.99 -28.44 -15.89
N ASP D 252 -26.88 -28.89 -15.31
CA ASP D 252 -25.58 -28.23 -15.57
C ASP D 252 -24.46 -29.27 -15.62
N CYS D 253 -24.22 -29.89 -16.78
CA CYS D 253 -23.06 -30.83 -16.87
C CYS D 253 -21.85 -30.05 -17.39
N TYR D 254 -20.83 -29.87 -16.54
CA TYR D 254 -19.62 -29.18 -16.97
C TYR D 254 -18.68 -30.17 -17.63
N THR D 255 -17.97 -29.70 -18.64
CA THR D 255 -16.85 -30.43 -19.21
C THR D 255 -15.59 -29.59 -19.09
N PHE D 256 -14.58 -30.14 -18.46
CA PHE D 256 -13.32 -29.43 -18.25
C PHE D 256 -12.28 -29.96 -19.23
N SER D 257 -11.71 -29.05 -20.01
CA SER D 257 -10.56 -29.38 -20.85
C SER D 257 -9.33 -28.94 -20.08
N ILE D 258 -8.60 -29.91 -19.54
CA ILE D 258 -7.40 -29.61 -18.78
C ILE D 258 -6.20 -29.64 -19.71
N LEU D 259 -5.38 -28.60 -19.66
CA LEU D 259 -4.15 -28.53 -20.41
C LEU D 259 -3.03 -28.22 -19.42
N ILE D 260 -2.08 -29.13 -19.28
CA ILE D 260 -0.90 -28.92 -18.46
C ILE D 260 0.27 -28.70 -19.39
N THR D 261 0.89 -27.54 -19.30
CA THR D 261 1.98 -27.17 -20.19
C THR D 261 3.29 -27.15 -19.42
N PHE D 262 4.28 -27.86 -19.94
CA PHE D 262 5.66 -27.77 -19.50
C PHE D 262 6.39 -27.01 -20.60
N ASP D 263 6.59 -25.71 -20.37
CA ASP D 263 6.93 -24.77 -21.43
C ASP D 263 8.43 -24.51 -21.44
N ASN D 264 9.07 -24.80 -22.58
CA ASN D 264 10.49 -24.57 -22.74
C ASN D 264 10.79 -23.66 -23.92
N LYS D 265 9.82 -22.83 -24.33
CA LYS D 265 10.03 -22.00 -25.52
C LYS D 265 11.13 -20.97 -25.32
N ALA D 266 11.43 -20.61 -24.07
CA ALA D 266 12.53 -19.67 -23.80
C ALA D 266 13.89 -20.34 -23.80
N HIS D 267 13.95 -21.67 -23.72
CA HIS D 267 15.21 -22.41 -23.62
C HIS D 267 16.19 -21.71 -22.68
N SER D 268 15.75 -21.48 -21.45
CA SER D 268 16.54 -20.73 -20.48
C SER D 268 16.93 -21.55 -19.26
N GLY D 269 16.85 -22.88 -19.35
CA GLY D 269 17.15 -23.72 -18.21
C GLY D 269 16.06 -23.80 -17.17
N ARG D 270 14.99 -23.04 -17.32
CA ARG D 270 13.87 -23.03 -16.39
C ARG D 270 12.61 -23.31 -17.18
N ILE D 271 11.89 -24.36 -16.81
CA ILE D 271 10.68 -24.74 -17.53
C ILE D 271 9.47 -24.48 -16.65
N PRO D 272 8.74 -23.39 -16.87
CA PRO D 272 7.53 -23.15 -16.09
C PRO D 272 6.46 -24.19 -16.37
N ILE D 273 5.67 -24.48 -15.35
CA ILE D 273 4.59 -25.46 -15.40
C ILE D 273 3.30 -24.77 -15.01
N ARG D 274 2.30 -24.86 -15.88
CA ARG D 274 1.00 -24.27 -15.59
C ARG D 274 -0.10 -25.22 -16.01
N LEU D 275 -1.24 -25.09 -15.35
CA LEU D 275 -2.43 -25.87 -15.66
C LEU D 275 -3.56 -24.91 -15.96
N GLU D 276 -4.25 -25.13 -17.07
CA GLU D 276 -5.34 -24.29 -17.51
C GLU D 276 -6.55 -25.14 -17.85
N THR D 277 -7.74 -24.58 -17.66
CA THR D 277 -8.98 -25.29 -17.93
C THR D 277 -9.88 -24.44 -18.80
N LYS D 278 -10.55 -25.10 -19.73
CA LYS D 278 -11.67 -24.55 -20.47
C LYS D 278 -12.93 -25.31 -20.11
N THR D 279 -14.03 -24.57 -19.98
CA THR D 279 -15.28 -25.13 -19.51
C THR D 279 -16.30 -25.11 -20.63
N HIS D 280 -17.04 -26.20 -20.77
CA HIS D 280 -18.16 -26.30 -21.70
C HIS D 280 -19.38 -26.70 -20.91
N ILE D 281 -20.29 -25.76 -20.69
CA ILE D 281 -21.43 -25.97 -19.80
C ILE D 281 -22.63 -26.37 -20.66
N GLN D 282 -23.06 -27.62 -20.50
CA GLN D 282 -24.26 -28.11 -21.23
C GLN D 282 -25.35 -28.43 -20.20
N GLU D 283 -26.44 -29.06 -20.64
CA GLU D 283 -27.51 -29.46 -19.69
C GLU D 283 -27.47 -30.98 -19.50
N CYS D 284 -27.32 -31.43 -18.24
CA CYS D 284 -27.34 -32.90 -17.97
C CYS D 284 -28.74 -33.44 -18.32
N LYS D 285 -28.81 -34.57 -19.02
CA LYS D 285 -30.11 -35.11 -19.51
C LYS D 285 -30.69 -36.07 -18.47
N SER D 296 -39.54 -19.67 -17.94
CA SER D 296 -39.16 -19.26 -16.59
C SER D 296 -39.21 -17.75 -16.45
N PHE D 297 -39.08 -17.28 -15.22
CA PHE D 297 -39.09 -15.84 -14.97
C PHE D 297 -37.91 -15.14 -15.63
N ARG D 298 -36.71 -15.74 -15.54
CA ARG D 298 -35.53 -15.07 -16.08
C ARG D 298 -35.71 -14.72 -17.55
N LEU D 299 -36.28 -15.64 -18.32
CA LEU D 299 -36.54 -15.35 -19.73
C LEU D 299 -37.66 -14.33 -19.90
N LEU D 300 -38.71 -14.42 -19.09
CA LEU D 300 -39.79 -13.45 -19.17
C LEU D 300 -39.29 -12.05 -18.80
N PHE D 301 -38.47 -11.95 -17.74
CA PHE D 301 -37.90 -10.66 -17.38
C PHE D 301 -37.02 -10.11 -18.49
N ASP D 302 -36.32 -10.99 -19.21
CA ASP D 302 -35.46 -10.55 -20.28
C ASP D 302 -36.26 -9.96 -21.45
N VAL D 303 -37.44 -10.52 -21.73
CA VAL D 303 -38.30 -9.94 -22.76
C VAL D 303 -38.86 -8.60 -22.28
N VAL D 304 -39.19 -8.50 -21.00
CA VAL D 304 -39.66 -7.23 -20.45
C VAL D 304 -38.62 -6.15 -20.64
N VAL D 305 -37.35 -6.48 -20.42
CA VAL D 305 -36.28 -5.48 -20.59
C VAL D 305 -36.20 -5.06 -22.05
N ILE D 306 -36.26 -6.02 -22.97
CA ILE D 306 -36.15 -5.68 -24.39
C ILE D 306 -37.29 -4.78 -24.82
N LEU D 307 -38.49 -5.01 -24.30
CA LEU D 307 -39.62 -4.17 -24.65
C LEU D 307 -39.46 -2.76 -24.07
N THR D 308 -39.04 -2.66 -22.80
CA THR D 308 -38.89 -1.36 -22.16
C THR D 308 -37.85 -0.50 -22.87
N CYS D 309 -36.74 -1.11 -23.29
CA CYS D 309 -35.71 -0.36 -24.00
C CYS D 309 -36.13 -0.08 -25.44
N SER D 310 -36.83 -1.02 -26.08
CA SER D 310 -37.33 -0.78 -27.42
C SER D 310 -38.34 0.36 -27.44
N LEU D 311 -39.24 0.38 -26.46
CA LEU D 311 -40.17 1.50 -26.34
C LEU D 311 -39.43 2.80 -26.10
N SER D 312 -38.44 2.78 -25.22
CA SER D 312 -37.66 3.99 -24.96
C SER D 312 -36.91 4.44 -26.21
N PHE D 313 -36.39 3.50 -26.99
CA PHE D 313 -35.65 3.85 -28.18
C PHE D 313 -36.53 4.58 -29.19
N LEU D 314 -37.76 4.12 -29.39
CA LEU D 314 -38.64 4.78 -30.35
C LEU D 314 -38.96 6.20 -29.94
N LEU D 315 -39.42 6.39 -28.70
CA LEU D 315 -39.79 7.73 -28.26
C LEU D 315 -38.61 8.68 -28.31
N CYS D 316 -37.44 8.24 -27.86
CA CYS D 316 -36.26 9.09 -27.97
C CYS D 316 -35.90 9.35 -29.42
N ALA D 317 -35.98 8.32 -30.27
CA ALA D 317 -35.74 8.53 -31.69
C ALA D 317 -36.73 9.52 -32.28
N ARG D 318 -38.01 9.40 -31.91
CA ARG D 318 -39.02 10.35 -32.37
C ARG D 318 -38.66 11.76 -31.95
N SER D 319 -38.32 11.96 -30.67
CA SER D 319 -37.96 13.29 -30.19
C SER D 319 -36.75 13.83 -30.95
N LEU D 320 -35.78 12.98 -31.24
CA LEU D 320 -34.61 13.42 -31.99
C LEU D 320 -35.01 13.87 -33.39
N LEU D 321 -35.93 13.16 -34.03
CA LEU D 321 -36.39 13.55 -35.35
C LEU D 321 -37.03 14.93 -35.33
N ARG D 322 -37.85 15.18 -34.30
CA ARG D 322 -38.54 16.48 -34.14
C ARG D 322 -37.49 17.60 -34.07
N GLY D 323 -36.37 17.36 -33.40
CA GLY D 323 -35.31 18.36 -33.33
C GLY D 323 -34.69 18.63 -34.69
N PHE D 324 -34.41 17.58 -35.45
CA PHE D 324 -33.84 17.77 -36.77
C PHE D 324 -34.79 18.53 -37.69
N LEU D 325 -36.08 18.21 -37.62
CA LEU D 325 -37.06 18.96 -38.41
C LEU D 325 -37.11 20.42 -37.98
N LEU D 326 -37.29 20.66 -36.69
CA LEU D 326 -37.32 22.03 -36.18
C LEU D 326 -36.04 22.77 -36.54
N GLN D 327 -34.91 22.08 -36.53
CA GLN D 327 -33.67 22.71 -36.95
C GLN D 327 -33.75 23.12 -38.42
N ASN D 328 -34.32 22.26 -39.26
CA ASN D 328 -34.44 22.59 -40.67
C ASN D 328 -35.35 23.78 -40.90
N GLU D 329 -36.51 23.81 -40.23
CA GLU D 329 -37.41 24.94 -40.41
C GLU D 329 -36.81 26.24 -39.92
N PHE D 330 -35.90 26.19 -38.95
CA PHE D 330 -35.27 27.40 -38.44
C PHE D 330 -34.17 27.92 -39.35
N VAL D 331 -33.39 27.00 -39.95
CA VAL D 331 -32.22 27.41 -40.78
C VAL D 331 -32.65 28.35 -41.90
N VAL D 332 -33.87 28.19 -42.41
CA VAL D 332 -34.35 29.01 -43.50
C VAL D 332 -35.20 30.19 -43.04
N PHE D 333 -35.92 30.06 -41.92
CA PHE D 333 -36.68 31.19 -41.40
C PHE D 333 -35.75 32.35 -41.07
N MET D 334 -34.60 32.04 -40.50
CA MET D 334 -33.61 33.10 -40.18
C MET D 334 -32.88 33.49 -41.47
N TRP D 335 -32.82 32.59 -42.45
CA TRP D 335 -32.18 32.90 -43.75
C TRP D 335 -33.18 33.59 -44.70
N ARG D 336 -34.40 33.88 -44.23
CA ARG D 336 -35.39 34.63 -45.05
C ARG D 336 -35.75 35.90 -44.26
N ARG D 337 -36.33 35.73 -43.08
CA ARG D 337 -36.70 36.86 -42.23
C ARG D 337 -35.52 37.80 -42.05
N ARG D 338 -34.34 37.26 -41.76
CA ARG D 338 -33.15 38.06 -41.57
C ARG D 338 -32.06 37.79 -42.59
N GLY D 339 -32.18 36.70 -43.36
CA GLY D 339 -31.06 36.35 -44.26
C GLY D 339 -29.81 36.17 -43.41
N ARG D 340 -29.96 35.73 -42.16
CA ARG D 340 -28.75 35.65 -41.30
C ARG D 340 -28.14 34.25 -41.38
N GLU D 341 -26.83 34.17 -41.21
CA GLU D 341 -26.06 32.89 -41.34
C GLU D 341 -26.18 32.05 -40.08
N ILE D 342 -26.19 30.71 -40.21
CA ILE D 342 -26.25 29.80 -39.03
C ILE D 342 -25.07 28.84 -39.11
N SER D 343 -24.23 28.77 -38.07
CA SER D 343 -23.07 27.88 -38.08
C SER D 343 -23.47 26.48 -37.65
N LEU D 344 -22.57 25.52 -37.86
CA LEU D 344 -22.85 24.13 -37.51
C LEU D 344 -23.16 24.00 -36.03
N TRP D 345 -22.37 24.65 -35.17
CA TRP D 345 -22.68 24.63 -33.75
C TRP D 345 -24.06 25.19 -33.44
N GLU D 346 -24.44 26.29 -34.09
CA GLU D 346 -25.74 26.94 -33.78
C GLU D 346 -26.88 25.93 -33.95
N ARG D 347 -26.66 24.89 -34.76
CA ARG D 347 -27.72 23.88 -35.03
C ARG D 347 -27.60 22.73 -34.02
N LEU D 348 -26.42 22.56 -33.40
CA LEU D 348 -26.28 21.53 -32.39
C LEU D 348 -27.26 21.72 -31.24
N GLU D 349 -27.60 22.96 -30.91
CA GLU D 349 -28.49 23.21 -29.78
C GLU D 349 -29.82 22.49 -29.96
N PHE D 350 -30.22 22.22 -31.20
CA PHE D 350 -31.42 21.44 -31.44
C PHE D 350 -31.20 19.97 -31.12
N VAL D 351 -29.96 19.57 -30.88
CA VAL D 351 -29.62 18.19 -30.56
C VAL D 351 -29.68 18.02 -29.05
N ASN D 352 -30.47 17.06 -28.59
CA ASN D 352 -30.54 16.73 -27.17
C ASN D 352 -29.51 15.65 -26.87
N GLY D 353 -28.40 16.04 -26.25
CA GLY D 353 -27.36 15.08 -25.92
C GLY D 353 -27.81 13.97 -25.01
N TRP D 354 -28.74 14.27 -24.09
CA TRP D 354 -29.25 13.23 -23.21
C TRP D 354 -29.96 12.13 -24.00
N TYR D 355 -30.71 12.54 -25.04
CA TYR D 355 -31.45 11.56 -25.87
C TYR D 355 -30.45 10.70 -26.65
N ILE D 356 -29.29 11.28 -27.02
CA ILE D 356 -28.25 10.49 -27.67
C ILE D 356 -27.78 9.39 -26.73
N LEU D 357 -27.59 9.73 -25.46
CA LEU D 357 -27.23 8.74 -24.45
C LEU D 357 -28.32 7.68 -24.32
N LEU D 358 -29.58 8.10 -24.30
CA LEU D 358 -30.67 7.16 -24.06
C LEU D 358 -30.75 6.11 -25.16
N VAL D 359 -30.75 6.53 -26.43
CA VAL D 359 -30.82 5.58 -27.54
C VAL D 359 -29.56 4.73 -27.60
N THR D 360 -28.41 5.32 -27.31
CA THR D 360 -27.18 4.54 -27.28
C THR D 360 -27.25 3.43 -26.25
N SER D 361 -27.81 3.73 -25.06
CA SER D 361 -27.93 2.70 -24.04
C SER D 361 -29.03 1.70 -24.37
N ASP D 362 -30.10 2.16 -25.05
CA ASP D 362 -31.17 1.24 -25.47
C ASP D 362 -30.57 0.16 -26.37
N VAL D 363 -29.75 0.58 -27.34
CA VAL D 363 -29.13 -0.36 -28.27
C VAL D 363 -28.25 -1.35 -27.52
N LEU D 364 -27.47 -0.87 -26.55
CA LEU D 364 -26.60 -1.76 -25.80
C LEU D 364 -27.39 -2.77 -24.97
N THR D 365 -28.47 -2.34 -24.32
CA THR D 365 -29.25 -3.27 -23.51
C THR D 365 -29.92 -4.32 -24.36
N ILE D 366 -30.58 -3.90 -25.46
CA ILE D 366 -31.24 -4.88 -26.33
C ILE D 366 -30.20 -5.82 -26.93
N SER D 367 -29.13 -5.27 -27.48
CA SER D 367 -28.09 -6.12 -28.05
C SER D 367 -27.44 -6.99 -26.99
N GLY D 368 -27.16 -6.42 -25.82
CA GLY D 368 -26.61 -7.21 -24.73
C GLY D 368 -27.58 -8.25 -24.20
N THR D 369 -28.86 -7.88 -24.11
CA THR D 369 -29.85 -8.80 -23.57
C THR D 369 -30.08 -9.98 -24.51
N VAL D 370 -30.03 -9.75 -25.81
CA VAL D 370 -30.24 -10.82 -26.79
C VAL D 370 -29.17 -11.90 -26.61
N MET D 371 -27.93 -11.46 -26.42
CA MET D 371 -26.80 -12.42 -26.25
C MET D 371 -26.97 -13.14 -24.91
N LYS D 372 -27.44 -12.44 -23.87
CA LYS D 372 -27.63 -13.06 -22.57
C LYS D 372 -28.66 -14.18 -22.62
N ILE D 373 -29.70 -14.04 -23.44
CA ILE D 373 -30.68 -15.11 -23.56
C ILE D 373 -30.02 -16.35 -24.16
N GLY D 374 -29.15 -16.17 -25.15
CA GLY D 374 -28.40 -17.29 -25.70
C GLY D 374 -27.51 -17.95 -24.66
N ILE D 375 -26.85 -17.15 -23.82
CA ILE D 375 -25.99 -17.71 -22.78
C ILE D 375 -26.81 -18.52 -21.79
N GLU D 376 -27.95 -17.96 -21.36
CA GLU D 376 -28.79 -18.63 -20.33
C GLU D 376 -29.24 -20.00 -20.87
N ALA D 377 -29.49 -20.13 -22.17
CA ALA D 377 -30.03 -21.42 -22.67
C ALA D 377 -28.91 -22.40 -23.05
N LYS D 378 -27.62 -22.03 -22.89
CA LYS D 378 -26.44 -22.90 -23.19
C LYS D 378 -26.09 -22.89 -24.69
N ASN D 379 -26.19 -21.74 -25.37
CA ASN D 379 -25.93 -21.73 -26.83
C ASN D 379 -24.80 -20.75 -27.21
N LEU D 380 -24.45 -19.80 -26.35
CA LEU D 380 -23.50 -18.76 -26.74
C LEU D 380 -22.17 -18.81 -25.98
N ALA D 381 -22.27 -18.72 -24.64
CA ALA D 381 -21.07 -18.69 -23.77
C ALA D 381 -20.17 -17.51 -24.15
N SER D 382 -20.74 -16.40 -24.62
CA SER D 382 -19.85 -15.23 -24.88
C SER D 382 -19.99 -14.27 -23.69
N TYR D 383 -19.54 -14.68 -22.51
CA TYR D 383 -19.75 -13.88 -21.31
C TYR D 383 -19.09 -12.51 -21.42
N ASP D 384 -17.85 -12.47 -21.89
CA ASP D 384 -17.08 -11.19 -21.94
C ASP D 384 -17.87 -10.12 -22.69
N VAL D 385 -18.31 -10.39 -23.92
CA VAL D 385 -18.99 -9.39 -24.73
C VAL D 385 -20.32 -9.01 -24.10
N CYS D 386 -21.09 -10.01 -23.65
CA CYS D 386 -22.38 -9.72 -23.04
C CYS D 386 -22.24 -8.88 -21.79
N SER D 387 -21.26 -9.19 -20.94
CA SER D 387 -21.06 -8.45 -19.71
C SER D 387 -20.66 -7.00 -20.01
N ILE D 388 -19.82 -6.79 -21.02
CA ILE D 388 -19.44 -5.43 -21.37
C ILE D 388 -20.63 -4.66 -21.91
N LEU D 389 -21.46 -5.29 -22.74
CA LEU D 389 -22.62 -4.60 -23.29
C LEU D 389 -23.59 -4.22 -22.18
N LEU D 390 -23.84 -5.11 -21.24
CA LEU D 390 -24.77 -4.81 -20.17
C LEU D 390 -24.16 -3.88 -19.13
N GLY D 391 -22.87 -4.03 -18.87
CA GLY D 391 -22.20 -3.13 -17.94
C GLY D 391 -22.17 -1.70 -18.44
N THR D 392 -21.78 -1.50 -19.71
CA THR D 392 -21.67 -0.15 -20.23
C THR D 392 -23.03 0.50 -20.39
N SER D 393 -24.05 -0.29 -20.75
CA SER D 393 -25.42 0.26 -20.86
C SER D 393 -25.89 0.71 -19.47
N THR D 394 -25.68 -0.14 -18.46
CA THR D 394 -26.12 0.17 -17.10
C THR D 394 -25.43 1.43 -16.58
N LEU D 395 -24.13 1.56 -16.86
CA LEU D 395 -23.44 2.79 -16.50
C LEU D 395 -24.09 4.00 -17.14
N LEU D 396 -24.49 3.89 -18.40
CA LEU D 396 -25.06 5.02 -19.12
C LEU D 396 -26.41 5.44 -18.56
N VAL D 397 -27.25 4.48 -18.18
CA VAL D 397 -28.58 4.86 -17.69
C VAL D 397 -28.49 5.53 -16.32
N TRP D 398 -27.59 5.06 -15.47
CA TRP D 398 -27.39 5.74 -14.19
C TRP D 398 -26.78 7.12 -14.38
N VAL D 399 -25.87 7.27 -15.34
CA VAL D 399 -25.35 8.60 -15.66
C VAL D 399 -26.48 9.50 -16.13
N GLY D 400 -27.42 8.95 -16.89
CA GLY D 400 -28.54 9.72 -17.39
C GLY D 400 -29.44 10.27 -16.32
N VAL D 401 -29.30 9.80 -15.08
CA VAL D 401 -30.07 10.38 -13.98
C VAL D 401 -29.65 11.80 -13.70
N ILE D 402 -28.45 12.19 -14.17
CA ILE D 402 -27.96 13.59 -13.96
C ILE D 402 -28.96 14.55 -14.62
N ARG D 403 -29.50 14.18 -15.78
CA ARG D 403 -30.43 15.07 -16.48
C ARG D 403 -31.56 15.51 -15.56
N TYR D 404 -32.10 14.60 -14.74
CA TYR D 404 -33.19 14.98 -13.85
C TYR D 404 -32.74 16.03 -12.84
N LEU D 405 -31.50 15.94 -12.38
CA LEU D 405 -31.00 16.91 -11.41
C LEU D 405 -30.79 18.29 -12.03
N THR D 406 -30.57 18.34 -13.34
CA THR D 406 -30.39 19.64 -13.99
C THR D 406 -31.66 20.47 -14.00
N PHE D 407 -32.81 19.89 -13.66
CA PHE D 407 -34.06 20.64 -13.58
C PHE D 407 -34.17 21.44 -12.29
N PHE D 408 -33.24 21.28 -11.36
CA PHE D 408 -33.25 22.00 -10.10
C PHE D 408 -32.04 22.90 -10.02
N HIS D 409 -32.28 24.19 -9.72
CA HIS D 409 -31.23 25.19 -9.85
C HIS D 409 -30.03 24.89 -8.96
N LYS D 410 -30.29 24.46 -7.72
CA LYS D 410 -29.20 24.20 -6.79
C LYS D 410 -28.30 23.08 -7.30
N TYR D 411 -28.91 22.00 -7.79
CA TYR D 411 -28.12 20.90 -8.36
C TYR D 411 -27.49 21.32 -9.68
N ASN D 412 -28.21 22.09 -10.49
CA ASN D 412 -27.69 22.49 -11.79
C ASN D 412 -26.42 23.31 -11.67
N ILE D 413 -26.26 24.04 -10.57
CA ILE D 413 -25.05 24.84 -10.37
C ILE D 413 -23.83 23.94 -10.39
N LEU D 414 -23.91 22.79 -9.72
CA LEU D 414 -22.78 21.87 -9.66
C LEU D 414 -22.55 21.19 -11.01
N ILE D 415 -23.61 20.69 -11.62
CA ILE D 415 -23.47 20.01 -12.90
C ILE D 415 -22.96 20.98 -13.96
N ALA D 416 -23.48 22.20 -13.98
CA ALA D 416 -23.02 23.19 -14.92
C ALA D 416 -21.55 23.56 -14.68
N THR D 417 -21.11 23.55 -13.43
CA THR D 417 -19.72 23.84 -13.13
C THR D 417 -18.79 22.85 -13.82
N LEU D 418 -19.13 21.56 -13.75
CA LEU D 418 -18.29 20.56 -14.40
C LEU D 418 -18.37 20.67 -15.90
N ARG D 419 -19.53 21.04 -16.44
CA ARG D 419 -19.68 21.16 -17.88
C ARG D 419 -18.80 22.27 -18.44
N VAL D 420 -18.72 23.40 -17.73
CA VAL D 420 -17.94 24.56 -18.27
C VAL D 420 -16.45 24.40 -17.96
N ALA D 421 -16.10 23.56 -16.98
CA ALA D 421 -14.67 23.30 -16.66
C ALA D 421 -14.15 22.20 -17.58
N LEU D 422 -15.05 21.40 -18.16
CA LEU D 422 -14.61 20.24 -18.92
C LEU D 422 -13.74 20.59 -20.12
N PRO D 423 -14.03 21.61 -20.92
CA PRO D 423 -13.11 21.96 -22.01
C PRO D 423 -11.71 22.35 -21.55
N SER D 424 -11.59 23.08 -20.44
CA SER D 424 -10.27 23.45 -19.94
C SER D 424 -9.52 22.24 -19.41
N VAL D 425 -10.23 21.34 -18.76
CA VAL D 425 -9.60 20.12 -18.24
C VAL D 425 -9.10 19.25 -19.39
N MET D 426 -9.92 19.12 -20.43
CA MET D 426 -9.51 18.33 -21.59
C MET D 426 -8.29 18.93 -22.27
N ARG D 427 -8.26 20.25 -22.41
CA ARG D 427 -7.10 20.90 -23.01
C ARG D 427 -5.85 20.71 -22.16
N PHE D 428 -5.98 20.84 -20.84
CA PHE D 428 -4.83 20.63 -19.97
C PHE D 428 -4.35 19.19 -20.02
N CYS D 429 -5.24 18.23 -20.25
CA CYS D 429 -4.81 16.85 -20.37
C CYS D 429 -3.93 16.64 -21.59
N CYS D 430 -4.27 17.25 -22.72
CA CYS D 430 -3.41 17.17 -23.90
C CYS D 430 -2.07 17.83 -23.66
N CYS D 431 -2.08 18.97 -22.96
CA CYS D 431 -0.81 19.63 -22.64
C CYS D 431 0.10 18.73 -21.81
N VAL D 432 -0.47 18.05 -20.81
CA VAL D 432 0.34 17.23 -19.91
C VAL D 432 0.49 15.79 -20.38
N ALA D 433 -0.31 15.36 -21.36
CA ALA D 433 -0.15 14.02 -21.90
C ALA D 433 1.22 13.85 -22.56
N VAL D 434 1.70 14.89 -23.25
CA VAL D 434 2.98 14.76 -23.93
C VAL D 434 4.13 14.70 -22.93
N ILE D 435 4.01 15.44 -21.81
CA ILE D 435 5.06 15.36 -20.74
C ILE D 435 4.98 13.96 -20.15
N TYR D 436 3.74 13.48 -19.87
CA TYR D 436 3.55 12.15 -19.28
C TYR D 436 4.14 11.07 -20.17
N LEU D 437 3.89 11.15 -21.47
CA LEU D 437 4.39 10.15 -22.40
C LEU D 437 5.91 10.14 -22.44
N GLY D 438 6.52 11.33 -22.45
CA GLY D 438 7.97 11.39 -22.44
C GLY D 438 8.58 10.70 -21.23
N TYR D 439 7.97 10.84 -20.06
CA TYR D 439 8.42 10.13 -18.87
C TYR D 439 8.20 8.62 -19.02
N CYS D 440 7.09 8.22 -19.62
CA CYS D 440 6.82 6.79 -19.78
C CYS D 440 7.89 6.13 -20.62
N PHE D 441 8.25 6.75 -21.74
CA PHE D 441 9.27 6.16 -22.61
C PHE D 441 10.64 6.14 -21.94
N CYS D 442 10.98 7.25 -21.28
CA CYS D 442 12.28 7.38 -20.58
C CYS D 442 12.40 6.30 -19.51
N GLY D 443 11.35 6.09 -18.72
CA GLY D 443 11.40 5.12 -17.64
C GLY D 443 11.46 3.69 -18.15
N TRP D 444 10.69 3.40 -19.19
CA TRP D 444 10.68 2.04 -19.74
C TRP D 444 12.05 1.66 -20.29
N ILE D 445 12.69 2.57 -21.02
CA ILE D 445 13.96 2.26 -21.66
C ILE D 445 15.07 2.13 -20.60
N VAL D 446 15.07 3.00 -19.60
CA VAL D 446 16.14 3.03 -18.62
C VAL D 446 15.90 2.06 -17.48
N LEU D 447 14.71 2.09 -16.88
CA LEU D 447 14.44 1.30 -15.68
C LEU D 447 13.83 -0.07 -15.96
N GLY D 448 13.45 -0.35 -17.22
CA GLY D 448 12.88 -1.63 -17.57
C GLY D 448 13.76 -2.82 -17.25
N PRO D 449 15.06 -2.78 -17.55
CA PRO D 449 15.93 -3.91 -17.18
C PRO D 449 15.99 -4.18 -15.70
N TYR D 450 15.77 -3.18 -14.85
CA TYR D 450 16.06 -3.29 -13.43
C TYR D 450 14.86 -3.28 -12.52
N HIS D 451 13.72 -2.75 -12.95
CA HIS D 451 12.58 -2.51 -12.07
C HIS D 451 11.41 -3.37 -12.52
N VAL D 452 10.85 -4.13 -11.58
CA VAL D 452 9.73 -5.01 -11.88
C VAL D 452 8.52 -4.25 -12.37
N LYS D 453 8.39 -2.97 -12.02
CA LYS D 453 7.22 -2.19 -12.41
C LYS D 453 7.38 -1.50 -13.76
N PHE D 454 8.57 -1.53 -14.35
CA PHE D 454 8.84 -0.83 -15.60
C PHE D 454 9.12 -1.80 -16.74
N ARG D 455 8.53 -2.99 -16.70
CA ARG D 455 8.89 -4.04 -17.66
C ARG D 455 8.27 -3.79 -19.03
N SER D 456 7.02 -3.36 -19.08
CA SER D 456 6.33 -3.05 -20.32
C SER D 456 5.80 -1.63 -20.27
N LEU D 457 5.50 -1.09 -21.45
CA LEU D 457 5.01 0.29 -21.53
C LEU D 457 3.69 0.45 -20.80
N SER D 458 2.77 -0.49 -20.95
CA SER D 458 1.49 -0.39 -20.24
C SER D 458 1.70 -0.49 -18.73
N MET D 459 2.66 -1.30 -18.30
CA MET D 459 2.99 -1.36 -16.89
C MET D 459 3.58 -0.04 -16.39
N VAL D 460 4.42 0.59 -17.21
CA VAL D 460 5.00 1.87 -16.83
C VAL D 460 3.92 2.91 -16.62
N SER D 461 2.95 2.97 -17.53
CA SER D 461 1.87 3.94 -17.38
C SER D 461 1.09 3.70 -16.09
N GLU D 462 0.81 2.43 -15.77
CA GLU D 462 0.11 2.12 -14.54
C GLU D 462 0.92 2.53 -13.33
N CYS D 463 2.24 2.32 -13.37
CA CYS D 463 3.09 2.73 -12.26
C CYS D 463 3.09 4.25 -12.10
N LEU D 464 3.35 4.98 -13.19
CA LEU D 464 3.42 6.43 -13.10
C LEU D 464 2.07 7.05 -12.72
N PHE D 465 0.99 6.52 -13.26
CA PHE D 465 -0.34 7.02 -12.93
C PHE D 465 -0.65 6.84 -11.45
N SER D 466 -0.26 5.69 -10.89
CA SER D 466 -0.45 5.48 -9.46
C SER D 466 0.42 6.42 -8.65
N LEU D 467 1.64 6.68 -9.12
CA LEU D 467 2.54 7.56 -8.38
C LEU D 467 1.95 8.96 -8.23
N ILE D 468 1.45 9.54 -9.32
CA ILE D 468 0.93 10.89 -9.23
C ILE D 468 -0.33 10.98 -8.40
N ASN D 469 -1.04 9.87 -8.21
CA ASN D 469 -2.16 9.82 -7.29
C ASN D 469 -1.78 9.30 -5.92
N GLY D 470 -0.49 9.35 -5.58
CA GLY D 470 0.02 9.04 -4.27
C GLY D 470 -0.11 7.59 -3.83
N ASP D 471 0.14 6.64 -4.73
CA ASP D 471 0.04 5.24 -4.39
C ASP D 471 1.29 4.49 -4.82
N ASP D 472 1.67 3.49 -4.00
CA ASP D 472 2.82 2.63 -4.31
C ASP D 472 4.09 3.40 -4.57
N MET D 473 4.30 4.47 -3.82
CA MET D 473 5.48 5.30 -4.02
C MET D 473 6.73 4.71 -3.39
N PHE D 474 6.64 4.26 -2.13
CA PHE D 474 7.84 3.81 -1.44
C PHE D 474 8.38 2.52 -2.03
N VAL D 475 7.50 1.59 -2.41
CA VAL D 475 7.97 0.34 -3.01
C VAL D 475 8.70 0.62 -4.31
N THR D 476 8.24 1.59 -5.09
CA THR D 476 8.94 1.97 -6.31
C THR D 476 10.35 2.45 -6.01
N PHE D 477 10.47 3.25 -4.95
CA PHE D 477 11.80 3.77 -4.53
C PHE D 477 12.62 2.62 -3.92
N ALA D 478 11.97 1.71 -3.20
CA ALA D 478 12.67 0.61 -2.55
C ALA D 478 13.27 -0.35 -3.57
N ALA D 479 12.56 -0.62 -4.65
CA ALA D 479 13.06 -1.57 -5.65
C ALA D 479 14.39 -1.10 -6.21
N MET D 480 14.52 0.22 -6.35
CA MET D 480 15.77 0.78 -6.92
C MET D 480 16.84 0.91 -5.83
N GLN D 481 16.48 0.71 -4.56
CA GLN D 481 17.49 0.79 -3.46
C GLN D 481 18.04 -0.61 -3.20
N ALA D 482 17.25 -1.66 -3.47
CA ALA D 482 17.70 -3.06 -3.29
C ALA D 482 19.08 -3.32 -3.92
N GLN D 483 19.19 -3.33 -5.25
CA GLN D 483 20.47 -3.66 -5.94
C GLN D 483 21.00 -2.41 -6.64
N GLN D 484 20.25 -1.31 -6.57
CA GLN D 484 20.58 -0.01 -7.16
C GLN D 484 20.62 -0.08 -8.68
N GLY D 485 19.83 -1.00 -9.26
CA GLY D 485 19.95 -1.25 -10.67
C GLY D 485 21.32 -1.74 -11.05
N HIS D 486 22.06 -2.29 -10.09
CA HIS D 486 23.43 -2.76 -10.31
C HIS D 486 24.27 -1.69 -10.99
N SER D 487 24.03 -0.44 -10.65
CA SER D 487 24.80 0.66 -11.22
C SER D 487 24.53 1.96 -10.47
N SER D 488 25.57 2.66 -10.05
CA SER D 488 25.39 3.95 -9.41
C SER D 488 24.76 4.96 -10.37
N LEU D 489 25.19 4.94 -11.62
CA LEU D 489 24.63 5.87 -12.60
C LEU D 489 23.14 5.65 -12.77
N VAL D 490 22.71 4.39 -12.91
CA VAL D 490 21.30 4.09 -13.05
C VAL D 490 20.55 4.47 -11.78
N TRP D 491 21.12 4.16 -10.61
CA TRP D 491 20.44 4.52 -9.37
C TRP D 491 20.26 6.03 -9.24
N LEU D 492 21.31 6.78 -9.61
CA LEU D 492 21.25 8.26 -9.53
C LEU D 492 20.17 8.77 -10.49
N PHE D 493 20.09 8.18 -11.69
CA PHE D 493 19.08 8.60 -12.65
C PHE D 493 17.68 8.32 -12.12
N SER D 494 17.47 7.15 -11.52
CA SER D 494 16.15 6.84 -10.98
C SER D 494 15.74 7.86 -9.93
N GLN D 495 16.69 8.39 -9.18
CA GLN D 495 16.36 9.42 -8.19
C GLN D 495 15.84 10.68 -8.87
N LEU D 496 16.58 11.22 -9.84
CA LEU D 496 16.12 12.41 -10.54
C LEU D 496 14.81 12.13 -11.27
N TYR D 497 14.71 10.97 -11.89
CA TYR D 497 13.52 10.63 -12.66
C TYR D 497 12.27 10.61 -11.79
N LEU D 498 12.32 9.92 -10.65
CA LEU D 498 11.14 9.78 -9.81
C LEU D 498 10.85 11.05 -9.01
N TYR D 499 11.88 11.70 -8.49
CA TYR D 499 11.64 12.91 -7.70
C TYR D 499 11.08 14.03 -8.55
N SER D 500 11.60 14.22 -9.76
CA SER D 500 11.10 15.27 -10.63
C SER D 500 9.70 14.95 -11.15
N PHE D 501 9.44 13.70 -11.52
CA PHE D 501 8.11 13.35 -12.02
C PHE D 501 7.05 13.57 -10.96
N ILE D 502 7.29 13.04 -9.76
CA ILE D 502 6.25 13.14 -8.70
C ILE D 502 6.09 14.61 -8.31
N SER D 503 7.19 15.34 -8.12
CA SER D 503 7.11 16.74 -7.72
C SER D 503 6.37 17.57 -8.76
N LEU D 504 6.69 17.38 -10.03
CA LEU D 504 6.05 18.14 -11.08
C LEU D 504 4.56 17.87 -11.13
N PHE D 505 4.16 16.60 -11.16
CA PHE D 505 2.77 16.27 -11.45
C PHE D 505 1.87 16.49 -10.25
N ILE D 506 2.37 16.28 -9.04
CA ILE D 506 1.53 16.47 -7.86
C ILE D 506 1.44 17.95 -7.49
N TYR D 507 2.57 18.64 -7.45
CA TYR D 507 2.57 20.00 -6.91
C TYR D 507 2.14 21.04 -7.95
N MET D 508 2.33 20.78 -9.23
CA MET D 508 1.99 21.74 -10.26
C MET D 508 0.80 21.31 -11.11
N VAL D 509 0.88 20.14 -11.75
CA VAL D 509 -0.18 19.71 -12.64
C VAL D 509 -1.48 19.48 -11.89
N LEU D 510 -1.40 18.78 -10.77
CA LEU D 510 -2.59 18.51 -9.97
C LEU D 510 -3.15 19.81 -9.42
N SER D 511 -2.27 20.72 -9.04
CA SER D 511 -2.73 22.02 -8.48
C SER D 511 -3.46 22.84 -9.56
N LEU D 512 -3.07 22.68 -10.83
CA LEU D 512 -3.75 23.38 -11.92
C LEU D 512 -5.14 22.81 -12.13
N PHE D 513 -5.32 21.49 -12.03
CA PHE D 513 -6.65 20.92 -12.15
C PHE D 513 -7.60 21.51 -11.12
N ILE D 514 -7.13 21.68 -9.88
CA ILE D 514 -7.95 22.32 -8.86
C ILE D 514 -8.31 23.74 -9.27
N ALA D 515 -7.34 24.49 -9.79
CA ALA D 515 -7.57 25.87 -10.19
C ALA D 515 -8.60 25.97 -11.31
N LEU D 516 -8.52 25.09 -12.31
CA LEU D 516 -9.47 25.13 -13.41
C LEU D 516 -10.90 24.93 -12.92
N ILE D 517 -11.09 23.99 -12.00
CA ILE D 517 -12.42 23.72 -11.45
C ILE D 517 -12.89 24.89 -10.60
N THR D 518 -12.01 25.43 -9.76
CA THR D 518 -12.39 26.56 -8.94
C THR D 518 -12.74 27.78 -9.78
N GLY D 519 -12.02 28.00 -10.86
CA GLY D 519 -12.37 29.08 -11.77
C GLY D 519 -13.70 28.88 -12.44
N ALA D 520 -13.98 27.65 -12.87
CA ALA D 520 -15.29 27.34 -13.44
C ALA D 520 -16.40 27.58 -12.42
N TYR D 521 -16.17 27.17 -11.17
CA TYR D 521 -17.17 27.39 -10.13
C TYR D 521 -17.40 28.88 -9.89
N ASP D 522 -16.33 29.67 -9.88
CA ASP D 522 -16.45 31.10 -9.64
C ASP D 522 -17.32 31.77 -10.69
N THR D 523 -17.18 31.36 -11.95
CA THR D 523 -17.96 31.99 -13.01
C THR D 523 -19.42 31.56 -12.97
N ILE D 524 -19.69 30.30 -12.63
CA ILE D 524 -21.08 29.86 -12.49
C ILE D 524 -21.75 30.60 -11.33
N LYS D 525 -21.05 30.74 -10.21
CA LYS D 525 -21.62 31.47 -9.08
C LYS D 525 -21.82 32.94 -9.39
N HIS D 526 -20.86 33.56 -10.08
CA HIS D 526 -20.85 35.00 -10.29
C HIS D 526 -20.76 35.31 -11.78
N PRO D 527 -21.89 35.23 -12.50
CA PRO D 527 -21.98 35.53 -13.93
C PRO D 527 -21.87 37.02 -14.22
C1 NAG E . 36.21 -11.47 -0.72
C2 NAG E . 35.67 -10.48 -1.74
C3 NAG E . 36.81 -9.68 -2.37
C4 NAG E . 37.72 -9.07 -1.29
C5 NAG E . 38.12 -10.12 -0.26
C6 NAG E . 38.83 -9.51 0.92
C7 NAG E . 33.59 -10.99 -2.93
C8 NAG E . 32.97 -11.74 -4.06
N2 NAG E . 34.91 -11.15 -2.77
O3 NAG E . 36.26 -8.65 -3.17
O4 NAG E . 38.93 -8.62 -1.89
O5 NAG E . 36.96 -10.78 0.26
O6 NAG E . 40.21 -9.82 0.89
O7 NAG E . 32.93 -10.27 -2.19
C1 NAG E . 38.82 -7.34 -2.54
C2 NAG E . 40.10 -6.55 -2.29
C3 NAG E . 40.09 -5.24 -3.08
C4 NAG E . 39.80 -5.52 -4.54
C5 NAG E . 38.53 -6.34 -4.67
C6 NAG E . 38.22 -6.75 -6.10
C7 NAG E . 41.33 -6.69 -0.17
C8 NAG E . 41.36 -6.32 1.28
N2 NAG E . 40.27 -6.27 -0.86
O3 NAG E . 41.36 -4.62 -2.94
O4 NAG E . 39.64 -4.29 -5.25
O5 NAG E . 38.66 -7.56 -3.92
O6 NAG E . 37.60 -8.03 -6.15
O7 NAG E . 42.22 -7.37 -0.69
C1 NAG F . 8.64 -14.70 33.96
C2 NAG F . 9.10 -13.30 33.55
C3 NAG F . 9.42 -12.46 34.80
C4 NAG F . 8.27 -12.51 35.80
C5 NAG F . 7.81 -13.93 36.07
C6 NAG F . 6.56 -14.00 36.88
C7 NAG F . 10.20 -12.97 31.40
C8 NAG F . 11.49 -13.07 30.64
N2 NAG F . 10.25 -13.35 32.67
O3 NAG F . 9.65 -11.12 34.40
O4 NAG F . 8.72 -12.00 37.07
O5 NAG F . 7.53 -14.60 34.82
O6 NAG F . 6.83 -14.45 38.21
O7 NAG F . 9.17 -12.55 30.88
C1 NAG F . 8.75 -10.57 37.14
C2 NAG F . 8.30 -10.14 38.53
C3 NAG F . 8.46 -8.63 38.71
C4 NAG F . 9.87 -8.21 38.34
C5 NAG F . 10.23 -8.71 36.96
C6 NAG F . 11.66 -8.42 36.57
C7 NAG F . 6.56 -11.35 39.77
C8 NAG F . 5.10 -11.63 39.89
N2 NAG F . 6.92 -10.53 38.78
O3 NAG F . 8.18 -8.30 40.06
O4 NAG F . 9.97 -6.78 38.37
O5 NAG F . 10.07 -10.14 36.92
O6 NAG F . 12.20 -9.46 35.75
O7 NAG F . 7.40 -11.84 40.53
C1 NAG G . -23.65 -28.91 6.96
C2 NAG G . -23.84 -27.56 7.61
C3 NAG G . -25.28 -27.39 8.09
C4 NAG G . -26.27 -27.71 6.97
C5 NAG G . -25.94 -29.04 6.31
C6 NAG G . -26.76 -29.28 5.07
C7 NAG G . -21.94 -26.47 8.71
C8 NAG G . -21.10 -26.40 9.96
N2 NAG G . -22.92 -27.38 8.73
O3 NAG G . -25.46 -26.05 8.53
O4 NAG G . -27.58 -27.86 7.52
O5 NAG G . -24.57 -29.06 5.90
O6 NAG G . -27.73 -30.29 5.30
O7 NAG G . -21.73 -25.75 7.76
C1 NAG G . -28.25 -26.62 7.78
C2 NAG G . -29.73 -26.78 7.43
C3 NAG G . -30.51 -25.53 7.83
C4 NAG G . -30.25 -25.19 9.29
C5 NAG G . -28.75 -25.08 9.53
C6 NAG G . -28.39 -24.84 10.98
C7 NAG G . -30.48 -28.16 5.55
C8 NAG G . -30.59 -28.28 4.07
N2 NAG G . -29.91 -27.05 6.01
O3 NAG G . -31.90 -25.78 7.64
O4 NAG G . -30.86 -23.94 9.61
O5 NAG G . -28.12 -26.32 9.15
O6 NAG G . -27.17 -25.48 11.33
O7 NAG G . -30.89 -29.04 6.31
C1 NAG H . 3.94 -25.70 -27.70
C2 NAG H . 2.76 -24.75 -27.66
C3 NAG H . 2.14 -24.62 -29.06
C4 NAG H . 3.18 -24.29 -30.11
C5 NAG H . 4.38 -25.23 -29.99
C6 NAG H . 5.53 -24.81 -30.87
C7 NAG H . 1.46 -24.51 -25.60
C8 NAG H . 0.39 -25.09 -24.74
N2 NAG H . 1.76 -25.19 -26.71
O3 NAG H . 1.16 -23.58 -29.02
O4 NAG H . 2.65 -24.48 -31.41
O5 NAG H . 4.87 -25.25 -28.66
O6 NAG H . 5.67 -25.68 -31.99
O7 NAG H . 2.05 -23.47 -25.31
C1 NAG H . 1.83 -23.40 -31.87
C2 NAG H . 2.09 -23.20 -33.37
C3 NAG H . 1.13 -22.16 -33.94
C4 NAG H . -0.31 -22.51 -33.59
C5 NAG H . -0.44 -22.72 -32.09
C6 NAG H . -1.82 -23.18 -31.66
C7 NAG H . 4.29 -23.53 -34.37
C8 NAG H . 5.68 -22.98 -34.53
N2 NAG H . 3.46 -22.80 -33.61
O3 NAG H . 1.29 -22.11 -35.35
O4 NAG H . -1.17 -21.46 -34.00
O5 NAG H . 0.47 -23.75 -31.67
O6 NAG H . -1.76 -24.06 -30.55
O7 NAG H . 3.95 -24.59 -34.89
C1 EUJ I . 13.75 29.41 -41.00
C2 EUJ I . 12.98 29.83 -39.73
C3 EUJ I . 13.71 30.96 -39.00
C4 EUJ I . 13.87 32.13 -39.98
C5 EUJ I . 14.80 31.64 -41.10
C6 EUJ I . 13.99 30.62 -41.91
O1 EUJ I . 13.00 28.44 -41.70
O2 EUJ I . 11.67 30.25 -40.08
O3 EUJ I . 12.94 31.37 -37.87
O4 EUJ I . 14.42 33.27 -39.32
O5 EUJ I . 15.26 32.71 -41.94
O6 EUJ I . 14.75 30.23 -43.06
P1 EUJ I . 13.36 26.86 -41.67
O11 EUJ I . 12.11 26.08 -41.46
O12 EUJ I . 14.37 26.57 -40.46
O13 EUJ I . 14.05 26.44 -43.05
P3 EUJ I . 12.79 30.50 -36.52
O31 EUJ I . 13.33 29.01 -36.75
O32 EUJ I . 11.37 30.45 -36.14
O33 EUJ I . 13.64 31.19 -35.33
P5 EUJ I . 14.31 33.64 -42.85
O51 EUJ I . 13.00 34.04 -42.01
O52 EUJ I . 15.09 34.99 -43.26
O53 EUJ I . 13.90 32.91 -44.08
C1A EUJ I . 15.54 24.28 -45.37
C1B EUJ I . 19.03 26.75 -44.60
C1C EUJ I . 15.47 26.40 -43.22
C2A EUJ I . 16.11 22.89 -45.24
C2B EUJ I . 20.46 27.21 -44.40
C2C EUJ I . 15.82 26.56 -44.70
C3A EUJ I . 17.19 22.65 -46.29
C3B EUJ I . 21.21 26.14 -43.60
C3C EUJ I . 16.85 27.68 -44.84
C4A EUJ I . 18.26 21.71 -45.74
C4B EUJ I . 22.70 26.18 -43.96
C5A EUJ I . 19.24 22.51 -44.87
C5B EUJ I . 23.49 25.49 -42.85
C6A EUJ I . 20.53 21.70 -44.66
C6B EUJ I . 24.91 25.20 -43.33
C7A EUJ I . 21.48 21.94 -45.84
C7B EUJ I . 25.80 24.87 -42.13
C8A EUJ I . 22.85 21.35 -45.53
C8B EUJ I . 27.09 24.20 -42.60
O1A EUJ I . 14.38 24.45 -45.60
O1B EUJ I . 18.81 25.79 -45.29
O2C EUJ I . 16.37 25.32 -45.21
O3C EUJ I . 18.01 27.40 -44.01
H1 EUJ I . 14.71 28.98 -40.71
H2 EUJ I . 12.92 28.97 -39.07
H3 EUJ I . 14.69 30.62 -38.68
H4 EUJ I . 12.90 32.38 -40.40
H5 EUJ I . 15.66 31.15 -40.66
H6 EUJ I . 13.05 31.05 -42.22
H7 EUJ I . 11.32 29.86 -40.89
H8 EUJ I . 13.86 33.63 -38.63
H9 EUJ I . 14.47 29.39 -43.44
H15 EUJ I . 15.92 27.20 -42.64
H16 EUJ I . 15.84 25.43 -42.86
H17 EUJ I . 16.52 22.74 -44.24
H18 EUJ I . 15.31 22.16 -45.40
H19 EUJ I . 20.94 27.33 -45.37
H20 EUJ I . 20.47 28.16 -43.87
H21 EUJ I . 14.92 26.82 -45.25
H22 EUJ I . 16.73 22.20 -47.17
H23 EUJ I . 17.64 23.60 -46.56
H24 EUJ I . 21.08 26.32 -42.53
H25 EUJ I . 20.80 25.15 -43.84
H26 EUJ I . 17.16 27.75 -45.89
H27 EUJ I . 16.40 28.62 -44.52
H28 EUJ I . 17.78 20.93 -45.14
H29 EUJ I . 18.80 21.24 -46.56
H30 EUJ I . 22.85 25.66 -44.90
H31 EUJ I . 23.02 27.21 -44.04
H32 EUJ I . 19.48 23.45 -45.35
H33 EUJ I . 18.78 22.71 -43.90
H34 EUJ I . 23.53 26.13 -41.97
H35 EUJ I . 23.00 24.54 -42.59
H36 EUJ I . 21.01 22.04 -43.74
H37 EUJ I . 20.30 20.65 -44.59
H38 EUJ I . 24.90 24.36 -44.02
H39 EUJ I . 25.31 26.08 -43.84
H40 EUJ I . 21.07 21.47 -46.73
H41 EUJ I . 21.59 23.02 -46.01
H42 EUJ I . 26.04 25.79 -41.59
H43 EUJ I . 25.26 24.19 -41.46
H44 EUJ I . 23.48 21.39 -46.42
H45 EUJ I . 23.32 21.92 -44.73
H46 EUJ I . 22.74 20.31 -45.22
H47 EUJ I . 26.84 23.30 -43.16
H48 EUJ I . 27.70 23.94 -41.74
H49 EUJ I . 27.64 24.89 -43.25
NA NA J . -2.17 6.99 -1.09
C1 EUJ K . 25.69 42.14 17.30
C2 EUJ K . 24.31 42.06 16.63
C3 EUJ K . 23.23 42.67 17.54
C4 EUJ K . 23.63 44.10 17.86
C5 EUJ K . 24.93 44.03 18.68
C6 EUJ K . 26.02 43.58 17.71
O1 EUJ K . 26.68 41.67 16.38
O2 EUJ K . 24.33 42.77 15.39
O3 EUJ K . 21.97 42.64 16.88
O4 EUJ K . 22.61 44.77 18.60
O5 EUJ K . 25.27 45.29 19.28
O6 EUJ K . 27.29 43.63 18.37
P1 EUJ K . 27.34 40.20 16.49
O11 EUJ K . 27.38 39.58 15.15
O12 EUJ K . 26.47 39.28 17.48
O13 EUJ K . 28.83 40.33 17.09
P3 EUJ K . 21.11 41.31 16.62
O31 EUJ K . 21.99 39.99 16.90
O32 EUJ K . 20.66 41.28 15.21
O33 EUJ K . 19.83 41.29 17.59
P5 EUJ K . 25.62 46.64 18.47
O51 EUJ K . 24.58 46.80 17.26
O52 EUJ K . 25.48 47.91 19.44
O53 EUJ K . 27.00 46.57 17.93
C1A EUJ K . 31.96 39.21 18.18
C1B EUJ K . 30.52 40.62 22.02
C1C EUJ K . 29.12 40.18 18.47
C2A EUJ K . 32.48 37.83 18.51
C2B EUJ K . 30.27 40.75 23.50
C2C EUJ K . 30.41 40.92 18.81
C3A EUJ K . 33.63 37.94 19.52
C3B EUJ K . 30.07 39.36 24.09
C3C EUJ K . 30.15 41.84 20.01
C4A EUJ K . 33.61 36.72 20.44
C4B EUJ K . 30.50 39.35 25.56
C5A EUJ K . 32.58 36.92 21.55
C5B EUJ K . 29.86 38.15 26.26
C6A EUJ K . 32.84 35.96 22.71
C6B EUJ K . 30.54 37.92 27.61
C7A EUJ K . 33.89 36.55 23.66
C7B EUJ K . 29.68 36.99 28.46
C8A EUJ K . 33.98 35.70 24.94
C8B EUJ K . 30.50 36.43 29.62
O1A EUJ K . 32.00 39.62 17.04
O1B EUJ K . 31.54 40.10 21.64
O2C EUJ K . 31.45 39.97 19.16
O3C EUJ K . 29.63 41.09 21.12
H1 EUJ K . 25.70 41.50 18.18
H2 EUJ K . 24.07 41.01 16.43
H3 EUJ K . 23.17 42.08 18.45
H4 EUJ K . 23.81 44.64 16.93
H5 EUJ K . 24.81 43.29 19.46
H6 EUJ K . 26.04 44.22 16.83
H7 EUJ K . 25.20 42.81 14.97
H8 EUJ K . 21.77 44.86 18.11
H9 EUJ K . 27.97 43.08 17.95
H15 EUJ K . 28.30 40.59 19.07
H16 EUJ K . 29.24 39.12 18.70
H17 EUJ K . 31.68 37.22 18.93
H18 EUJ K . 32.87 37.36 17.61
H19 EUJ K . 31.13 41.22 23.98
H20 EUJ K . 29.39 41.37 23.67
H21 EUJ K . 30.73 41.51 17.95
H22 EUJ K . 34.58 37.98 18.99
H23 EUJ K . 33.51 38.85 20.12
H24 EUJ K . 29.02 39.08 24.02
H25 EUJ K . 30.67 38.64 23.54
H26 EUJ K . 31.09 42.31 20.29
H27 EUJ K . 29.43 42.61 19.72
H28 EUJ K . 33.36 35.83 19.86
H29 EUJ K . 34.61 36.59 20.89
H30 EUJ K . 31.59 39.28 25.62
H31 EUJ K . 30.17 40.27 26.05
H32 EUJ K . 32.64 37.94 21.92
H33 EUJ K . 31.58 36.74 21.16
H34 EUJ K . 28.81 38.34 26.42
H35 EUJ K . 29.99 37.26 25.64
H36 EUJ K . 31.91 35.78 23.26
H37 EUJ K . 33.21 35.01 22.32
H38 EUJ K . 31.52 37.46 27.46
H39 EUJ K . 30.67 38.87 28.12
H40 EUJ K . 34.86 36.56 23.17
H41 EUJ K . 33.59 37.57 23.93
H42 EUJ K . 28.83 37.54 28.85
H43 EUJ K . 29.31 36.16 27.84
H44 EUJ K . 34.82 36.04 25.54
H45 EUJ K . 33.06 35.80 25.50
H46 EUJ K . 34.13 34.66 24.66
H47 EUJ K . 31.37 35.89 29.22
H48 EUJ K . 29.89 35.73 30.19
H49 EUJ K . 30.83 37.24 30.26
C1 EUJ L . -31.24 26.74 32.31
C2 EUJ L . -30.72 27.15 30.92
C3 EUJ L . -31.89 27.44 29.97
C4 EUJ L . -32.76 28.53 30.60
C5 EUJ L . -33.35 27.95 31.88
C6 EUJ L . -32.20 27.80 32.87
O1 EUJ L . -30.13 26.59 33.18
O2 EUJ L . -29.91 28.31 31.01
O3 EUJ L . -31.40 27.87 28.70
O4 EUJ L . -33.79 28.94 29.70
O5 EUJ L . -34.40 28.76 32.43
O6 EUJ L . -32.69 27.40 34.14
P1 EUJ L . -29.55 25.15 33.62
O11 EUJ L . -28.08 25.17 33.54
O12 EUJ L . -30.13 24.03 32.62
O13 EUJ L . -30.01 24.82 35.12
P3 EUJ L . -30.67 26.90 27.64
O31 EUJ L . -30.29 25.49 28.32
O32 EUJ L . -29.42 27.54 27.16
O33 EUJ L . -31.65 26.64 26.39
P5 EUJ L . -34.21 30.26 32.97
O51 EUJ L . -33.28 31.07 31.94
O52 EUJ L . -35.63 31.00 33.05
O53 EUJ L . -33.57 30.26 34.30
C1A EUJ L . -30.25 22.92 38.06
C1B EUJ L . -34.44 22.72 36.95
C1C EUJ L . -31.17 24.04 35.41
C2A EUJ L . -29.92 21.49 38.37
C2B EUJ L . -35.85 22.24 36.75
C2C EUJ L . -31.68 24.38 36.81
C3A EUJ L . -30.78 21.00 39.54
C3B EUJ L . -35.81 20.76 36.35
C3C EUJ L . -33.17 24.73 36.73
C4A EUJ L . -31.09 19.51 39.36
C4B EUJ L . -37.09 20.06 36.80
C5A EUJ L . -32.27 19.35 38.39
C5B EUJ L . -37.27 18.77 36.00
C6A EUJ L . -32.88 17.95 38.52
C6B EUJ L . -38.32 17.89 36.66
C7A EUJ L . -33.89 17.93 39.67
C7B EUJ L . -38.77 16.80 35.68
C8A EUJ L . -34.68 16.62 39.65
C8B EUJ L . -39.51 15.69 36.42
O1A EUJ L . -29.39 23.78 38.14
O1B EUJ L . -33.79 22.28 37.85
O2C EUJ L . -31.49 23.25 37.69
O3C EUJ L . -33.91 23.63 36.11
H1 EUJ L . -31.77 25.80 32.24
H2 EUJ L . -30.13 26.33 30.51
H3 EUJ L . -32.48 26.53 29.84
H4 EUJ L . -32.13 29.39 30.84
H5 EUJ L . -33.75 26.95 31.67
H6 EUJ L . -31.67 28.75 32.96
H7 EUJ L . -29.46 28.42 31.87
H8 EUJ L . -33.47 29.33 28.88
H9 EUJ L . -32.03 27.01 34.71
H15 EUJ L . -31.94 24.26 34.67
H16 EUJ L . -30.92 22.98 35.37
H17 EUJ L . -30.11 20.87 37.49
H18 EUJ L . -28.88 21.40 38.65
H19 EUJ L . -36.40 22.34 37.69
H20 EUJ L . -36.34 22.82 35.98
H21 EUJ L . -31.13 25.25 37.19
H22 EUJ L . -30.23 21.13 40.46
H23 EUJ L . -31.71 21.57 39.57
H24 EUJ L . -35.71 20.67 35.26
H25 EUJ L . -34.96 20.28 36.82
H26 EUJ L . -33.56 24.90 37.73
H27 EUJ L . -33.30 25.63 36.13
H28 EUJ L . -30.22 19.00 38.96
H29 EUJ L . -31.35 19.08 40.32
H30 EUJ L . -37.03 19.82 37.86
H31 EUJ L . -37.95 20.71 36.63
H32 EUJ L . -33.03 20.09 38.62
H33 EUJ L . -31.92 19.49 37.37
H34 EUJ L . -37.59 19.01 34.98
H35 EUJ L . -36.33 18.23 35.96
H36 EUJ L . -33.38 17.68 37.59
H37 EUJ L . -32.10 17.22 38.72
H38 EUJ L . -37.91 17.43 37.55
H39 EUJ L . -39.18 18.50 36.94
H40 EUJ L . -33.37 18.04 40.61
H41 EUJ L . -34.60 18.76 39.55
H42 EUJ L . -39.44 17.24 34.94
H43 EUJ L . -37.90 16.39 35.18
H44 EUJ L . -35.30 16.55 40.55
H45 EUJ L . -35.32 16.58 38.77
H46 EUJ L . -33.98 15.78 39.63
H47 EUJ L . -38.85 15.27 37.18
H48 EUJ L . -39.80 14.91 35.73
H49 EUJ L . -40.40 16.10 36.90
C1 EUJ M . -43.16 14.01 -25.98
C2 EUJ M . -42.04 14.90 -25.44
C3 EUJ M . -41.40 15.72 -26.57
C4 EUJ M . -42.51 16.53 -27.24
C5 EUJ M . -43.46 15.53 -27.88
C6 EUJ M . -44.20 14.84 -26.74
O1 EUJ M . -43.80 13.34 -24.89
O2 EUJ M . -42.55 15.79 -24.44
O3 EUJ M . -40.40 16.58 -26.03
O4 EUJ M . -41.96 17.42 -28.22
O5 EUJ M . -44.39 16.16 -28.78
O6 EUJ M . -45.21 13.99 -27.28
P1 EUJ M . -43.51 11.79 -24.53
O11 EUJ M . -43.33 11.65 -23.08
O12 EUJ M . -42.20 11.29 -25.30
O13 EUJ M . -44.77 10.90 -25.01
P3 EUJ M . -38.97 16.08 -25.49
O31 EUJ M . -38.95 14.49 -25.33
O32 EUJ M . -38.71 16.70 -24.18
O33 EUJ M . -37.82 16.53 -26.53
P5 EUJ M . -45.50 17.25 -28.35
O51 EUJ M . -44.83 18.30 -27.33
O52 EUJ M . -46.01 18.06 -29.64
O53 EUJ M . -46.65 16.58 -27.69
C1A EUJ M . -46.65 7.98 -25.47
C1B EUJ M . -45.91 8.83 -29.67
C1C EUJ M . -44.81 10.24 -26.27
C2A EUJ M . -46.28 6.52 -25.37
C2B EUJ M . -45.65 8.66 -31.14
C2C EUJ M . -46.26 10.01 -26.69
C3A EUJ M . -47.20 5.69 -26.27
C3B EUJ M . -44.66 7.52 -31.34
C3C EUJ M . -46.45 10.55 -28.11
C4A EUJ M . -46.44 4.48 -26.81
C4B EUJ M . -44.88 6.87 -32.71
C5A EUJ M . -45.59 4.91 -28.02
C5B EUJ M . -43.63 6.09 -33.10
C6A EUJ M . -45.18 3.68 -28.84
C6B EUJ M . -43.95 5.15 -34.27
C7A EUJ M . -46.29 3.31 -29.82
C7B EUJ M . -42.64 4.67 -34.90
C8A EUJ M . -45.79 2.24 -30.80
C8B EUJ M . -42.91 3.45 -35.78
O1A EUJ M . -47.00 8.59 -24.50
O1B EUJ M . -46.49 7.96 -29.07
O2C EUJ M . -46.56 8.59 -26.66
O3C EUJ M . -45.50 9.93 -29.01
H1 EUJ M . -42.74 13.26 -26.65
H2 EUJ M . -41.27 14.26 -24.98
H3 EUJ M . -40.95 15.04 -27.30
H4 EUJ M . -43.03 17.12 -26.47
H5 EUJ M . -42.89 14.80 -28.44
H6 EUJ M . -44.64 15.57 -26.07
H7 EUJ M . -43.33 15.45 -23.98
H8 EUJ M . -41.36 18.09 -27.84
H9 EUJ M . -45.51 13.30 -26.67
H15 EUJ M . -44.30 10.85 -27.02
H16 EUJ M . -44.30 9.28 -26.18
H17 EUJ M . -45.24 6.38 -25.67
H18 EUJ M . -46.42 6.18 -24.34
H19 EUJ M . -46.58 8.42 -31.65
H20 EUJ M . -45.24 9.59 -31.55
H21 EUJ M . -46.92 10.53 -26.01
H22 EUJ M . -48.06 5.34 -25.68
H23 EUJ M . -47.56 6.30 -27.10
H24 EUJ M . -43.64 7.90 -31.29
H25 EUJ M . -44.80 6.77 -30.56
H26 EUJ M . -47.47 10.32 -28.43
H27 EUJ M . -46.31 11.63 -28.11
H28 EUJ M . -45.78 4.09 -26.04
H29 EUJ M . -47.15 3.71 -27.12
H30 EUJ M . -45.74 6.19 -32.65
H31 EUJ M . -45.08 7.64 -33.45
H32 EUJ M . -46.18 5.58 -28.65
H33 EUJ M . -44.70 5.44 -27.68
H34 EUJ M . -42.84 6.79 -33.40
H35 EUJ M . -43.29 5.49 -32.24
H36 EUJ M . -44.27 3.92 -29.40
H37 EUJ M . -44.99 2.85 -28.17
H38 EUJ M . -44.51 4.29 -33.91
H39 EUJ M . -44.53 5.69 -35.02
H40 EUJ M . -47.14 2.92 -29.27
H41 EUJ M . -46.59 4.20 -30.39
H42 EUJ M . -42.21 5.47 -35.50
H43 EUJ M . -41.93 4.40 -34.11
H44 EUJ M . -46.62 1.88 -31.40
H45 EUJ M . -45.03 2.68 -31.45
H46 EUJ M . -45.35 1.42 -30.23
H47 EUJ M . -43.36 2.66 -35.18
H48 EUJ M . -41.97 3.10 -36.20
H49 EUJ M . -43.58 3.73 -36.59
#